data_1OSL
#
_entry.id   1OSL
#
_cell.length_a   1.000
_cell.length_b   1.000
_cell.length_c   1.000
_cell.angle_alpha   90.00
_cell.angle_beta   90.00
_cell.angle_gamma   90.00
#
_symmetry.space_group_name_H-M   'P 1'
#
loop_
_entity.id
_entity.type
_entity.pdbx_description
1 polymer "5'-D(*CP*GP*AP*TP*AP*AP*GP*AP*TP*AP*TP*CP*TP*TP*AP*TP*CP*G)-3'"
2 polymer 'Lactose operon repressor'
#
loop_
_entity_poly.entity_id
_entity_poly.type
_entity_poly.pdbx_seq_one_letter_code
_entity_poly.pdbx_strand_id
1 'polydeoxyribonucleotide' (DC)(DG)(DA)(DT)(DA)(DA)(DG)(DA)(DT)(DA)(DT)(DC)(DT)(DT)(DA)(DT)(DC)(DG) C,D
2 'polypeptide(L)' MKPVTLYDVAEYAGVSYQTVSRVVNQASHVSAKTREKVEAAMAELNYIPNRCAQQLAGKQSL A,B
#
loop_
_chem_comp.id
_chem_comp.type
_chem_comp.name
_chem_comp.formula
DA DNA linking 2'-DEOXYADENOSINE-5'-MONOPHOSPHATE 'C10 H14 N5 O6 P'
DC DNA linking 2'-DEOXYCYTIDINE-5'-MONOPHOSPHATE 'C9 H14 N3 O7 P'
DG DNA linking 2'-DEOXYGUANOSINE-5'-MONOPHOSPHATE 'C10 H14 N5 O7 P'
DT DNA linking THYMIDINE-5'-MONOPHOSPHATE 'C10 H15 N2 O8 P'
#
# COMPACT_ATOMS: atom_id res chain seq x y z
N MET C 1 17.65 -0.26 7.95
CA MET C 1 17.18 -1.49 7.29
C MET C 1 16.05 -1.16 6.33
N LYS C 2 16.19 -1.55 5.07
CA LYS C 2 15.16 -1.31 4.07
C LYS C 2 15.14 -2.43 3.05
N PRO C 3 14.01 -3.14 2.95
CA PRO C 3 13.84 -4.24 1.98
C PRO C 3 13.82 -3.74 0.55
N VAL C 4 13.54 -4.65 -0.38
CA VAL C 4 13.50 -4.33 -1.80
C VAL C 4 12.58 -3.17 -2.14
N THR C 5 12.98 -2.48 -3.18
CA THR C 5 12.24 -1.39 -3.76
C THR C 5 12.07 -1.75 -5.21
N LEU C 6 11.14 -1.13 -5.90
CA LEU C 6 10.97 -1.46 -7.29
C LEU C 6 12.25 -1.16 -8.07
N TYR C 7 13.06 -0.29 -7.52
CA TYR C 7 14.35 0.08 -8.10
C TYR C 7 15.30 -1.12 -8.10
N ASP C 8 15.20 -1.90 -7.04
CA ASP C 8 16.03 -3.09 -6.83
C ASP C 8 15.70 -4.13 -7.87
N VAL C 9 14.41 -4.34 -8.10
CA VAL C 9 13.96 -5.31 -9.07
C VAL C 9 14.36 -4.83 -10.45
N ALA C 10 14.22 -3.54 -10.64
CA ALA C 10 14.54 -2.90 -11.90
C ALA C 10 16.00 -3.11 -12.26
N GLU C 11 16.86 -2.85 -11.29
CA GLU C 11 18.29 -2.99 -11.47
C GLU C 11 18.63 -4.45 -11.71
N TYR C 12 18.12 -5.29 -10.83
CA TYR C 12 18.35 -6.72 -10.89
C TYR C 12 17.80 -7.32 -12.20
N ALA C 13 16.77 -6.69 -12.76
CA ALA C 13 16.18 -7.20 -13.99
C ALA C 13 16.97 -6.68 -15.18
N GLY C 14 17.59 -5.53 -14.97
CA GLY C 14 18.39 -4.91 -15.99
C GLY C 14 17.55 -4.02 -16.86
N VAL C 15 16.58 -3.40 -16.23
CA VAL C 15 15.65 -2.52 -16.89
C VAL C 15 15.37 -1.30 -16.03
N SER C 16 15.12 -0.17 -16.66
CA SER C 16 14.84 1.04 -15.92
C SER C 16 13.66 0.82 -14.99
N TYR C 17 13.66 1.56 -13.92
CA TYR C 17 12.61 1.49 -12.91
C TYR C 17 11.23 1.65 -13.51
N GLN C 18 11.08 2.71 -14.29
CA GLN C 18 9.81 3.05 -14.90
C GLN C 18 9.33 1.93 -15.84
N THR C 19 10.27 1.09 -16.28
CA THR C 19 9.95 -0.02 -17.14
C THR C 19 9.17 -1.09 -16.38
N VAL C 20 9.81 -1.65 -15.37
CA VAL C 20 9.20 -2.70 -14.56
C VAL C 20 8.06 -2.16 -13.70
N SER C 21 8.15 -0.90 -13.32
CA SER C 21 7.11 -0.27 -12.52
C SER C 21 5.78 -0.34 -13.29
N ARG C 22 5.85 -0.03 -14.59
CA ARG C 22 4.67 -0.06 -15.43
C ARG C 22 4.27 -1.51 -15.67
N VAL C 23 5.26 -2.39 -15.59
CA VAL C 23 5.05 -3.81 -15.78
C VAL C 23 4.18 -4.38 -14.68
N VAL C 24 4.56 -4.07 -13.45
CA VAL C 24 3.83 -4.52 -12.27
C VAL C 24 2.42 -3.93 -12.22
N ASN C 25 2.19 -2.87 -12.99
CA ASN C 25 0.88 -2.22 -12.99
C ASN C 25 0.07 -2.50 -14.25
N GLN C 26 0.69 -3.10 -15.27
CA GLN C 26 -0.02 -3.41 -16.52
C GLN C 26 0.92 -4.02 -17.58
N ALA C 27 2.00 -3.30 -17.89
CA ALA C 27 2.98 -3.73 -18.89
C ALA C 27 2.32 -3.93 -20.25
N SER C 28 1.60 -2.91 -20.70
CA SER C 28 0.91 -2.95 -21.98
C SER C 28 1.91 -3.03 -23.15
N HIS C 29 2.75 -2.02 -23.26
CA HIS C 29 3.74 -1.97 -24.32
C HIS C 29 5.10 -2.38 -23.79
N VAL C 30 5.28 -3.68 -23.59
CA VAL C 30 6.53 -4.23 -23.08
C VAL C 30 6.86 -5.53 -23.81
N SER C 31 8.15 -5.79 -24.00
CA SER C 31 8.60 -6.99 -24.69
C SER C 31 8.52 -8.22 -23.79
N ALA C 32 8.85 -9.37 -24.36
CA ALA C 32 8.81 -10.65 -23.64
C ALA C 32 9.92 -10.76 -22.58
N LYS C 33 11.18 -10.85 -23.02
CA LYS C 33 12.32 -10.99 -22.11
C LYS C 33 12.30 -9.97 -20.98
N THR C 34 11.83 -8.77 -21.28
CA THR C 34 11.74 -7.74 -20.27
C THR C 34 10.85 -8.15 -19.12
N ARG C 35 9.68 -8.68 -19.46
CA ARG C 35 8.74 -9.11 -18.43
C ARG C 35 9.34 -10.26 -17.65
N GLU C 36 10.10 -11.09 -18.35
CA GLU C 36 10.73 -12.25 -17.75
C GLU C 36 11.76 -11.85 -16.70
N LYS C 37 12.55 -10.83 -17.00
CA LYS C 37 13.57 -10.40 -16.06
C LYS C 37 12.98 -9.59 -14.93
N VAL C 38 11.98 -8.75 -15.19
CA VAL C 38 11.37 -7.99 -14.10
C VAL C 38 10.70 -8.97 -13.13
N GLU C 39 9.94 -9.91 -13.70
CA GLU C 39 9.28 -10.95 -12.93
C GLU C 39 10.32 -11.78 -12.19
N ALA C 40 11.41 -12.11 -12.88
CA ALA C 40 12.48 -12.87 -12.27
C ALA C 40 13.06 -12.08 -11.11
N ALA C 41 13.50 -10.86 -11.41
CA ALA C 41 14.10 -10.00 -10.40
C ALA C 41 13.25 -9.88 -9.15
N MET C 42 11.98 -9.55 -9.31
CA MET C 42 11.11 -9.40 -8.15
C MET C 42 10.95 -10.74 -7.44
N ALA C 43 10.98 -11.82 -8.20
CA ALA C 43 10.81 -13.16 -7.63
C ALA C 43 12.03 -13.57 -6.82
N GLU C 44 13.21 -13.34 -7.38
CA GLU C 44 14.46 -13.70 -6.75
C GLU C 44 14.70 -12.84 -5.53
N LEU C 45 14.47 -11.55 -5.66
CA LEU C 45 14.67 -10.62 -4.56
C LEU C 45 13.48 -10.65 -3.61
N ASN C 46 12.48 -11.48 -3.94
CA ASN C 46 11.25 -11.62 -3.13
C ASN C 46 10.36 -10.39 -3.34
N TYR C 47 10.98 -9.22 -3.24
CA TYR C 47 10.32 -7.93 -3.46
C TYR C 47 9.15 -7.67 -2.51
N ILE C 48 9.45 -6.96 -1.44
CA ILE C 48 8.46 -6.56 -0.46
C ILE C 48 8.59 -5.04 -0.24
N PRO C 49 7.59 -4.28 -0.71
CA PRO C 49 7.59 -2.80 -0.62
C PRO C 49 7.61 -2.26 0.80
N ASN C 50 6.49 -2.43 1.51
CA ASN C 50 6.34 -1.93 2.89
C ASN C 50 6.43 -0.41 2.91
N ARG C 51 5.82 0.22 1.91
CA ARG C 51 5.84 1.68 1.79
C ARG C 51 4.69 2.32 2.57
N CYS C 52 4.02 1.53 3.39
CA CYS C 52 2.91 2.03 4.19
C CYS C 52 3.27 2.04 5.67
N ALA C 53 2.97 0.95 6.36
CA ALA C 53 3.24 0.87 7.78
C ALA C 53 2.96 -0.53 8.30
N GLN C 54 3.82 -1.47 7.94
CA GLN C 54 3.68 -2.85 8.38
C GLN C 54 4.70 -3.17 9.45
N GLN C 55 5.97 -3.20 9.06
CA GLN C 55 7.05 -3.49 10.01
C GLN C 55 8.21 -2.52 9.83
N LEU C 56 8.09 -1.65 8.84
CA LEU C 56 9.13 -0.67 8.56
C LEU C 56 8.86 0.64 9.32
N ALA C 57 9.41 0.72 10.53
CA ALA C 57 9.23 1.90 11.37
C ALA C 57 10.22 3.00 10.98
N GLY C 58 11.48 2.83 11.39
CA GLY C 58 12.50 3.81 11.09
C GLY C 58 12.78 3.90 9.61
N LYS C 59 12.64 5.09 9.04
CA LYS C 59 12.88 5.30 7.62
C LYS C 59 13.80 6.48 7.39
N GLN C 60 13.34 7.68 7.73
CA GLN C 60 14.13 8.89 7.56
C GLN C 60 14.26 9.64 8.89
N SER C 61 15.49 9.94 9.26
CA SER C 61 15.75 10.65 10.51
C SER C 61 16.07 12.12 10.23
N LEU C 62 15.08 12.98 10.41
CA LEU C 62 15.26 14.41 10.19
C LEU C 62 15.30 15.14 11.53
N MET D 1 -9.96 0.72 -8.49
CA MET D 1 -11.07 1.02 -7.60
C MET D 1 -10.57 1.72 -6.33
N LYS D 2 -10.60 3.03 -6.33
CA LYS D 2 -10.16 3.82 -5.18
C LYS D 2 -11.31 4.66 -4.65
N PRO D 3 -12.15 4.06 -3.78
CA PRO D 3 -13.30 4.74 -3.18
C PRO D 3 -12.92 5.75 -2.13
N VAL D 4 -12.11 5.33 -1.16
CA VAL D 4 -11.72 6.23 -0.09
C VAL D 4 -10.23 6.16 0.19
N THR D 5 -9.73 7.30 0.52
CA THR D 5 -8.36 7.50 0.93
C THR D 5 -8.45 7.99 2.35
N LEU D 6 -7.43 7.83 3.16
CA LEU D 6 -7.54 8.28 4.54
C LEU D 6 -7.78 9.80 4.58
N TYR D 7 -7.45 10.46 3.48
CA TYR D 7 -7.67 11.90 3.31
C TYR D 7 -9.16 12.21 3.35
N ASP D 8 -9.91 11.30 2.76
CA ASP D 8 -11.36 11.41 2.63
C ASP D 8 -12.02 11.34 3.99
N VAL D 9 -11.55 10.40 4.80
CA VAL D 9 -12.07 10.24 6.13
C VAL D 9 -11.69 11.45 6.96
N ALA D 10 -10.47 11.88 6.74
CA ALA D 10 -9.92 13.04 7.43
C ALA D 10 -10.74 14.30 7.18
N GLU D 11 -11.07 14.52 5.91
CA GLU D 11 -11.85 15.69 5.52
C GLU D 11 -13.25 15.58 6.10
N TYR D 12 -13.85 14.42 5.89
CA TYR D 12 -15.20 14.14 6.37
C TYR D 12 -15.27 14.24 7.90
N ALA D 13 -14.15 14.00 8.57
CA ALA D 13 -14.12 14.07 10.03
C ALA D 13 -13.83 15.50 10.45
N GLY D 14 -13.15 16.22 9.57
CA GLY D 14 -12.82 17.61 9.80
C GLY D 14 -11.52 17.73 10.54
N VAL D 15 -10.63 16.82 10.23
CA VAL D 15 -9.33 16.74 10.88
C VAL D 15 -8.22 16.39 9.91
N SER D 16 -7.01 16.85 10.20
CA SER D 16 -5.85 16.56 9.35
C SER D 16 -5.77 15.07 9.09
N TYR D 17 -5.11 14.72 8.00
CA TYR D 17 -4.96 13.33 7.63
C TYR D 17 -4.31 12.60 8.75
N GLN D 18 -3.12 13.02 9.14
CA GLN D 18 -2.44 12.39 10.24
C GLN D 18 -3.10 12.72 11.60
N THR D 19 -4.27 13.39 11.57
CA THR D 19 -5.04 13.57 12.78
C THR D 19 -5.59 12.17 13.00
N VAL D 20 -6.39 11.76 12.02
CA VAL D 20 -7.02 10.45 11.98
C VAL D 20 -6.05 9.32 11.61
N SER D 21 -5.10 9.58 10.72
CA SER D 21 -4.14 8.56 10.30
C SER D 21 -3.35 8.07 11.48
N ARG D 22 -3.08 8.98 12.41
CA ARG D 22 -2.36 8.64 13.62
C ARG D 22 -3.27 7.75 14.45
N VAL D 23 -4.57 8.04 14.32
CA VAL D 23 -5.63 7.31 14.98
C VAL D 23 -5.67 5.88 14.44
N VAL D 24 -5.69 5.79 13.11
CA VAL D 24 -5.72 4.52 12.40
C VAL D 24 -4.43 3.71 12.61
N ASN D 25 -3.36 4.38 13.02
CA ASN D 25 -2.09 3.69 13.17
C ASN D 25 -1.81 3.27 14.62
N GLN D 26 -2.62 3.78 15.57
CA GLN D 26 -2.49 3.47 17.01
C GLN D 26 -3.27 4.47 17.87
N ALA D 27 -3.12 5.75 17.54
CA ALA D 27 -3.76 6.85 18.24
C ALA D 27 -3.47 6.82 19.75
N SER D 28 -2.23 6.58 20.11
CA SER D 28 -1.83 6.53 21.51
C SER D 28 -1.71 7.94 22.08
N HIS D 29 -1.73 8.92 21.20
CA HIS D 29 -1.61 10.31 21.58
C HIS D 29 -2.65 11.15 20.84
N VAL D 30 -3.87 11.23 21.39
CA VAL D 30 -4.98 11.95 20.78
C VAL D 30 -6.03 12.30 21.82
N SER D 31 -7.17 12.81 21.35
CA SER D 31 -8.27 13.13 22.21
C SER D 31 -9.45 12.19 21.92
N ALA D 32 -10.50 12.29 22.73
CA ALA D 32 -11.68 11.45 22.57
C ALA D 32 -12.46 11.78 21.30
N LYS D 33 -13.00 13.00 21.24
CA LYS D 33 -13.81 13.46 20.10
C LYS D 33 -13.16 13.20 18.76
N THR D 34 -11.84 13.31 18.71
CA THR D 34 -11.12 13.09 17.48
C THR D 34 -11.32 11.68 16.95
N ARG D 35 -11.09 10.69 17.81
CA ARG D 35 -11.21 9.29 17.40
C ARG D 35 -12.62 8.99 16.95
N GLU D 36 -13.59 9.53 17.65
CA GLU D 36 -14.99 9.31 17.36
C GLU D 36 -15.39 9.97 16.03
N LYS D 37 -14.74 11.09 15.73
CA LYS D 37 -15.02 11.81 14.49
C LYS D 37 -14.43 11.07 13.30
N VAL D 38 -13.19 10.61 13.45
CA VAL D 38 -12.53 9.87 12.39
C VAL D 38 -13.24 8.52 12.20
N GLU D 39 -13.57 7.89 13.32
CA GLU D 39 -14.28 6.62 13.33
C GLU D 39 -15.61 6.79 12.61
N ALA D 40 -16.30 7.89 12.88
CA ALA D 40 -17.56 8.15 12.21
C ALA D 40 -17.32 8.32 10.72
N ALA D 41 -16.37 9.20 10.40
CA ALA D 41 -16.04 9.47 9.02
C ALA D 41 -15.72 8.22 8.21
N MET D 42 -14.81 7.41 8.71
CA MET D 42 -14.44 6.19 8.02
C MET D 42 -15.62 5.23 7.92
N ALA D 43 -16.49 5.26 8.93
CA ALA D 43 -17.64 4.37 8.97
C ALA D 43 -18.66 4.73 7.90
N GLU D 44 -18.91 6.03 7.75
CA GLU D 44 -19.86 6.52 6.77
C GLU D 44 -19.35 6.32 5.36
N LEU D 45 -18.09 6.66 5.16
CA LEU D 45 -17.47 6.52 3.86
C LEU D 45 -17.04 5.08 3.60
N ASN D 46 -17.32 4.21 4.57
CA ASN D 46 -17.00 2.78 4.49
C ASN D 46 -15.50 2.58 4.71
N TYR D 47 -14.70 3.33 3.95
CA TYR D 47 -13.25 3.32 4.02
C TYR D 47 -12.66 1.90 3.96
N ILE D 48 -12.20 1.52 2.77
CA ILE D 48 -11.62 0.21 2.56
C ILE D 48 -10.20 0.17 3.14
N PRO D 49 -9.71 -1.04 3.51
CA PRO D 49 -8.37 -1.20 4.08
C PRO D 49 -7.24 -1.04 3.05
N ASN D 50 -7.25 0.09 2.36
CA ASN D 50 -6.23 0.37 1.36
C ASN D 50 -6.06 1.88 1.18
N ARG D 51 -5.44 2.51 2.18
CA ARG D 51 -5.22 3.95 2.15
C ARG D 51 -4.11 4.27 1.16
N CYS D 52 -3.06 3.47 1.19
CA CYS D 52 -1.93 3.66 0.30
C CYS D 52 -2.06 2.76 -0.91
N ALA D 53 -1.36 1.64 -0.90
CA ALA D 53 -1.39 0.73 -2.02
C ALA D 53 -0.88 -0.64 -1.61
N GLN D 54 -1.78 -1.42 -1.01
CA GLN D 54 -1.44 -2.76 -0.56
C GLN D 54 -1.66 -3.78 -1.67
N GLN D 55 -2.87 -3.81 -2.19
CA GLN D 55 -3.23 -4.74 -3.27
C GLN D 55 -3.99 -4.01 -4.36
N LEU D 56 -3.86 -2.69 -4.39
CA LEU D 56 -4.53 -1.86 -5.37
C LEU D 56 -3.87 -0.47 -5.40
N ALA D 57 -3.40 -0.08 -6.57
CA ALA D 57 -2.74 1.20 -6.74
C ALA D 57 -3.35 1.98 -7.89
N GLY D 58 -2.75 3.13 -8.22
CA GLY D 58 -3.24 3.96 -9.30
C GLY D 58 -3.67 5.33 -8.83
N LYS D 59 -3.30 6.36 -9.57
CA LYS D 59 -3.65 7.74 -9.23
C LYS D 59 -3.51 8.65 -10.44
N GLN D 60 -4.41 9.61 -10.56
CA GLN D 60 -4.38 10.57 -11.66
C GLN D 60 -5.03 11.87 -11.22
N SER D 61 -4.77 12.94 -11.95
CA SER D 61 -5.32 14.24 -11.62
C SER D 61 -5.60 15.02 -12.90
N LEU D 62 -6.05 16.26 -12.75
CA LEU D 62 -6.37 17.14 -13.88
C LEU D 62 -7.38 16.48 -14.80
N MET C 1 16.90 -3.19 8.88
CA MET C 1 17.06 -3.94 7.63
C MET C 1 15.95 -3.60 6.65
N LYS C 2 16.34 -3.14 5.46
CA LYS C 2 15.39 -2.78 4.42
C LYS C 2 15.04 -3.99 3.56
N PRO C 3 13.76 -4.12 3.16
CA PRO C 3 13.31 -5.23 2.33
C PRO C 3 13.50 -4.94 0.83
N VAL C 4 12.40 -4.72 0.11
CA VAL C 4 12.47 -4.45 -1.32
C VAL C 4 11.50 -3.36 -1.70
N THR C 5 11.93 -2.60 -2.67
CA THR C 5 11.13 -1.55 -3.26
C THR C 5 11.05 -1.88 -4.72
N LEU C 6 10.12 -1.28 -5.43
CA LEU C 6 10.02 -1.59 -6.85
C LEU C 6 11.33 -1.24 -7.57
N TYR C 7 12.10 -0.36 -6.95
CA TYR C 7 13.39 0.07 -7.47
C TYR C 7 14.37 -1.11 -7.49
N ASP C 8 14.28 -1.92 -6.44
CA ASP C 8 15.15 -3.06 -6.23
C ASP C 8 14.94 -4.10 -7.30
N VAL C 9 13.68 -4.36 -7.59
CA VAL C 9 13.34 -5.32 -8.61
C VAL C 9 13.74 -4.79 -9.95
N ALA C 10 13.48 -3.52 -10.13
CA ALA C 10 13.79 -2.81 -11.37
C ALA C 10 15.28 -2.91 -11.71
N GLU C 11 16.10 -2.62 -10.73
CA GLU C 11 17.55 -2.64 -10.93
C GLU C 11 18.00 -4.08 -11.16
N TYR C 12 17.54 -4.98 -10.31
CA TYR C 12 17.87 -6.39 -10.41
C TYR C 12 17.38 -6.98 -11.73
N ALA C 13 16.29 -6.45 -12.27
CA ALA C 13 15.73 -6.97 -13.52
C ALA C 13 16.49 -6.39 -14.71
N GLY C 14 17.05 -5.22 -14.48
CA GLY C 14 17.82 -4.54 -15.49
C GLY C 14 16.94 -3.68 -16.35
N VAL C 15 15.93 -3.13 -15.70
CA VAL C 15 14.95 -2.30 -16.35
C VAL C 15 14.60 -1.12 -15.47
N SER C 16 14.31 0.01 -16.07
CA SER C 16 13.97 1.20 -15.31
C SER C 16 12.81 0.92 -14.36
N TYR C 17 12.81 1.64 -13.27
CA TYR C 17 11.81 1.51 -12.22
C TYR C 17 10.40 1.61 -12.78
N GLN C 18 10.17 2.66 -13.53
CA GLN C 18 8.88 2.95 -14.13
C GLN C 18 8.45 1.84 -15.11
N THR C 19 9.41 1.11 -15.65
CA THR C 19 9.14 0.03 -16.58
C THR C 19 8.42 -1.12 -15.88
N VAL C 20 9.08 -1.69 -14.88
CA VAL C 20 8.52 -2.82 -14.15
C VAL C 20 7.32 -2.42 -13.31
N SER C 21 7.28 -1.16 -12.88
CA SER C 21 6.14 -0.66 -12.12
C SER C 21 4.85 -0.89 -12.90
N ARG C 22 4.90 -0.59 -14.19
CA ARG C 22 3.75 -0.77 -15.09
C ARG C 22 3.52 -2.25 -15.31
N VAL C 23 4.59 -3.02 -15.23
CA VAL C 23 4.54 -4.44 -15.42
C VAL C 23 3.72 -5.09 -14.32
N VAL C 24 3.97 -4.66 -13.08
CA VAL C 24 3.25 -5.17 -11.92
C VAL C 24 1.76 -4.80 -12.04
N ASN C 25 1.48 -3.79 -12.85
CA ASN C 25 0.11 -3.34 -13.05
C ASN C 25 -0.44 -3.84 -14.38
N GLN C 26 0.37 -4.67 -15.05
CA GLN C 26 0.02 -5.32 -16.33
C GLN C 26 0.36 -4.43 -17.50
N ALA C 27 0.08 -3.15 -17.35
CA ALA C 27 0.38 -2.15 -18.37
C ALA C 27 -0.40 -2.40 -19.67
N SER C 28 0.31 -2.58 -20.78
CA SER C 28 -0.34 -2.80 -22.06
C SER C 28 0.66 -3.31 -23.10
N HIS C 29 1.79 -2.62 -23.22
CA HIS C 29 2.80 -2.97 -24.17
C HIS C 29 3.92 -3.74 -23.49
N VAL C 30 5.15 -3.32 -23.74
CA VAL C 30 6.36 -3.93 -23.18
C VAL C 30 6.67 -5.27 -23.82
N SER C 31 7.95 -5.62 -23.88
CA SER C 31 8.38 -6.87 -24.50
C SER C 31 8.24 -8.06 -23.56
N ALA C 32 8.52 -9.25 -24.09
CA ALA C 32 8.43 -10.50 -23.33
C ALA C 32 9.51 -10.62 -22.27
N LYS C 33 10.78 -10.70 -22.70
CA LYS C 33 11.92 -10.87 -21.80
C LYS C 33 11.92 -9.86 -20.65
N THR C 34 11.44 -8.66 -20.91
CA THR C 34 11.39 -7.64 -19.90
C THR C 34 10.43 -8.03 -18.78
N ARG C 35 9.26 -8.55 -19.16
CA ARG C 35 8.28 -8.96 -18.18
C ARG C 35 8.85 -10.10 -17.34
N GLU C 36 9.59 -10.97 -18.02
CA GLU C 36 10.22 -12.12 -17.38
C GLU C 36 11.33 -11.67 -16.46
N LYS C 37 12.02 -10.60 -16.83
CA LYS C 37 13.11 -10.07 -16.05
C LYS C 37 12.61 -9.43 -14.76
N VAL C 38 11.56 -8.62 -14.87
CA VAL C 38 10.99 -7.97 -13.71
C VAL C 38 10.39 -9.03 -12.77
N GLU C 39 9.65 -9.97 -13.36
CA GLU C 39 9.04 -11.06 -12.63
C GLU C 39 10.12 -11.88 -11.96
N ALA C 40 11.21 -12.12 -12.68
CA ALA C 40 12.32 -12.86 -12.12
C ALA C 40 12.85 -12.09 -10.94
N ALA C 41 13.23 -10.83 -11.19
CA ALA C 41 13.77 -9.98 -10.16
C ALA C 41 12.91 -9.93 -8.90
N MET C 42 11.63 -9.66 -9.06
CA MET C 42 10.74 -9.59 -7.91
C MET C 42 10.64 -10.95 -7.23
N ALA C 43 10.73 -12.02 -8.02
CA ALA C 43 10.61 -13.37 -7.49
C ALA C 43 11.84 -13.74 -6.66
N GLU C 44 13.01 -13.42 -7.19
CA GLU C 44 14.27 -13.72 -6.52
C GLU C 44 14.44 -12.88 -5.27
N LEU C 45 14.13 -11.60 -5.38
CA LEU C 45 14.25 -10.69 -4.25
C LEU C 45 13.03 -10.80 -3.34
N ASN C 46 12.10 -11.68 -3.71
CA ASN C 46 10.84 -11.92 -2.98
C ASN C 46 9.88 -10.75 -3.18
N TYR C 47 10.42 -9.54 -3.06
CA TYR C 47 9.67 -8.29 -3.24
C TYR C 47 8.42 -8.23 -2.36
N ILE C 48 8.61 -7.76 -1.14
CA ILE C 48 7.52 -7.61 -0.20
C ILE C 48 7.25 -6.13 0.01
N PRO C 49 6.09 -5.65 -0.44
CA PRO C 49 5.70 -4.24 -0.32
C PRO C 49 5.18 -3.87 1.06
N ASN C 50 6.04 -3.25 1.86
CA ASN C 50 5.67 -2.82 3.19
C ASN C 50 6.04 -1.36 3.40
N ARG C 51 5.20 -0.47 2.86
CA ARG C 51 5.44 0.96 2.95
C ARG C 51 4.59 1.57 4.06
N CYS C 52 4.62 0.94 5.23
CA CYS C 52 3.85 1.42 6.37
C CYS C 52 4.57 1.09 7.66
N ALA C 53 5.07 2.14 8.25
CA ALA C 53 5.81 2.06 9.50
C ALA C 53 4.98 2.62 10.65
N GLN C 54 5.54 2.54 11.86
CA GLN C 54 4.86 3.03 13.04
C GLN C 54 5.59 4.25 13.60
N GLN C 55 6.90 4.27 13.41
CA GLN C 55 7.74 5.36 13.90
C GLN C 55 8.82 5.69 12.88
N LEU C 56 9.50 4.64 12.42
CA LEU C 56 10.56 4.76 11.43
C LEU C 56 11.11 3.37 11.12
N ALA C 57 11.95 2.88 12.02
CA ALA C 57 12.55 1.56 11.89
C ALA C 57 13.11 1.11 13.23
N GLY C 58 12.73 -0.09 13.65
CA GLY C 58 13.22 -0.60 14.91
C GLY C 58 12.11 -0.98 15.87
N LYS C 59 11.18 -1.80 15.38
CA LYS C 59 10.05 -2.26 16.18
C LYS C 59 9.13 -1.10 16.55
N GLN C 60 8.61 -1.10 17.77
CA GLN C 60 7.71 -0.05 18.23
C GLN C 60 8.47 0.99 19.05
N SER C 61 9.79 0.89 19.03
CA SER C 61 10.65 1.81 19.79
C SER C 61 10.70 3.18 19.12
N LEU C 62 10.65 4.23 19.93
CA LEU C 62 10.69 5.60 19.43
C LEU C 62 12.13 5.99 19.07
N MET D 1 -14.16 2.27 -8.53
CA MET D 1 -12.99 2.65 -9.31
C MET D 1 -11.86 3.12 -8.39
N LYS D 2 -12.22 3.42 -7.15
CA LYS D 2 -11.26 3.88 -6.16
C LYS D 2 -11.81 3.68 -4.76
N PRO D 3 -11.17 2.83 -3.94
CA PRO D 3 -11.59 2.60 -2.57
C PRO D 3 -11.28 3.78 -1.68
N VAL D 4 -11.60 3.68 -0.41
CA VAL D 4 -11.33 4.75 0.53
C VAL D 4 -9.85 4.89 0.78
N THR D 5 -9.46 6.12 0.83
CA THR D 5 -8.11 6.51 1.13
C THR D 5 -8.18 7.09 2.52
N LEU D 6 -7.10 7.06 3.29
CA LEU D 6 -7.19 7.61 4.64
C LEU D 6 -7.59 9.09 4.59
N TYR D 7 -7.35 9.70 3.43
CA TYR D 7 -7.72 11.09 3.16
C TYR D 7 -9.24 11.24 3.23
N ASP D 8 -9.92 10.21 2.75
CA ASP D 8 -11.37 10.15 2.67
C ASP D 8 -11.96 10.15 4.06
N VAL D 9 -11.37 9.35 4.94
CA VAL D 9 -11.83 9.24 6.31
C VAL D 9 -11.56 10.54 7.01
N ALA D 10 -10.40 11.09 6.73
CA ALA D 10 -9.95 12.35 7.31
C ALA D 10 -10.90 13.49 6.95
N GLU D 11 -11.24 13.57 5.69
CA GLU D 11 -12.13 14.60 5.19
C GLU D 11 -13.50 14.42 5.81
N TYR D 12 -13.98 13.19 5.74
CA TYR D 12 -15.27 12.83 6.29
C TYR D 12 -15.34 13.07 7.80
N ALA D 13 -14.19 13.01 8.48
CA ALA D 13 -14.14 13.23 9.91
C ALA D 13 -14.01 14.71 10.20
N GLY D 14 -13.44 15.42 9.23
CA GLY D 14 -13.26 16.84 9.33
C GLY D 14 -11.97 17.19 10.01
N VAL D 15 -11.00 16.33 9.81
CA VAL D 15 -9.70 16.45 10.45
C VAL D 15 -8.61 16.09 9.47
N SER D 16 -7.43 16.67 9.65
CA SER D 16 -6.31 16.39 8.76
C SER D 16 -6.10 14.91 8.61
N TYR D 17 -5.47 14.52 7.51
CA TYR D 17 -5.20 13.12 7.21
C TYR D 17 -4.51 12.50 8.38
N GLN D 18 -3.36 13.05 8.78
CA GLN D 18 -2.61 12.53 9.91
C GLN D 18 -3.26 12.88 11.25
N THR D 19 -4.45 13.44 11.19
CA THR D 19 -5.14 13.65 12.42
C THR D 19 -5.59 12.24 12.79
N VAL D 20 -6.35 11.68 11.84
CA VAL D 20 -6.86 10.32 11.87
C VAL D 20 -5.80 9.28 11.46
N SER D 21 -4.91 9.59 10.55
CA SER D 21 -3.90 8.61 10.17
C SER D 21 -3.00 8.33 11.37
N ARG D 22 -2.86 9.33 12.23
CA ARG D 22 -2.10 9.15 13.44
C ARG D 22 -2.82 8.13 14.28
N VAL D 23 -4.13 8.20 14.19
CA VAL D 23 -5.03 7.31 14.88
C VAL D 23 -4.81 5.88 14.38
N VAL D 24 -4.87 5.72 13.05
CA VAL D 24 -4.66 4.44 12.38
C VAL D 24 -3.20 3.97 12.49
N ASN D 25 -2.29 4.90 12.75
CA ASN D 25 -0.86 4.57 12.83
C ASN D 25 -0.45 4.31 14.27
N GLN D 26 -1.46 4.25 15.15
CA GLN D 26 -1.29 4.01 16.59
C GLN D 26 -1.06 5.32 17.28
N ALA D 27 -2.15 6.06 17.38
CA ALA D 27 -2.13 7.37 17.97
C ALA D 27 -1.89 7.33 19.48
N SER D 28 -0.68 7.66 19.89
CA SER D 28 -0.34 7.69 21.29
C SER D 28 -0.70 9.03 21.92
N HIS D 29 -0.95 10.03 21.07
CA HIS D 29 -1.31 11.35 21.54
C HIS D 29 -2.44 11.94 20.72
N VAL D 30 -3.67 11.70 21.19
CA VAL D 30 -4.87 12.20 20.53
C VAL D 30 -5.96 12.46 21.56
N SER D 31 -7.11 12.96 21.10
CA SER D 31 -8.21 13.22 21.99
C SER D 31 -9.41 12.32 21.67
N ALA D 32 -10.33 12.24 22.63
CA ALA D 32 -11.53 11.40 22.51
C ALA D 32 -12.34 11.72 21.26
N LYS D 33 -12.95 12.92 21.22
CA LYS D 33 -13.79 13.36 20.10
C LYS D 33 -13.13 13.10 18.75
N THR D 34 -11.83 13.32 18.69
CA THR D 34 -11.10 13.10 17.46
C THR D 34 -11.23 11.65 17.02
N ARG D 35 -10.96 10.74 17.94
CA ARG D 35 -11.02 9.31 17.62
C ARG D 35 -12.44 8.92 17.27
N GLU D 36 -13.40 9.55 17.93
CA GLU D 36 -14.81 9.26 17.69
C GLU D 36 -15.21 9.66 16.29
N LYS D 37 -14.63 10.75 15.81
CA LYS D 37 -14.93 11.25 14.48
C LYS D 37 -14.19 10.46 13.41
N VAL D 38 -12.91 10.17 13.66
CA VAL D 38 -12.13 9.40 12.70
C VAL D 38 -12.67 7.97 12.62
N GLU D 39 -12.95 7.38 13.79
CA GLU D 39 -13.50 6.04 13.86
C GLU D 39 -14.85 6.02 13.15
N ALA D 40 -15.65 7.06 13.37
CA ALA D 40 -16.93 7.15 12.70
C ALA D 40 -16.71 7.22 11.21
N ALA D 41 -15.89 8.19 10.79
CA ALA D 41 -15.60 8.37 9.39
C ALA D 41 -15.15 7.10 8.69
N MET D 42 -14.18 6.41 9.25
CA MET D 42 -13.69 5.18 8.65
C MET D 42 -14.78 4.12 8.67
N ALA D 43 -15.62 4.15 9.71
CA ALA D 43 -16.67 3.16 9.86
C ALA D 43 -17.77 3.34 8.83
N GLU D 44 -18.15 4.59 8.61
CA GLU D 44 -19.20 4.91 7.65
C GLU D 44 -18.73 4.63 6.23
N LEU D 45 -17.52 5.05 5.95
CA LEU D 45 -16.93 4.84 4.63
C LEU D 45 -16.38 3.42 4.51
N ASN D 46 -16.54 2.65 5.59
CA ASN D 46 -16.08 1.26 5.67
C ASN D 46 -14.56 1.24 5.86
N TYR D 47 -13.85 1.87 4.92
CA TYR D 47 -12.39 2.00 4.95
C TYR D 47 -11.67 0.66 5.13
N ILE D 48 -11.04 0.20 4.05
CA ILE D 48 -10.29 -1.05 4.05
C ILE D 48 -9.19 -1.03 5.12
N PRO D 49 -8.84 -2.20 5.68
CA PRO D 49 -7.80 -2.30 6.71
C PRO D 49 -6.44 -1.82 6.22
N ASN D 50 -5.71 -1.14 7.10
CA ASN D 50 -4.40 -0.62 6.77
C ASN D 50 -3.53 -0.60 8.03
N ARG D 51 -2.74 -1.66 8.20
CA ARG D 51 -1.86 -1.79 9.35
C ARG D 51 -0.73 -2.76 9.03
N CYS D 52 0.29 -2.28 8.34
CA CYS D 52 1.42 -3.11 7.97
C CYS D 52 2.41 -3.24 9.11
N ALA D 53 3.05 -2.13 9.48
CA ALA D 53 4.01 -2.14 10.57
C ALA D 53 5.22 -3.00 10.22
N GLN D 54 5.93 -3.48 11.23
CA GLN D 54 7.09 -4.33 11.00
C GLN D 54 7.04 -5.55 11.90
N GLN D 55 5.90 -5.75 12.56
CA GLN D 55 5.71 -6.87 13.47
C GLN D 55 4.22 -7.11 13.72
N LEU D 56 3.39 -6.59 12.84
CA LEU D 56 1.94 -6.74 12.96
C LEU D 56 1.32 -7.14 11.64
N ALA D 57 2.10 -7.86 10.84
CA ALA D 57 1.65 -8.32 9.53
C ALA D 57 0.59 -9.40 9.68
N GLY D 58 -0.63 -9.09 9.22
CA GLY D 58 -1.72 -10.04 9.33
C GLY D 58 -2.31 -10.06 10.71
N LYS D 59 -1.67 -10.79 11.61
CA LYS D 59 -2.13 -10.89 12.99
C LYS D 59 -0.98 -10.60 13.95
N GLN D 60 -0.09 -11.57 14.10
CA GLN D 60 1.05 -11.42 14.98
C GLN D 60 2.29 -12.03 14.35
N SER D 61 3.46 -11.51 14.70
CA SER D 61 4.72 -12.01 14.17
C SER D 61 5.67 -12.43 15.31
N LEU D 62 6.54 -13.37 15.03
CA LEU D 62 7.49 -13.86 16.02
C LEU D 62 8.91 -13.84 15.46
N MET C 1 11.88 -11.73 4.46
CA MET C 1 13.13 -10.94 4.40
C MET C 1 12.81 -9.46 4.23
N LYS C 2 13.80 -8.69 3.79
CA LYS C 2 13.63 -7.26 3.57
C LYS C 2 12.47 -6.97 2.63
N PRO C 3 11.51 -6.13 3.05
CA PRO C 3 10.35 -5.76 2.24
C PRO C 3 10.80 -5.13 0.92
N VAL C 4 10.54 -5.85 -0.16
CA VAL C 4 10.91 -5.40 -1.49
C VAL C 4 9.99 -4.30 -1.97
N THR C 5 10.60 -3.39 -2.69
CA THR C 5 9.92 -2.29 -3.29
C THR C 5 10.04 -2.49 -4.78
N LEU C 6 9.20 -1.87 -5.56
CA LEU C 6 9.27 -2.08 -7.00
C LEU C 6 10.65 -1.70 -7.57
N TYR C 7 11.34 -0.83 -6.86
CA TYR C 7 12.69 -0.39 -7.25
C TYR C 7 13.68 -1.56 -7.20
N ASP C 8 13.46 -2.40 -6.20
CA ASP C 8 14.28 -3.57 -5.91
C ASP C 8 14.16 -4.57 -7.03
N VAL C 9 12.93 -4.81 -7.45
CA VAL C 9 12.66 -5.75 -8.51
C VAL C 9 13.21 -5.22 -9.81
N ALA C 10 13.02 -3.93 -9.99
CA ALA C 10 13.47 -3.24 -11.19
C ALA C 10 14.96 -3.38 -11.38
N GLU C 11 15.71 -3.14 -10.31
CA GLU C 11 17.17 -3.22 -10.36
C GLU C 11 17.58 -4.67 -10.60
N TYR C 12 17.01 -5.55 -9.80
CA TYR C 12 17.28 -6.97 -9.87
C TYR C 12 16.88 -7.55 -11.23
N ALA C 13 15.90 -6.94 -11.89
CA ALA C 13 15.44 -7.43 -13.19
C ALA C 13 16.33 -6.86 -14.28
N GLY C 14 16.89 -5.70 -14.00
CA GLY C 14 17.77 -5.04 -14.93
C GLY C 14 17.00 -4.15 -15.87
N VAL C 15 15.95 -3.57 -15.32
CA VAL C 15 15.06 -2.70 -16.07
C VAL C 15 14.67 -1.50 -15.24
N SER C 16 14.47 -0.36 -15.86
CA SER C 16 14.09 0.82 -15.10
C SER C 16 12.83 0.55 -14.28
N TYR C 17 12.76 1.23 -13.16
CA TYR C 17 11.64 1.12 -12.24
C TYR C 17 10.30 1.27 -12.93
N GLN C 18 10.19 2.34 -13.70
CA GLN C 18 8.98 2.65 -14.44
C GLN C 18 8.63 1.56 -15.46
N THR C 19 9.63 0.80 -15.89
CA THR C 19 9.41 -0.28 -16.85
C THR C 19 8.59 -1.37 -16.20
N VAL C 20 9.12 -1.97 -15.15
CA VAL C 20 8.45 -3.04 -14.44
C VAL C 20 7.23 -2.54 -13.70
N SER C 21 7.26 -1.27 -13.29
CA SER C 21 6.12 -0.66 -12.62
C SER C 21 4.90 -0.73 -13.53
N ARG C 22 5.12 -0.47 -14.81
CA ARG C 22 4.07 -0.51 -15.81
C ARG C 22 3.66 -1.96 -16.02
N VAL C 23 4.63 -2.84 -15.85
CA VAL C 23 4.45 -4.27 -16.01
C VAL C 23 3.52 -4.82 -14.94
N VAL C 24 3.83 -4.48 -13.69
CA VAL C 24 3.06 -4.91 -12.55
C VAL C 24 1.65 -4.33 -12.57
N ASN C 25 1.46 -3.27 -13.34
CA ASN C 25 0.14 -2.62 -13.40
C ASN C 25 -0.63 -2.94 -14.69
N GLN C 26 0.04 -3.54 -15.68
CA GLN C 26 -0.61 -3.86 -16.96
C GLN C 26 0.35 -4.50 -17.97
N ALA C 27 1.43 -3.79 -18.29
CA ALA C 27 2.42 -4.24 -19.27
C ALA C 27 1.77 -4.58 -20.61
N SER C 28 0.93 -3.66 -21.09
CA SER C 28 0.24 -3.84 -22.36
C SER C 28 1.21 -3.63 -23.53
N HIS C 29 2.35 -3.01 -23.24
CA HIS C 29 3.35 -2.75 -24.25
C HIS C 29 4.73 -2.90 -23.62
N VAL C 30 5.34 -4.06 -23.85
CA VAL C 30 6.65 -4.37 -23.30
C VAL C 30 7.23 -5.61 -23.97
N SER C 31 8.54 -5.76 -23.91
CA SER C 31 9.23 -6.89 -24.52
C SER C 31 8.99 -8.19 -23.75
N ALA C 32 9.42 -9.29 -24.34
CA ALA C 32 9.28 -10.61 -23.74
C ALA C 32 10.19 -10.80 -22.53
N LYS C 33 11.50 -10.83 -22.76
CA LYS C 33 12.49 -11.03 -21.69
C LYS C 33 12.29 -10.04 -20.54
N THR C 34 11.83 -8.83 -20.87
CA THR C 34 11.62 -7.83 -19.85
C THR C 34 10.59 -8.30 -18.83
N ARG C 35 9.47 -8.82 -19.30
CA ARG C 35 8.42 -9.27 -18.40
C ARG C 35 8.92 -10.43 -17.56
N GLU C 36 9.70 -11.28 -18.20
CA GLU C 36 10.27 -12.46 -17.56
C GLU C 36 11.29 -12.05 -16.51
N LYS C 37 11.99 -10.95 -16.76
CA LYS C 37 13.00 -10.47 -15.85
C LYS C 37 12.36 -9.80 -14.65
N VAL C 38 11.34 -8.98 -14.88
CA VAL C 38 10.65 -8.30 -13.78
C VAL C 38 9.96 -9.35 -12.90
N GLU C 39 9.25 -10.28 -13.56
CA GLU C 39 8.57 -11.36 -12.86
C GLU C 39 9.58 -12.21 -12.12
N ALA C 40 10.72 -12.47 -12.74
CA ALA C 40 11.77 -13.24 -12.10
C ALA C 40 12.22 -12.48 -10.87
N ALA C 41 12.66 -11.25 -11.08
CA ALA C 41 13.14 -10.41 -10.01
C ALA C 41 12.19 -10.36 -8.81
N MET C 42 10.92 -10.06 -9.06
CA MET C 42 9.96 -9.98 -7.99
C MET C 42 9.77 -11.35 -7.33
N ALA C 43 9.92 -12.41 -8.12
CA ALA C 43 9.74 -13.76 -7.62
C ALA C 43 10.90 -14.17 -6.73
N GLU C 44 12.10 -13.91 -7.20
CA GLU C 44 13.31 -14.25 -6.47
C GLU C 44 13.40 -13.42 -5.21
N LEU C 45 13.05 -12.14 -5.33
CA LEU C 45 13.08 -11.23 -4.19
C LEU C 45 11.82 -11.39 -3.34
N ASN C 46 10.94 -12.30 -3.78
CA ASN C 46 9.67 -12.58 -3.09
C ASN C 46 8.65 -11.46 -3.29
N TYR C 47 9.10 -10.21 -3.09
CA TYR C 47 8.27 -9.02 -3.27
C TYR C 47 6.93 -9.15 -2.53
N ILE C 48 6.99 -8.98 -1.22
CA ILE C 48 5.81 -9.09 -0.36
C ILE C 48 5.05 -7.75 -0.28
N PRO C 49 3.70 -7.81 -0.38
CA PRO C 49 2.85 -6.63 -0.28
C PRO C 49 2.33 -6.42 1.15
N ASN C 50 1.29 -5.60 1.31
CA ASN C 50 0.74 -5.33 2.63
C ASN C 50 -0.74 -4.93 2.55
N ARG C 51 -1.02 -3.76 1.99
CA ARG C 51 -2.40 -3.27 1.89
C ARG C 51 -3.02 -3.71 0.57
N CYS C 52 -2.56 -3.10 -0.51
CA CYS C 52 -3.06 -3.37 -1.85
C CYS C 52 -2.35 -2.47 -2.82
N ALA C 53 -2.69 -1.19 -2.73
CA ALA C 53 -2.13 -0.18 -3.58
C ALA C 53 -2.75 1.15 -3.19
N GLN C 54 -2.70 2.15 -4.08
CA GLN C 54 -3.29 3.44 -3.79
C GLN C 54 -4.80 3.31 -3.63
N GLN C 55 -5.50 3.20 -4.75
CA GLN C 55 -6.95 3.05 -4.74
C GLN C 55 -7.39 2.12 -5.85
N LEU C 56 -6.50 1.18 -6.21
CA LEU C 56 -6.76 0.21 -7.28
C LEU C 56 -6.95 0.91 -8.61
N ALA C 57 -6.37 2.10 -8.71
CA ALA C 57 -6.45 2.92 -9.90
C ALA C 57 -5.30 3.91 -9.90
N GLY C 58 -5.19 4.69 -10.98
CA GLY C 58 -4.12 5.67 -11.07
C GLY C 58 -4.43 6.94 -10.31
N LYS C 59 -3.53 7.91 -10.41
CA LYS C 59 -3.71 9.18 -9.72
C LYS C 59 -4.59 10.12 -10.54
N GLN C 60 -5.89 10.05 -10.30
CA GLN C 60 -6.84 10.89 -11.00
C GLN C 60 -6.73 12.34 -10.51
N SER C 61 -6.15 13.19 -11.34
CA SER C 61 -5.98 14.60 -11.03
C SER C 61 -7.26 15.37 -11.32
N LEU C 62 -8.25 14.67 -11.85
CA LEU C 62 -9.53 15.27 -12.19
C LEU C 62 -10.68 14.34 -11.80
N MET D 1 -10.63 4.13 -6.85
CA MET D 1 -12.07 4.35 -7.04
C MET D 1 -12.87 3.21 -6.42
N LYS D 2 -12.20 2.39 -5.64
CA LYS D 2 -12.84 1.26 -4.97
C LYS D 2 -12.60 1.33 -3.45
N PRO D 3 -11.34 1.29 -2.99
CA PRO D 3 -11.03 1.37 -1.57
C PRO D 3 -10.75 2.80 -1.11
N VAL D 4 -11.23 3.12 0.08
CA VAL D 4 -11.06 4.44 0.68
C VAL D 4 -9.59 4.74 0.91
N THR D 5 -9.29 6.01 0.81
CA THR D 5 -7.98 6.54 1.06
C THR D 5 -8.05 7.18 2.44
N LEU D 6 -6.97 7.16 3.19
CA LEU D 6 -7.03 7.77 4.53
C LEU D 6 -7.42 9.25 4.41
N TYR D 7 -7.16 9.80 3.24
CA TYR D 7 -7.51 11.18 2.92
C TYR D 7 -9.03 11.36 2.97
N ASP D 8 -9.70 10.31 2.49
CA ASP D 8 -11.15 10.24 2.40
C ASP D 8 -11.75 10.20 3.78
N VAL D 9 -11.12 9.42 4.65
CA VAL D 9 -11.56 9.27 6.01
C VAL D 9 -11.34 10.57 6.76
N ALA D 10 -10.17 11.13 6.53
CA ALA D 10 -9.76 12.38 7.16
C ALA D 10 -10.74 13.50 6.83
N GLU D 11 -11.08 13.61 5.57
CA GLU D 11 -11.98 14.63 5.09
C GLU D 11 -13.36 14.40 5.71
N TYR D 12 -13.82 13.17 5.61
CA TYR D 12 -15.11 12.77 6.15
C TYR D 12 -15.17 12.97 7.67
N ALA D 13 -14.01 12.86 8.33
CA ALA D 13 -13.95 13.02 9.77
C ALA D 13 -13.88 14.51 10.11
N GLY D 14 -13.34 15.27 9.15
CA GLY D 14 -13.21 16.70 9.29
C GLY D 14 -11.92 17.07 9.96
N VAL D 15 -10.90 16.26 9.71
CA VAL D 15 -9.59 16.42 10.32
C VAL D 15 -8.45 16.14 9.35
N SER D 16 -7.28 16.76 9.56
CA SER D 16 -6.13 16.53 8.67
C SER D 16 -5.88 15.03 8.52
N TYR D 17 -5.19 14.68 7.46
CA TYR D 17 -4.91 13.31 7.14
C TYR D 17 -4.20 12.63 8.28
N GLN D 18 -3.07 13.21 8.67
CA GLN D 18 -2.29 12.69 9.81
C GLN D 18 -2.95 13.06 11.10
N THR D 19 -4.15 13.59 11.02
CA THR D 19 -4.83 13.80 12.23
C THR D 19 -5.22 12.38 12.60
N VAL D 20 -5.95 11.79 11.65
CA VAL D 20 -6.40 10.43 11.73
C VAL D 20 -5.31 9.39 11.38
N SER D 21 -4.38 9.70 10.46
CA SER D 21 -3.32 8.73 10.11
C SER D 21 -2.44 8.45 11.32
N ARG D 22 -2.29 9.45 12.16
CA ARG D 22 -1.52 9.31 13.37
C ARG D 22 -2.29 8.36 14.28
N VAL D 23 -3.61 8.45 14.15
CA VAL D 23 -4.55 7.64 14.89
C VAL D 23 -4.41 6.18 14.47
N VAL D 24 -4.49 5.97 13.17
CA VAL D 24 -4.39 4.65 12.57
C VAL D 24 -2.98 4.06 12.73
N ASN D 25 -1.99 4.90 12.99
CA ASN D 25 -0.63 4.41 13.08
C ASN D 25 -0.23 4.05 14.50
N GLN D 26 -1.06 4.45 15.47
CA GLN D 26 -0.83 4.16 16.90
C GLN D 26 -1.67 5.08 17.79
N ALA D 27 -1.65 6.38 17.45
CA ALA D 27 -2.37 7.41 18.18
C ALA D 27 -2.10 7.36 19.68
N SER D 28 -0.84 7.13 20.06
CA SER D 28 -0.46 7.05 21.46
C SER D 28 -0.69 8.39 22.18
N HIS D 29 -0.63 9.48 21.43
CA HIS D 29 -0.83 10.80 22.00
C HIS D 29 -1.85 11.57 21.16
N VAL D 30 -3.13 11.38 21.49
CA VAL D 30 -4.24 12.01 20.79
C VAL D 30 -5.41 12.23 21.73
N SER D 31 -6.49 12.79 21.20
CA SER D 31 -7.69 13.03 21.97
C SER D 31 -8.71 11.93 21.71
N ALA D 32 -9.72 11.86 22.56
CA ALA D 32 -10.77 10.85 22.45
C ALA D 32 -11.69 11.10 21.26
N LYS D 33 -12.36 12.27 21.27
CA LYS D 33 -13.30 12.64 20.20
C LYS D 33 -12.73 12.40 18.83
N THR D 34 -11.52 12.88 18.62
CA THR D 34 -10.84 12.71 17.36
C THR D 34 -10.86 11.27 16.89
N ARG D 35 -10.54 10.34 17.79
CA ARG D 35 -10.49 8.93 17.43
C ARG D 35 -11.87 8.45 17.01
N GLU D 36 -12.88 8.98 17.66
CA GLU D 36 -14.26 8.61 17.37
C GLU D 36 -14.67 9.07 15.98
N LYS D 37 -14.29 10.29 15.62
CA LYS D 37 -14.63 10.85 14.32
C LYS D 37 -13.87 10.16 13.19
N VAL D 38 -12.58 9.93 13.40
CA VAL D 38 -11.76 9.30 12.37
C VAL D 38 -12.19 7.84 12.19
N GLU D 39 -12.35 7.12 13.29
CA GLU D 39 -12.79 5.73 13.23
C GLU D 39 -14.19 5.68 12.65
N ALA D 40 -15.02 6.66 13.00
CA ALA D 40 -16.36 6.71 12.43
C ALA D 40 -16.23 6.84 10.93
N ALA D 41 -15.50 7.86 10.51
CA ALA D 41 -15.29 8.13 9.09
C ALA D 41 -14.82 6.90 8.32
N MET D 42 -13.77 6.25 8.81
CA MET D 42 -13.24 5.07 8.13
C MET D 42 -14.27 3.95 8.14
N ALA D 43 -15.06 3.88 9.20
CA ALA D 43 -16.06 2.84 9.34
C ALA D 43 -17.21 3.05 8.36
N GLU D 44 -17.68 4.28 8.28
CA GLU D 44 -18.79 4.63 7.41
C GLU D 44 -18.41 4.49 5.95
N LEU D 45 -17.20 4.94 5.63
CA LEU D 45 -16.73 4.86 4.25
C LEU D 45 -16.25 3.47 3.91
N ASN D 46 -16.27 2.57 4.89
CA ASN D 46 -15.82 1.18 4.69
C ASN D 46 -14.37 1.19 4.21
N TYR D 47 -13.51 1.58 5.13
CA TYR D 47 -12.08 1.68 4.89
C TYR D 47 -11.42 0.30 4.93
N ILE D 48 -11.66 -0.46 3.88
CA ILE D 48 -11.12 -1.80 3.73
C ILE D 48 -9.58 -1.77 3.72
N PRO D 49 -8.94 -2.68 4.49
CA PRO D 49 -7.48 -2.75 4.57
C PRO D 49 -6.82 -3.55 3.44
N ASN D 50 -7.38 -4.71 3.09
CA ASN D 50 -6.82 -5.57 2.06
C ASN D 50 -7.89 -6.45 1.45
N ARG D 51 -8.27 -6.13 0.22
CA ARG D 51 -9.26 -6.90 -0.51
C ARG D 51 -8.64 -7.50 -1.77
N CYS D 52 -7.31 -7.48 -1.82
CA CYS D 52 -6.57 -7.99 -2.98
C CYS D 52 -6.17 -9.44 -2.77
N ALA D 53 -5.91 -9.78 -1.51
CA ALA D 53 -5.52 -11.14 -1.14
C ALA D 53 -4.09 -11.44 -1.55
N GLN D 54 -3.70 -12.70 -1.46
CA GLN D 54 -2.35 -13.11 -1.81
C GLN D 54 -2.19 -13.35 -3.31
N GLN D 55 -2.39 -14.61 -3.74
CA GLN D 55 -2.24 -14.97 -5.15
C GLN D 55 -3.42 -14.48 -5.97
N LEU D 56 -4.52 -14.18 -5.30
CA LEU D 56 -5.73 -13.74 -5.98
C LEU D 56 -5.51 -12.42 -6.73
N ALA D 57 -4.56 -11.63 -6.26
CA ALA D 57 -4.25 -10.34 -6.89
C ALA D 57 -3.63 -10.52 -8.27
N GLY D 58 -2.99 -11.66 -8.50
CA GLY D 58 -2.35 -11.92 -9.77
C GLY D 58 -3.15 -12.88 -10.63
N LYS D 59 -2.66 -14.12 -10.71
CA LYS D 59 -3.30 -15.19 -11.49
C LYS D 59 -3.08 -14.94 -12.99
N GLN D 60 -1.91 -15.33 -13.47
CA GLN D 60 -1.57 -15.16 -14.87
C GLN D 60 -1.99 -16.38 -15.67
N SER D 61 -3.01 -16.21 -16.50
CA SER D 61 -3.52 -17.30 -17.32
C SER D 61 -3.40 -16.96 -18.81
N LEU D 62 -3.32 -15.67 -19.11
CA LEU D 62 -3.22 -15.22 -20.50
C LEU D 62 -2.22 -14.08 -20.62
N MET C 1 17.37 -8.62 7.19
CA MET C 1 16.13 -7.83 7.33
C MET C 1 15.95 -6.88 6.14
N LYS C 2 14.88 -6.07 6.19
CA LYS C 2 14.56 -5.09 5.14
C LYS C 2 13.95 -5.76 3.91
N PRO C 3 12.75 -5.29 3.49
CA PRO C 3 12.04 -5.83 2.34
C PRO C 3 12.53 -5.23 1.01
N VAL C 4 11.78 -5.52 -0.05
CA VAL C 4 12.09 -5.07 -1.40
C VAL C 4 11.15 -3.97 -1.84
N THR C 5 11.68 -3.09 -2.65
CA THR C 5 10.92 -2.00 -3.23
C THR C 5 10.83 -2.29 -4.71
N LEU C 6 9.90 -1.66 -5.41
CA LEU C 6 9.80 -1.92 -6.84
C LEU C 6 11.12 -1.57 -7.55
N TYR C 7 11.88 -0.67 -6.93
CA TYR C 7 13.19 -0.25 -7.45
C TYR C 7 14.17 -1.41 -7.48
N ASP C 8 14.08 -2.22 -6.43
CA ASP C 8 14.94 -3.37 -6.22
C ASP C 8 14.72 -4.41 -7.28
N VAL C 9 13.46 -4.67 -7.59
CA VAL C 9 13.10 -5.64 -8.59
C VAL C 9 13.53 -5.12 -9.94
N ALA C 10 13.31 -3.83 -10.12
CA ALA C 10 13.66 -3.16 -11.37
C ALA C 10 15.14 -3.29 -11.67
N GLU C 11 15.96 -3.04 -10.67
CA GLU C 11 17.41 -3.11 -10.84
C GLU C 11 17.81 -4.54 -11.11
N TYR C 12 17.33 -5.43 -10.26
CA TYR C 12 17.62 -6.85 -10.37
C TYR C 12 17.12 -7.43 -11.69
N ALA C 13 16.07 -6.83 -12.26
CA ALA C 13 15.53 -7.32 -13.52
C ALA C 13 16.33 -6.74 -14.68
N GLY C 14 16.90 -5.58 -14.44
CA GLY C 14 17.71 -4.92 -15.43
C GLY C 14 16.86 -4.04 -16.29
N VAL C 15 15.84 -3.48 -15.67
CA VAL C 15 14.90 -2.62 -16.34
C VAL C 15 14.57 -1.42 -15.47
N SER C 16 14.32 -0.29 -16.07
CA SER C 16 14.00 0.89 -15.30
C SER C 16 12.81 0.62 -14.40
N TYR C 17 12.79 1.30 -13.29
CA TYR C 17 11.75 1.18 -12.30
C TYR C 17 10.36 1.33 -12.89
N GLN C 18 10.19 2.40 -13.65
CA GLN C 18 8.92 2.75 -14.25
C GLN C 18 8.47 1.69 -15.27
N THR C 19 9.42 0.91 -15.75
CA THR C 19 9.15 -0.17 -16.69
C THR C 19 8.38 -1.29 -16.00
N VAL C 20 8.99 -1.88 -14.98
CA VAL C 20 8.37 -2.98 -14.24
C VAL C 20 7.16 -2.54 -13.44
N SER C 21 7.15 -1.28 -13.02
CA SER C 21 6.01 -0.75 -12.28
C SER C 21 4.73 -0.94 -13.09
N ARG C 22 4.81 -0.62 -14.37
CA ARG C 22 3.67 -0.76 -15.27
C ARG C 22 3.39 -2.23 -15.51
N VAL C 23 4.44 -3.02 -15.42
CA VAL C 23 4.35 -4.45 -15.63
C VAL C 23 3.51 -5.08 -14.52
N VAL C 24 3.89 -4.77 -13.29
CA VAL C 24 3.20 -5.28 -12.10
C VAL C 24 1.76 -4.74 -12.01
N ASN C 25 1.50 -3.64 -12.70
CA ASN C 25 0.18 -3.02 -12.66
C ASN C 25 -0.65 -3.30 -13.91
N GLN C 26 -0.17 -4.24 -14.73
CA GLN C 26 -0.85 -4.69 -15.97
C GLN C 26 -0.16 -4.06 -17.16
N ALA C 27 0.95 -4.67 -17.51
CA ALA C 27 1.78 -4.22 -18.61
C ALA C 27 1.02 -4.21 -19.93
N SER C 28 1.22 -3.14 -20.68
CA SER C 28 0.57 -2.93 -21.95
C SER C 28 1.53 -2.16 -22.85
N HIS C 29 1.83 -2.75 -23.98
CA HIS C 29 2.74 -2.20 -24.96
C HIS C 29 4.16 -2.20 -24.40
N VAL C 30 4.69 -3.42 -24.26
CA VAL C 30 6.04 -3.67 -23.75
C VAL C 30 6.52 -5.01 -24.27
N SER C 31 7.81 -5.30 -24.15
CA SER C 31 8.35 -6.56 -24.63
C SER C 31 8.09 -7.70 -23.65
N ALA C 32 8.22 -8.91 -24.15
CA ALA C 32 8.02 -10.10 -23.35
C ALA C 32 9.14 -10.27 -22.33
N LYS C 33 10.39 -10.22 -22.83
CA LYS C 33 11.58 -10.38 -21.99
C LYS C 33 11.52 -9.53 -20.74
N THR C 34 11.06 -8.30 -20.87
CA THR C 34 10.96 -7.41 -19.74
C THR C 34 10.09 -8.01 -18.66
N ARG C 35 8.93 -8.50 -19.05
CA ARG C 35 7.99 -9.07 -18.10
C ARG C 35 8.61 -10.30 -17.44
N GLU C 36 9.42 -11.02 -18.22
CA GLU C 36 10.08 -12.23 -17.74
C GLU C 36 11.13 -11.90 -16.67
N LYS C 37 11.90 -10.83 -16.89
CA LYS C 37 12.93 -10.46 -15.93
C LYS C 37 12.36 -9.76 -14.71
N VAL C 38 11.34 -8.93 -14.88
CA VAL C 38 10.73 -8.26 -13.72
C VAL C 38 10.13 -9.33 -12.80
N GLU C 39 9.43 -10.28 -13.42
CA GLU C 39 8.82 -11.39 -12.70
C GLU C 39 9.91 -12.20 -12.02
N ALA C 40 11.00 -12.45 -12.76
CA ALA C 40 12.11 -13.19 -12.19
C ALA C 40 12.65 -12.43 -10.99
N ALA C 41 12.99 -11.18 -11.22
CA ALA C 41 13.53 -10.32 -10.19
C ALA C 41 12.69 -10.28 -8.93
N MET C 42 11.40 -10.02 -9.08
CA MET C 42 10.52 -9.95 -7.93
C MET C 42 10.42 -11.31 -7.25
N ALA C 43 10.53 -12.37 -8.04
CA ALA C 43 10.42 -13.72 -7.51
C ALA C 43 11.64 -14.08 -6.68
N GLU C 44 12.81 -13.76 -7.20
CA GLU C 44 14.07 -14.05 -6.52
C GLU C 44 14.21 -13.22 -5.26
N LEU C 45 13.85 -11.94 -5.39
CA LEU C 45 13.93 -11.02 -4.27
C LEU C 45 12.73 -11.18 -3.36
N ASN C 46 11.85 -12.12 -3.72
CA ASN C 46 10.62 -12.41 -2.96
C ASN C 46 9.58 -11.32 -3.19
N TYR C 47 10.00 -10.06 -2.99
CA TYR C 47 9.16 -8.88 -3.19
C TYR C 47 7.75 -9.07 -2.61
N ILE C 48 7.61 -8.66 -1.34
CA ILE C 48 6.35 -8.78 -0.61
C ILE C 48 5.14 -8.31 -1.44
N PRO C 49 4.02 -9.02 -1.33
CA PRO C 49 2.80 -8.70 -2.07
C PRO C 49 2.01 -7.55 -1.46
N ASN C 50 2.72 -6.57 -0.95
CA ASN C 50 2.11 -5.40 -0.34
C ASN C 50 1.74 -4.40 -1.43
N ARG C 51 0.90 -4.83 -2.36
CA ARG C 51 0.52 -4.00 -3.48
C ARG C 51 -0.99 -4.10 -3.75
N CYS C 52 -1.74 -3.24 -3.10
CA CYS C 52 -3.18 -3.20 -3.27
C CYS C 52 -3.56 -1.86 -3.86
N ALA C 53 -3.68 -1.89 -5.17
CA ALA C 53 -4.02 -0.73 -5.96
C ALA C 53 -5.39 -0.16 -5.56
N GLN C 54 -5.38 1.06 -5.03
CA GLN C 54 -6.62 1.72 -4.62
C GLN C 54 -7.06 2.71 -5.69
N GLN C 55 -6.38 3.84 -5.74
CA GLN C 55 -6.71 4.87 -6.72
C GLN C 55 -5.95 4.63 -8.02
N LEU C 56 -4.63 4.45 -7.88
CA LEU C 56 -3.75 4.20 -9.03
C LEU C 56 -3.79 5.37 -10.01
N ALA C 57 -3.42 6.56 -9.53
CA ALA C 57 -3.39 7.75 -10.36
C ALA C 57 -2.39 8.77 -9.82
N GLY C 58 -1.32 9.00 -10.58
CA GLY C 58 -0.31 9.95 -10.15
C GLY C 58 -0.32 11.20 -11.01
N LYS C 59 -1.51 11.61 -11.43
CA LYS C 59 -1.66 12.80 -12.26
C LYS C 59 -3.10 13.32 -12.17
N GLN C 60 -3.29 14.40 -11.43
CA GLN C 60 -4.62 14.98 -11.30
C GLN C 60 -4.72 16.29 -12.08
N SER C 61 -3.61 17.01 -12.18
CA SER C 61 -3.58 18.28 -12.90
C SER C 61 -3.53 18.06 -14.41
N LEU C 62 -3.52 16.80 -14.82
CA LEU C 62 -3.48 16.46 -16.24
C LEU C 62 -4.22 15.15 -16.48
N MET D 1 -17.19 4.17 -6.16
CA MET D 1 -16.54 4.08 -7.47
C MET D 1 -15.03 4.04 -7.30
N LYS D 2 -14.59 4.44 -6.12
CA LYS D 2 -13.17 4.47 -5.80
C LYS D 2 -12.96 4.08 -4.33
N PRO D 3 -12.02 3.16 -4.06
CA PRO D 3 -11.73 2.73 -2.69
C PRO D 3 -11.36 3.91 -1.79
N VAL D 4 -11.59 3.75 -0.50
CA VAL D 4 -11.29 4.82 0.45
C VAL D 4 -9.81 4.96 0.69
N THR D 5 -9.43 6.19 0.77
CA THR D 5 -8.08 6.60 1.06
C THR D 5 -8.13 7.16 2.46
N LEU D 6 -7.04 7.14 3.20
CA LEU D 6 -7.11 7.67 4.56
C LEU D 6 -7.55 9.15 4.54
N TYR D 7 -7.31 9.79 3.40
CA TYR D 7 -7.70 11.18 3.16
C TYR D 7 -9.23 11.31 3.23
N ASP D 8 -9.90 10.27 2.73
CA ASP D 8 -11.36 10.19 2.67
C ASP D 8 -11.95 10.16 4.06
N VAL D 9 -11.34 9.35 4.91
CA VAL D 9 -11.78 9.22 6.29
C VAL D 9 -11.52 10.51 7.02
N ALA D 10 -10.36 11.07 6.71
CA ALA D 10 -9.91 12.31 7.32
C ALA D 10 -10.87 13.45 7.00
N GLU D 11 -11.26 13.54 5.74
CA GLU D 11 -12.17 14.58 5.28
C GLU D 11 -13.52 14.37 5.93
N TYR D 12 -14.01 13.14 5.88
CA TYR D 12 -15.28 12.78 6.48
C TYR D 12 -15.28 13.01 8.00
N ALA D 13 -14.11 12.86 8.63
CA ALA D 13 -14.03 13.05 10.07
C ALA D 13 -13.92 14.54 10.37
N GLY D 14 -13.39 15.26 9.38
CA GLY D 14 -13.23 16.69 9.48
C GLY D 14 -11.91 17.04 10.11
N VAL D 15 -10.92 16.21 9.85
CA VAL D 15 -9.61 16.35 10.45
C VAL D 15 -8.52 16.05 9.47
N SER D 16 -7.35 16.63 9.66
CA SER D 16 -6.22 16.35 8.76
C SER D 16 -5.99 14.83 8.58
N TYR D 17 -5.34 14.49 7.50
CA TYR D 17 -4.97 13.09 7.18
C TYR D 17 -4.18 12.44 8.36
N GLN D 18 -3.03 12.97 8.74
CA GLN D 18 -2.28 12.59 9.89
C GLN D 18 -3.02 13.05 11.08
N THR D 19 -4.26 13.42 10.90
CA THR D 19 -4.93 13.58 12.14
C THR D 19 -5.28 12.13 12.62
N VAL D 20 -6.10 11.53 11.80
CA VAL D 20 -6.52 10.19 11.87
C VAL D 20 -5.43 9.18 11.46
N SER D 21 -4.53 9.60 10.58
CA SER D 21 -3.45 8.72 10.20
C SER D 21 -2.60 8.41 11.40
N ARG D 22 -2.45 9.39 12.29
CA ARG D 22 -1.68 9.17 13.50
C ARG D 22 -2.46 8.21 14.37
N VAL D 23 -3.78 8.29 14.23
CA VAL D 23 -4.70 7.45 14.95
C VAL D 23 -4.52 6.01 14.49
N VAL D 24 -4.59 5.84 13.17
CA VAL D 24 -4.40 4.53 12.54
C VAL D 24 -2.96 4.03 12.67
N ASN D 25 -2.01 4.93 12.96
CA ASN D 25 -0.61 4.52 13.04
C ASN D 25 -0.11 4.50 14.49
N GLN D 26 -1.06 4.34 15.42
CA GLN D 26 -0.79 4.24 16.86
C GLN D 26 -0.87 5.61 17.47
N ALA D 27 -2.10 5.99 17.76
CA ALA D 27 -2.39 7.29 18.31
C ALA D 27 -2.17 7.33 19.83
N SER D 28 -0.91 7.34 20.24
CA SER D 28 -0.59 7.39 21.66
C SER D 28 -0.56 8.83 22.17
N HIS D 29 -1.02 9.76 21.33
CA HIS D 29 -1.06 11.17 21.68
C HIS D 29 -2.16 11.88 20.88
N VAL D 30 -3.41 11.65 21.26
CA VAL D 30 -4.57 12.23 20.60
C VAL D 30 -5.71 12.41 21.59
N SER D 31 -6.80 13.01 21.14
CA SER D 31 -7.96 13.21 21.99
C SER D 31 -8.98 12.09 21.80
N ALA D 32 -10.00 12.08 22.64
CA ALA D 32 -11.05 11.07 22.59
C ALA D 32 -11.97 11.25 21.39
N LYS D 33 -12.66 12.39 21.34
CA LYS D 33 -13.60 12.68 20.25
C LYS D 33 -12.97 12.48 18.89
N THR D 34 -11.77 12.99 18.72
CA THR D 34 -11.04 12.85 17.49
C THR D 34 -10.98 11.39 17.05
N ARG D 35 -10.67 10.50 17.99
CA ARG D 35 -10.58 9.09 17.69
C ARG D 35 -11.93 8.58 17.23
N GLU D 36 -12.98 9.04 17.89
CA GLU D 36 -14.34 8.64 17.59
C GLU D 36 -14.75 9.18 16.22
N LYS D 37 -14.24 10.35 15.88
CA LYS D 37 -14.55 10.98 14.60
C LYS D 37 -13.88 10.24 13.47
N VAL D 38 -12.61 9.93 13.63
CA VAL D 38 -11.85 9.20 12.61
C VAL D 38 -12.37 7.77 12.52
N GLU D 39 -12.57 7.14 13.68
CA GLU D 39 -13.09 5.78 13.73
C GLU D 39 -14.46 5.73 13.10
N ALA D 40 -15.29 6.74 13.37
CA ALA D 40 -16.61 6.80 12.76
C ALA D 40 -16.46 6.95 11.27
N ALA D 41 -15.67 7.94 10.87
CA ALA D 41 -15.44 8.21 9.46
C ALA D 41 -14.99 6.97 8.70
N MET D 42 -13.98 6.29 9.19
CA MET D 42 -13.48 5.09 8.53
C MET D 42 -14.55 4.01 8.54
N ALA D 43 -15.37 3.98 9.60
CA ALA D 43 -16.40 2.96 9.74
C ALA D 43 -17.53 3.18 8.74
N GLU D 44 -17.96 4.43 8.62
CA GLU D 44 -19.04 4.78 7.72
C GLU D 44 -18.62 4.60 6.27
N LEU D 45 -17.42 5.05 5.97
CA LEU D 45 -16.89 4.93 4.62
C LEU D 45 -16.33 3.55 4.38
N ASN D 46 -16.41 2.70 5.41
CA ASN D 46 -15.92 1.33 5.38
C ASN D 46 -14.38 1.31 5.44
N TYR D 47 -13.76 2.15 4.61
CA TYR D 47 -12.30 2.29 4.56
C TYR D 47 -11.64 0.93 4.27
N ILE D 48 -11.35 0.70 2.99
CA ILE D 48 -10.73 -0.53 2.54
C ILE D 48 -9.28 -0.64 3.05
N PRO D 49 -8.69 -1.85 2.97
CA PRO D 49 -7.32 -2.10 3.42
C PRO D 49 -6.29 -1.22 2.73
N ASN D 50 -5.59 -0.43 3.52
CA ASN D 50 -4.57 0.47 3.01
C ASN D 50 -3.25 -0.28 2.87
N ARG D 51 -3.15 -0.99 1.76
CA ARG D 51 -1.97 -1.80 1.40
C ARG D 51 -2.04 -3.16 2.10
N CYS D 52 -2.67 -4.12 1.43
CA CYS D 52 -2.84 -5.46 1.97
C CYS D 52 -1.83 -6.42 1.37
N ALA D 53 -2.34 -7.50 0.78
CA ALA D 53 -1.49 -8.52 0.19
C ALA D 53 -2.27 -9.38 -0.80
N GLN D 54 -2.92 -10.44 -0.29
CA GLN D 54 -3.68 -11.34 -1.16
C GLN D 54 -4.71 -12.13 -0.36
N GLN D 55 -4.78 -11.89 0.94
CA GLN D 55 -5.72 -12.59 1.80
C GLN D 55 -6.98 -11.76 1.99
N LEU D 56 -6.79 -10.54 2.49
CA LEU D 56 -7.88 -9.58 2.73
C LEU D 56 -8.84 -10.07 3.81
N ALA D 57 -8.74 -9.45 4.99
CA ALA D 57 -9.61 -9.81 6.10
C ALA D 57 -10.71 -8.76 6.27
N GLY D 58 -11.89 -9.07 5.73
CA GLY D 58 -13.01 -8.15 5.81
C GLY D 58 -13.76 -8.25 7.12
N LYS D 59 -13.26 -7.57 8.14
CA LYS D 59 -13.89 -7.57 9.45
C LYS D 59 -15.02 -6.55 9.51
N GLN D 60 -16.05 -6.78 8.69
CA GLN D 60 -17.20 -5.89 8.60
C GLN D 60 -18.05 -5.96 9.88
N SER D 61 -17.82 -7.00 10.67
CA SER D 61 -18.55 -7.19 11.91
C SER D 61 -18.08 -6.20 12.97
N LEU D 62 -18.81 -5.10 13.11
CA LEU D 62 -18.49 -4.07 14.08
C LEU D 62 -19.52 -4.05 15.19
N MET C 1 13.33 -6.21 9.05
CA MET C 1 11.98 -5.61 8.95
C MET C 1 11.71 -5.09 7.55
N LYS C 2 12.70 -4.45 6.93
CA LYS C 2 12.53 -3.91 5.58
C LYS C 2 12.58 -5.01 4.54
N PRO C 3 11.52 -5.10 3.69
CA PRO C 3 11.40 -6.11 2.65
C PRO C 3 11.89 -5.64 1.27
N VAL C 4 10.94 -5.32 0.39
CA VAL C 4 11.26 -4.91 -0.98
C VAL C 4 10.44 -3.71 -1.41
N THR C 5 11.02 -2.95 -2.29
CA THR C 5 10.38 -1.80 -2.91
C THR C 5 10.39 -2.06 -4.39
N LEU C 6 9.57 -1.37 -5.14
CA LEU C 6 9.55 -1.59 -6.58
C LEU C 6 10.93 -1.32 -7.20
N TYR C 7 11.71 -0.50 -6.51
CA TYR C 7 13.07 -0.16 -6.95
C TYR C 7 13.96 -1.39 -6.92
N ASP C 8 13.71 -2.21 -5.91
CA ASP C 8 14.47 -3.43 -5.67
C ASP C 8 14.23 -4.42 -6.79
N VAL C 9 12.97 -4.56 -7.17
CA VAL C 9 12.60 -5.47 -8.23
C VAL C 9 13.14 -4.94 -9.54
N ALA C 10 13.00 -3.65 -9.72
CA ALA C 10 13.44 -2.97 -10.93
C ALA C 10 14.93 -3.19 -11.17
N GLU C 11 15.72 -3.01 -10.14
CA GLU C 11 17.16 -3.18 -10.28
C GLU C 11 17.48 -4.65 -10.50
N TYR C 12 16.90 -5.49 -9.67
CA TYR C 12 17.09 -6.93 -9.74
C TYR C 12 16.63 -7.49 -11.10
N ALA C 13 15.67 -6.82 -11.74
CA ALA C 13 15.17 -7.27 -13.03
C ALA C 13 16.04 -6.73 -14.15
N GLY C 14 16.66 -5.59 -13.87
CA GLY C 14 17.54 -4.96 -14.82
C GLY C 14 16.79 -4.03 -15.72
N VAL C 15 15.78 -3.42 -15.16
CA VAL C 15 14.90 -2.50 -15.87
C VAL C 15 14.60 -1.29 -15.02
N SER C 16 14.42 -0.14 -15.65
CA SER C 16 14.14 1.06 -14.91
C SER C 16 12.92 0.88 -14.02
N TYR C 17 12.95 1.55 -12.88
CA TYR C 17 11.89 1.49 -11.89
C TYR C 17 10.52 1.73 -12.49
N GLN C 18 10.42 2.82 -13.22
CA GLN C 18 9.17 3.22 -13.87
C GLN C 18 8.67 2.15 -14.85
N THR C 19 9.60 1.40 -15.42
CA THR C 19 9.28 0.35 -16.37
C THR C 19 8.47 -0.76 -15.70
N VAL C 20 9.07 -1.40 -14.70
CA VAL C 20 8.41 -2.48 -13.99
C VAL C 20 7.24 -1.98 -13.15
N SER C 21 7.33 -0.74 -12.68
CA SER C 21 6.25 -0.16 -11.91
C SER C 21 4.96 -0.17 -12.74
N ARG C 22 5.09 0.27 -13.98
CA ARG C 22 4.00 0.31 -14.91
C ARG C 22 3.59 -1.10 -15.30
N VAL C 23 4.57 -2.00 -15.25
CA VAL C 23 4.36 -3.38 -15.60
C VAL C 23 3.40 -4.01 -14.60
N VAL C 24 3.66 -3.77 -13.31
CA VAL C 24 2.82 -4.29 -12.24
C VAL C 24 1.42 -3.67 -12.30
N ASN C 25 1.31 -2.53 -12.97
CA ASN C 25 0.02 -1.85 -13.07
C ASN C 25 -0.81 -2.37 -14.24
N GLN C 26 -0.16 -3.19 -15.09
CA GLN C 26 -0.75 -3.86 -16.27
C GLN C 26 0.01 -3.47 -17.53
N ALA C 27 0.70 -2.34 -17.45
CA ALA C 27 1.47 -1.81 -18.57
C ALA C 27 0.56 -1.49 -19.76
N SER C 28 1.06 -1.70 -20.96
CA SER C 28 0.30 -1.44 -22.18
C SER C 28 0.90 -2.25 -23.31
N HIS C 29 2.22 -2.20 -23.41
CA HIS C 29 2.96 -2.94 -24.43
C HIS C 29 4.11 -3.68 -23.76
N VAL C 30 5.34 -3.22 -24.00
CA VAL C 30 6.55 -3.83 -23.41
C VAL C 30 6.83 -5.20 -24.01
N SER C 31 8.08 -5.62 -23.96
CA SER C 31 8.49 -6.91 -24.50
C SER C 31 8.47 -7.98 -23.43
N ALA C 32 8.45 -9.23 -23.87
CA ALA C 32 8.42 -10.38 -22.96
C ALA C 32 9.58 -10.38 -21.98
N LYS C 33 10.80 -10.22 -22.50
CA LYS C 33 12.02 -10.25 -21.69
C LYS C 33 11.95 -9.32 -20.48
N THR C 34 11.42 -8.13 -20.64
CA THR C 34 11.34 -7.21 -19.53
C THR C 34 10.28 -7.66 -18.53
N ARG C 35 9.15 -8.14 -19.03
CA ARG C 35 8.07 -8.55 -18.15
C ARG C 35 8.47 -9.78 -17.35
N GLU C 36 9.17 -10.71 -18.00
CA GLU C 36 9.62 -11.93 -17.34
C GLU C 36 10.68 -11.59 -16.31
N LYS C 37 11.47 -10.54 -16.59
CA LYS C 37 12.53 -10.12 -15.71
C LYS C 37 11.96 -9.45 -14.47
N VAL C 38 10.98 -8.58 -14.66
CA VAL C 38 10.34 -7.90 -13.52
C VAL C 38 9.62 -8.94 -12.67
N GLU C 39 8.90 -9.83 -13.35
CA GLU C 39 8.18 -10.91 -12.71
C GLU C 39 9.14 -11.78 -11.94
N ALA C 40 10.28 -12.11 -12.57
CA ALA C 40 11.29 -12.91 -11.90
C ALA C 40 11.79 -12.17 -10.69
N ALA C 41 12.23 -10.94 -10.91
CA ALA C 41 12.76 -10.11 -9.84
C ALA C 41 11.82 -10.02 -8.64
N MET C 42 10.57 -9.67 -8.88
CA MET C 42 9.61 -9.55 -7.78
C MET C 42 9.36 -10.91 -7.16
N ALA C 43 9.42 -11.97 -7.96
CA ALA C 43 9.16 -13.31 -7.47
C ALA C 43 10.29 -13.79 -6.57
N GLU C 44 11.52 -13.53 -6.99
CA GLU C 44 12.69 -13.93 -6.24
C GLU C 44 12.81 -13.15 -4.95
N LEU C 45 12.59 -11.85 -5.05
CA LEU C 45 12.65 -10.98 -3.89
C LEU C 45 11.36 -11.05 -3.08
N ASN C 46 10.42 -11.87 -3.55
CA ASN C 46 9.10 -12.05 -2.90
C ASN C 46 8.23 -10.82 -3.17
N TYR C 47 8.77 -9.65 -2.85
CA TYR C 47 8.10 -8.37 -3.06
C TYR C 47 6.73 -8.29 -2.37
N ILE C 48 6.74 -7.78 -1.15
CA ILE C 48 5.53 -7.62 -0.36
C ILE C 48 5.43 -6.16 0.12
N PRO C 49 4.28 -5.51 -0.11
CA PRO C 49 4.06 -4.12 0.28
C PRO C 49 3.66 -3.95 1.74
N ASN C 50 3.85 -2.74 2.27
CA ASN C 50 3.50 -2.44 3.66
C ASN C 50 3.43 -0.91 3.87
N ARG C 51 4.57 -0.32 4.25
CA ARG C 51 4.68 1.13 4.48
C ARG C 51 3.70 1.63 5.56
N CYS C 52 3.88 1.17 6.79
CA CYS C 52 3.02 1.61 7.89
C CYS C 52 3.88 2.22 9.00
N ALA C 53 3.77 1.69 10.22
CA ALA C 53 4.52 2.24 11.34
C ALA C 53 4.50 1.26 12.51
N GLN C 54 5.08 1.68 13.64
CA GLN C 54 5.12 0.83 14.83
C GLN C 54 4.29 1.46 15.95
N GLN C 55 4.44 0.93 17.15
CA GLN C 55 3.70 1.42 18.33
C GLN C 55 4.32 2.69 18.89
N LEU C 56 4.70 3.61 17.99
CA LEU C 56 5.32 4.88 18.36
C LEU C 56 6.56 4.67 19.24
N ALA C 57 6.48 5.18 20.47
CA ALA C 57 7.59 5.06 21.41
C ALA C 57 7.07 4.89 22.84
N GLY C 58 7.98 4.74 23.78
CA GLY C 58 7.60 4.57 25.18
C GLY C 58 7.38 3.10 25.51
N LYS C 59 6.45 2.85 26.41
CA LYS C 59 6.11 1.48 26.84
C LYS C 59 7.29 0.83 27.57
N GLN C 60 8.10 1.65 28.21
CA GLN C 60 9.27 1.20 28.96
C GLN C 60 10.32 0.56 28.04
N SER C 61 10.18 -0.73 27.80
CA SER C 61 11.12 -1.46 26.95
C SER C 61 10.66 -1.42 25.50
N LEU C 62 10.94 -0.32 24.83
CA LEU C 62 10.58 -0.15 23.43
C LEU C 62 11.51 -0.97 22.53
N MET D 1 -15.19 1.92 -7.61
CA MET D 1 -14.03 1.16 -8.07
C MET D 1 -12.75 1.69 -7.43
N LYS D 2 -12.75 2.98 -7.11
CA LYS D 2 -11.59 3.60 -6.49
C LYS D 2 -11.65 3.43 -4.98
N PRO D 3 -10.67 2.74 -4.39
CA PRO D 3 -10.62 2.49 -2.94
C PRO D 3 -10.37 3.77 -2.12
N VAL D 4 -10.89 3.77 -0.90
CA VAL D 4 -10.75 4.88 0.02
C VAL D 4 -9.29 5.11 0.40
N THR D 5 -8.95 6.35 0.51
CA THR D 5 -7.64 6.77 0.95
C THR D 5 -7.80 7.20 2.38
N LEU D 6 -6.75 7.18 3.15
CA LEU D 6 -6.89 7.62 4.53
C LEU D 6 -7.34 9.09 4.55
N TYR D 7 -7.10 9.75 3.44
CA TYR D 7 -7.51 11.15 3.22
C TYR D 7 -9.03 11.26 3.24
N ASP D 8 -9.65 10.24 2.64
CA ASP D 8 -11.09 10.14 2.51
C ASP D 8 -11.72 10.03 3.88
N VAL D 9 -11.11 9.21 4.72
CA VAL D 9 -11.57 9.02 6.08
C VAL D 9 -11.36 10.30 6.85
N ALA D 10 -10.21 10.91 6.59
CA ALA D 10 -9.81 12.14 7.24
C ALA D 10 -10.81 13.25 6.97
N GLU D 11 -11.17 13.38 5.71
CA GLU D 11 -12.10 14.40 5.27
C GLU D 11 -13.45 14.14 5.89
N TYR D 12 -13.90 12.90 5.75
CA TYR D 12 -15.17 12.48 6.28
C TYR D 12 -15.23 12.65 7.80
N ALA D 13 -14.08 12.57 8.46
CA ALA D 13 -14.03 12.71 9.91
C ALA D 13 -13.95 14.19 10.27
N GLY D 14 -13.41 14.95 9.32
CA GLY D 14 -13.28 16.38 9.47
C GLY D 14 -11.97 16.74 10.14
N VAL D 15 -10.96 15.95 9.85
CA VAL D 15 -9.65 16.09 10.47
C VAL D 15 -8.50 15.82 9.48
N SER D 16 -7.32 16.45 9.68
CA SER D 16 -6.17 16.23 8.79
C SER D 16 -5.92 14.76 8.61
N TYR D 17 -5.17 14.44 7.59
CA TYR D 17 -4.87 13.07 7.26
C TYR D 17 -4.24 12.35 8.44
N GLN D 18 -3.14 12.90 8.90
CA GLN D 18 -2.39 12.39 10.03
C GLN D 18 -3.01 12.73 11.38
N THR D 19 -4.26 13.13 11.38
CA THR D 19 -4.97 13.30 12.59
C THR D 19 -5.41 11.91 12.91
N VAL D 20 -6.14 11.42 11.90
CA VAL D 20 -6.68 10.08 11.83
C VAL D 20 -5.60 9.05 11.43
N SER D 21 -4.71 9.38 10.49
CA SER D 21 -3.69 8.42 10.04
C SER D 21 -2.78 8.03 11.21
N ARG D 22 -2.59 8.98 12.12
CA ARG D 22 -1.82 8.76 13.34
C ARG D 22 -2.63 7.84 14.25
N VAL D 23 -3.94 7.95 14.13
CA VAL D 23 -4.86 7.13 14.87
C VAL D 23 -4.69 5.68 14.40
N VAL D 24 -4.75 5.53 13.08
CA VAL D 24 -4.59 4.22 12.42
C VAL D 24 -3.17 3.68 12.58
N ASN D 25 -2.21 4.55 12.89
CA ASN D 25 -0.83 4.13 13.01
C ASN D 25 -0.37 4.13 14.47
N GLN D 26 -1.35 4.04 15.37
CA GLN D 26 -1.12 3.99 16.82
C GLN D 26 -1.11 5.39 17.40
N ALA D 27 -2.31 5.84 17.68
CA ALA D 27 -2.55 7.17 18.19
C ALA D 27 -2.31 7.26 19.70
N SER D 28 -1.05 7.31 20.09
CA SER D 28 -0.71 7.41 21.51
C SER D 28 -0.67 8.88 21.93
N HIS D 29 -1.01 9.77 21.00
CA HIS D 29 -1.03 11.20 21.25
C HIS D 29 -2.20 11.84 20.51
N VAL D 30 -3.40 11.72 21.08
CA VAL D 30 -4.62 12.25 20.46
C VAL D 30 -5.72 12.40 21.49
N SER D 31 -6.87 12.87 21.05
CA SER D 31 -8.02 13.00 21.92
C SER D 31 -8.99 11.84 21.66
N ALA D 32 -9.97 11.69 22.54
CA ALA D 32 -10.95 10.62 22.42
C ALA D 32 -11.90 10.82 21.25
N LYS D 33 -12.56 12.00 21.22
CA LYS D 33 -13.53 12.32 20.18
C LYS D 33 -12.98 12.08 18.79
N THR D 34 -11.80 12.59 18.55
CA THR D 34 -11.13 12.42 17.28
C THR D 34 -11.12 10.96 16.86
N ARG D 35 -10.74 10.05 17.76
CA ARG D 35 -10.68 8.63 17.44
C ARG D 35 -12.05 8.11 17.03
N GLU D 36 -13.08 8.60 17.72
CA GLU D 36 -14.45 8.18 17.44
C GLU D 36 -14.89 8.65 16.06
N LYS D 37 -14.47 9.86 15.73
CA LYS D 37 -14.82 10.46 14.45
C LYS D 37 -14.09 9.78 13.30
N VAL D 38 -12.81 9.53 13.48
CA VAL D 38 -12.00 8.88 12.45
C VAL D 38 -12.45 7.42 12.28
N GLU D 39 -12.66 6.75 13.41
CA GLU D 39 -13.13 5.37 13.40
C GLU D 39 -14.46 5.31 12.71
N ALA D 40 -15.32 6.29 12.98
CA ALA D 40 -16.61 6.35 12.33
C ALA D 40 -16.41 6.52 10.84
N ALA D 41 -15.63 7.53 10.48
CA ALA D 41 -15.35 7.82 9.10
C ALA D 41 -14.85 6.62 8.31
N MET D 42 -13.84 5.94 8.82
CA MET D 42 -13.30 4.79 8.13
C MET D 42 -14.32 3.67 8.07
N ALA D 43 -15.15 3.58 9.10
CA ALA D 43 -16.15 2.52 9.18
C ALA D 43 -17.25 2.72 8.16
N GLU D 44 -17.70 3.95 8.02
CA GLU D 44 -18.77 4.28 7.08
C GLU D 44 -18.28 4.12 5.66
N LEU D 45 -17.08 4.63 5.40
CA LEU D 45 -16.49 4.56 4.08
C LEU D 45 -15.86 3.18 3.82
N ASN D 46 -16.00 2.29 4.81
CA ASN D 46 -15.44 0.92 4.73
C ASN D 46 -13.92 0.96 4.92
N TYR D 47 -13.27 1.81 4.12
CA TYR D 47 -11.83 2.03 4.14
C TYR D 47 -11.02 0.74 4.32
N ILE D 48 -10.60 0.17 3.20
CA ILE D 48 -9.79 -1.03 3.21
C ILE D 48 -8.41 -0.73 3.84
N PRO D 49 -8.13 -1.33 5.00
CA PRO D 49 -6.87 -1.09 5.72
C PRO D 49 -5.71 -1.94 5.17
N ASN D 50 -5.44 -1.80 3.89
CA ASN D 50 -4.36 -2.56 3.24
C ASN D 50 -3.00 -1.90 3.53
N ARG D 51 -2.64 -1.83 4.81
CA ARG D 51 -1.38 -1.25 5.24
C ARG D 51 -0.85 -2.03 6.44
N CYS D 52 -1.47 -1.80 7.59
CA CYS D 52 -1.11 -2.46 8.84
C CYS D 52 -2.32 -2.48 9.76
N ALA D 53 -3.09 -1.39 9.71
CA ALA D 53 -4.32 -1.26 10.50
C ALA D 53 -4.05 -1.15 11.99
N GLN D 54 -5.13 -1.06 12.75
CA GLN D 54 -5.05 -0.93 14.20
C GLN D 54 -5.26 -2.27 14.89
N GLN D 55 -6.50 -2.73 14.81
CA GLN D 55 -6.92 -3.99 15.42
C GLN D 55 -6.23 -5.20 14.78
N LEU D 56 -5.73 -5.03 13.56
CA LEU D 56 -5.05 -6.11 12.86
C LEU D 56 -3.68 -6.38 13.48
N ALA D 57 -3.08 -5.33 14.04
CA ALA D 57 -1.78 -5.45 14.67
C ALA D 57 -1.94 -5.93 16.12
N GLY D 58 -3.12 -5.66 16.67
CA GLY D 58 -3.41 -6.06 18.04
C GLY D 58 -2.83 -5.09 19.05
N LYS D 59 -2.52 -3.87 18.59
CA LYS D 59 -1.96 -2.86 19.46
C LYS D 59 -2.94 -1.70 19.66
N GLN D 60 -3.24 -0.99 18.57
CA GLN D 60 -4.18 0.13 18.64
C GLN D 60 -5.62 -0.37 18.65
N SER D 61 -6.30 -0.20 19.77
CA SER D 61 -7.68 -0.62 19.92
C SER D 61 -8.37 0.18 21.03
N LEU D 62 -8.10 1.47 21.06
CA LEU D 62 -8.68 2.35 22.07
C LEU D 62 -9.05 3.69 21.45
N MET C 1 17.73 -3.07 6.34
CA MET C 1 16.76 -2.19 7.03
C MET C 1 15.41 -2.23 6.32
N LYS C 2 15.41 -1.95 5.02
CA LYS C 2 14.18 -1.96 4.24
C LYS C 2 14.19 -3.16 3.30
N PRO C 3 13.04 -3.85 3.16
CA PRO C 3 12.91 -5.02 2.29
C PRO C 3 13.16 -4.73 0.81
N VAL C 4 12.10 -4.38 0.09
CA VAL C 4 12.24 -4.10 -1.33
C VAL C 4 11.32 -2.99 -1.78
N THR C 5 11.82 -2.25 -2.74
CA THR C 5 11.08 -1.19 -3.38
C THR C 5 11.09 -1.52 -4.86
N LEU C 6 10.25 -0.87 -5.63
CA LEU C 6 10.22 -1.16 -7.04
C LEU C 6 11.57 -0.89 -7.69
N TYR C 7 12.34 -0.02 -7.06
CA TYR C 7 13.68 0.33 -7.54
C TYR C 7 14.60 -0.89 -7.46
N ASP C 8 14.42 -1.66 -6.41
CA ASP C 8 15.21 -2.85 -6.14
C ASP C 8 14.96 -3.90 -7.19
N VAL C 9 13.69 -4.08 -7.52
CA VAL C 9 13.31 -5.04 -8.51
C VAL C 9 13.79 -4.58 -9.86
N ALA C 10 13.65 -3.29 -10.08
CA ALA C 10 14.06 -2.66 -11.33
C ALA C 10 15.53 -2.88 -11.60
N GLU C 11 16.36 -2.65 -10.59
CA GLU C 11 17.80 -2.82 -10.73
C GLU C 11 18.13 -4.30 -10.89
N TYR C 12 17.58 -5.10 -9.99
CA TYR C 12 17.79 -6.55 -10.01
C TYR C 12 17.29 -7.17 -11.33
N ALA C 13 16.31 -6.54 -11.96
CA ALA C 13 15.77 -7.05 -13.21
C ALA C 13 16.60 -6.57 -14.37
N GLY C 14 17.21 -5.41 -14.17
CA GLY C 14 18.05 -4.82 -15.19
C GLY C 14 17.26 -3.97 -16.13
N VAL C 15 16.27 -3.31 -15.56
CA VAL C 15 15.37 -2.46 -16.31
C VAL C 15 15.07 -1.19 -15.52
N SER C 16 14.87 -0.09 -16.22
CA SER C 16 14.57 1.17 -15.53
C SER C 16 13.37 0.99 -14.63
N TYR C 17 13.37 1.74 -13.55
CA TYR C 17 12.31 1.70 -12.56
C TYR C 17 10.95 1.90 -13.18
N GLN C 18 10.82 2.96 -13.95
CA GLN C 18 9.57 3.31 -14.59
C GLN C 18 9.11 2.21 -15.56
N THR C 19 10.06 1.40 -16.02
CA THR C 19 9.76 0.31 -16.92
C THR C 19 8.95 -0.75 -16.19
N VAL C 20 9.54 -1.32 -15.14
CA VAL C 20 8.89 -2.36 -14.37
C VAL C 20 7.69 -1.81 -13.60
N SER C 21 7.75 -0.53 -13.25
CA SER C 21 6.65 0.12 -12.54
C SER C 21 5.38 -0.02 -13.36
N ARG C 22 5.49 0.22 -14.67
CA ARG C 22 4.36 0.10 -15.57
C ARG C 22 3.99 -1.36 -15.72
N VAL C 23 4.99 -2.21 -15.61
CA VAL C 23 4.82 -3.65 -15.78
C VAL C 23 3.94 -4.22 -14.68
N VAL C 24 4.24 -3.82 -13.46
CA VAL C 24 3.51 -4.28 -12.30
C VAL C 24 2.06 -3.82 -12.30
N ASN C 25 1.73 -2.77 -13.06
CA ASN C 25 0.34 -2.27 -13.03
C ASN C 25 -0.36 -2.21 -14.40
N GLN C 26 0.38 -2.30 -15.50
CA GLN C 26 -0.21 -2.22 -16.85
C GLN C 26 0.88 -2.24 -17.92
N ALA C 27 1.48 -3.39 -18.14
CA ALA C 27 2.53 -3.52 -19.14
C ALA C 27 1.97 -3.84 -20.51
N SER C 28 1.18 -2.92 -21.05
CA SER C 28 0.58 -3.09 -22.37
C SER C 28 1.60 -2.78 -23.47
N HIS C 29 2.70 -2.16 -23.07
CA HIS C 29 3.76 -1.81 -24.00
C HIS C 29 5.11 -2.19 -23.40
N VAL C 30 5.51 -3.44 -23.61
CA VAL C 30 6.77 -3.94 -23.09
C VAL C 30 7.13 -5.25 -23.78
N SER C 31 8.39 -5.63 -23.66
CA SER C 31 8.88 -6.86 -24.27
C SER C 31 8.73 -8.04 -23.32
N ALA C 32 9.01 -9.23 -23.84
CA ALA C 32 8.92 -10.45 -23.04
C ALA C 32 10.04 -10.50 -22.00
N LYS C 33 11.29 -10.38 -22.45
CA LYS C 33 12.44 -10.42 -21.58
C LYS C 33 12.33 -9.46 -20.40
N THR C 34 11.97 -8.22 -20.69
CA THR C 34 11.82 -7.24 -19.64
C THR C 34 10.78 -7.66 -18.61
N ARG C 35 9.66 -8.20 -19.08
CA ARG C 35 8.58 -8.59 -18.17
C ARG C 35 9.02 -9.72 -17.26
N GLU C 36 9.66 -10.72 -17.83
CA GLU C 36 10.12 -11.88 -17.07
C GLU C 36 11.26 -11.46 -16.14
N LYS C 37 12.00 -10.44 -16.54
CA LYS C 37 13.11 -9.93 -15.75
C LYS C 37 12.58 -9.25 -14.49
N VAL C 38 11.57 -8.40 -14.67
CA VAL C 38 10.98 -7.70 -13.53
C VAL C 38 10.29 -8.72 -12.62
N GLU C 39 9.57 -9.64 -13.24
CA GLU C 39 8.88 -10.71 -12.54
C GLU C 39 9.88 -11.55 -11.77
N ALA C 40 10.99 -11.87 -12.40
CA ALA C 40 12.03 -12.64 -11.74
C ALA C 40 12.57 -11.86 -10.57
N ALA C 41 12.97 -10.63 -10.84
CA ALA C 41 13.51 -9.76 -9.81
C ALA C 41 12.61 -9.64 -8.59
N MET C 42 11.36 -9.31 -8.81
CA MET C 42 10.41 -9.16 -7.70
C MET C 42 10.21 -10.49 -6.99
N ALA C 43 10.30 -11.58 -7.76
CA ALA C 43 10.09 -12.92 -7.19
C ALA C 43 11.24 -13.31 -6.27
N GLU C 44 12.45 -13.04 -6.73
CA GLU C 44 13.66 -13.38 -5.97
C GLU C 44 13.78 -12.53 -4.72
N LEU C 45 13.54 -11.24 -4.89
CA LEU C 45 13.63 -10.31 -3.77
C LEU C 45 12.35 -10.36 -2.94
N ASN C 46 11.41 -11.22 -3.36
CA ASN C 46 10.11 -11.39 -2.71
C ASN C 46 9.21 -10.18 -2.96
N TYR C 47 9.80 -9.00 -2.81
CA TYR C 47 9.13 -7.73 -3.05
C TYR C 47 7.82 -7.58 -2.26
N ILE C 48 7.97 -7.12 -1.03
CA ILE C 48 6.84 -6.89 -0.16
C ILE C 48 6.57 -5.38 -0.07
N PRO C 49 5.29 -4.97 -0.18
CA PRO C 49 4.91 -3.55 -0.13
C PRO C 49 5.04 -2.92 1.26
N ASN C 50 6.27 -2.74 1.72
CA ASN C 50 6.52 -2.14 3.01
C ASN C 50 6.68 -0.63 2.87
N ARG C 51 5.59 0.03 2.50
CA ARG C 51 5.60 1.48 2.32
C ARG C 51 4.75 2.15 3.39
N CYS C 52 4.37 1.38 4.39
CA CYS C 52 3.55 1.86 5.48
C CYS C 52 4.16 1.46 6.80
N ALA C 53 4.83 2.41 7.39
CA ALA C 53 5.49 2.25 8.69
C ALA C 53 6.66 1.27 8.61
N GLN C 54 6.68 0.26 9.49
CA GLN C 54 7.75 -0.71 9.54
C GLN C 54 7.25 -2.02 10.11
N GLN C 55 7.02 -2.04 11.42
CA GLN C 55 6.55 -3.23 12.11
C GLN C 55 5.02 -3.35 12.00
N LEU C 56 4.54 -3.51 10.79
CA LEU C 56 3.11 -3.67 10.55
C LEU C 56 2.63 -5.04 11.03
N ALA C 57 2.09 -5.07 12.24
CA ALA C 57 1.60 -6.31 12.82
C ALA C 57 0.44 -6.03 13.78
N GLY C 58 -0.76 -6.02 13.24
CA GLY C 58 -1.94 -5.78 14.05
C GLY C 58 -3.11 -6.62 13.61
N LYS C 59 -2.81 -7.83 13.15
CA LYS C 59 -3.84 -8.75 12.68
C LYS C 59 -4.67 -9.28 13.83
N GLN C 60 -4.01 -9.62 14.93
CA GLN C 60 -4.69 -10.14 16.11
C GLN C 60 -5.38 -9.01 16.90
N SER C 61 -5.11 -7.77 16.48
CA SER C 61 -5.69 -6.58 17.11
C SER C 61 -5.12 -6.30 18.50
N LEU C 62 -5.07 -7.32 19.35
CA LEU C 62 -4.55 -7.18 20.70
C LEU C 62 -3.04 -7.41 20.73
N MET D 1 -13.66 2.79 -8.90
CA MET D 1 -12.24 2.69 -9.25
C MET D 1 -11.39 3.30 -8.15
N LYS D 2 -11.87 4.38 -7.57
CA LYS D 2 -11.14 5.07 -6.51
C LYS D 2 -11.75 4.78 -5.15
N PRO D 3 -11.03 4.03 -4.30
CA PRO D 3 -11.49 3.72 -2.96
C PRO D 3 -11.21 4.89 -2.03
N VAL D 4 -11.54 4.73 -0.76
CA VAL D 4 -11.32 5.78 0.19
C VAL D 4 -9.86 5.84 0.60
N THR D 5 -9.40 7.05 0.69
CA THR D 5 -8.05 7.33 1.13
C THR D 5 -8.17 7.82 2.54
N LEU D 6 -7.12 7.73 3.32
CA LEU D 6 -7.23 8.22 4.68
C LEU D 6 -7.56 9.70 4.67
N TYR D 7 -7.23 10.34 3.54
CA TYR D 7 -7.51 11.75 3.30
C TYR D 7 -9.02 11.98 3.32
N ASP D 8 -9.73 11.02 2.73
CA ASP D 8 -11.18 11.04 2.60
C ASP D 8 -11.81 10.99 3.98
N VAL D 9 -11.27 10.10 4.79
CA VAL D 9 -11.73 9.92 6.14
C VAL D 9 -11.40 11.15 6.95
N ALA D 10 -10.19 11.63 6.74
CA ALA D 10 -9.68 12.81 7.41
C ALA D 10 -10.55 14.03 7.14
N GLU D 11 -10.92 14.22 5.89
CA GLU D 11 -11.75 15.36 5.50
C GLU D 11 -13.12 15.22 6.14
N TYR D 12 -13.69 14.03 5.99
CA TYR D 12 -15.00 13.72 6.55
C TYR D 12 -15.00 13.84 8.06
N ALA D 13 -13.84 13.60 8.68
CA ALA D 13 -13.74 13.65 10.13
C ALA D 13 -13.54 15.10 10.55
N GLY D 14 -12.96 15.86 9.64
CA GLY D 14 -12.71 17.27 9.86
C GLY D 14 -11.40 17.49 10.56
N VAL D 15 -10.48 16.60 10.26
CA VAL D 15 -9.16 16.60 10.87
C VAL D 15 -8.09 16.24 9.85
N SER D 16 -6.89 16.79 10.02
CA SER D 16 -5.76 16.52 9.13
C SER D 16 -5.60 15.02 8.89
N TYR D 17 -5.00 14.70 7.75
CA TYR D 17 -4.79 13.33 7.36
C TYR D 17 -4.09 12.57 8.48
N GLN D 18 -2.88 13.01 8.83
CA GLN D 18 -2.12 12.39 9.94
C GLN D 18 -2.75 12.71 11.28
N THR D 19 -3.87 13.42 11.31
CA THR D 19 -4.53 13.62 12.55
C THR D 19 -5.09 12.25 12.88
N VAL D 20 -5.85 11.79 11.93
CA VAL D 20 -6.45 10.47 11.95
C VAL D 20 -5.47 9.36 11.52
N SER D 21 -4.55 9.67 10.61
CA SER D 21 -3.61 8.67 10.12
C SER D 21 -2.73 8.20 11.25
N ARG D 22 -2.39 9.10 12.15
CA ARG D 22 -1.60 8.75 13.30
C ARG D 22 -2.45 7.85 14.16
N VAL D 23 -3.76 8.09 14.10
CA VAL D 23 -4.75 7.32 14.81
C VAL D 23 -4.79 5.90 14.28
N VAL D 24 -4.91 5.80 12.96
CA VAL D 24 -4.94 4.53 12.25
C VAL D 24 -3.61 3.78 12.34
N ASN D 25 -2.52 4.48 12.64
CA ASN D 25 -1.22 3.82 12.67
C ASN D 25 -0.84 3.35 14.06
N GLN D 26 -1.61 3.77 15.07
CA GLN D 26 -1.39 3.39 16.48
C GLN D 26 -2.09 4.34 17.45
N ALA D 27 -2.02 5.64 17.13
CA ALA D 27 -2.61 6.69 17.95
C ALA D 27 -2.19 6.55 19.41
N SER D 28 -0.89 6.58 19.65
CA SER D 28 -0.33 6.45 20.99
C SER D 28 -0.74 7.63 21.89
N HIS D 29 -1.24 8.68 21.25
CA HIS D 29 -1.68 9.87 21.93
C HIS D 29 -3.09 10.20 21.47
N VAL D 30 -3.32 11.46 21.09
CA VAL D 30 -4.63 11.92 20.59
C VAL D 30 -5.70 11.99 21.69
N SER D 31 -6.72 12.79 21.46
CA SER D 31 -7.82 12.94 22.41
C SER D 31 -8.97 11.99 22.08
N ALA D 32 -10.07 12.11 22.83
CA ALA D 32 -11.24 11.26 22.65
C ALA D 32 -12.02 11.56 21.36
N LYS D 33 -12.65 12.74 21.31
CA LYS D 33 -13.49 13.15 20.17
C LYS D 33 -12.85 12.88 18.81
N THR D 34 -11.59 13.20 18.66
CA THR D 34 -10.91 13.00 17.40
C THR D 34 -10.92 11.55 16.98
N ARG D 35 -10.57 10.65 17.88
CA ARG D 35 -10.50 9.23 17.58
C ARG D 35 -11.84 8.71 17.07
N GLU D 36 -12.90 9.03 17.80
CA GLU D 36 -14.24 8.56 17.44
C GLU D 36 -14.71 9.23 16.16
N LYS D 37 -14.23 10.45 15.91
CA LYS D 37 -14.62 11.18 14.70
C LYS D 37 -13.94 10.55 13.48
N VAL D 38 -12.66 10.21 13.62
CA VAL D 38 -11.93 9.59 12.52
C VAL D 38 -12.48 8.18 12.29
N GLU D 39 -12.71 7.47 13.40
CA GLU D 39 -13.28 6.13 13.35
C GLU D 39 -14.65 6.19 12.70
N ALA D 40 -15.41 7.23 13.04
CA ALA D 40 -16.72 7.42 12.44
C ALA D 40 -16.55 7.64 10.96
N ALA D 41 -15.71 8.59 10.60
CA ALA D 41 -15.46 8.93 9.20
C ALA D 41 -15.10 7.71 8.36
N MET D 42 -14.13 6.92 8.82
CA MET D 42 -13.72 5.73 8.08
C MET D 42 -14.86 4.73 8.03
N ALA D 43 -15.67 4.69 9.09
CA ALA D 43 -16.78 3.75 9.18
C ALA D 43 -17.89 4.11 8.21
N GLU D 44 -18.22 5.39 8.14
CA GLU D 44 -19.28 5.87 7.27
C GLU D 44 -18.88 5.75 5.81
N LEU D 45 -17.67 6.18 5.52
CA LEU D 45 -17.17 6.11 4.14
C LEU D 45 -16.68 4.71 3.81
N ASN D 46 -16.76 3.82 4.79
CA ASN D 46 -16.29 2.42 4.65
C ASN D 46 -14.77 2.37 4.66
N TYR D 47 -14.15 3.31 3.96
CA TYR D 47 -12.71 3.47 3.87
C TYR D 47 -12.07 2.31 3.09
N ILE D 48 -12.06 1.13 3.69
CA ILE D 48 -11.45 -0.04 3.08
C ILE D 48 -9.90 0.11 3.05
N PRO D 49 -9.15 -0.98 3.38
CA PRO D 49 -7.67 -0.98 3.40
C PRO D 49 -7.03 -0.20 2.24
N ASN D 50 -7.63 -0.33 1.06
CA ASN D 50 -7.18 0.35 -0.15
C ASN D 50 -5.85 -0.20 -0.65
N ARG D 51 -4.79 0.00 0.12
CA ARG D 51 -3.46 -0.45 -0.28
C ARG D 51 -2.54 -0.71 0.92
N CYS D 52 -3.09 -0.71 2.13
CA CYS D 52 -2.30 -0.94 3.32
C CYS D 52 -3.17 -1.27 4.50
N ALA D 53 -2.98 -2.47 5.00
CA ALA D 53 -3.74 -2.99 6.12
C ALA D 53 -2.85 -3.90 6.97
N GLN D 54 -3.45 -4.91 7.59
CA GLN D 54 -2.74 -5.90 8.42
C GLN D 54 -2.29 -5.34 9.77
N GLN D 55 -2.22 -4.02 9.90
CA GLN D 55 -1.80 -3.40 11.15
C GLN D 55 -2.84 -2.43 11.65
N LEU D 56 -4.07 -2.59 11.17
CA LEU D 56 -5.17 -1.71 11.57
C LEU D 56 -5.52 -1.92 13.04
N ALA D 57 -5.53 -3.19 13.46
CA ALA D 57 -5.85 -3.55 14.84
C ALA D 57 -7.17 -2.94 15.28
N GLY D 58 -8.21 -3.14 14.45
CA GLY D 58 -9.52 -2.60 14.74
C GLY D 58 -10.03 -2.95 16.11
N LYS D 59 -10.56 -1.95 16.80
CA LYS D 59 -11.11 -2.11 18.14
C LYS D 59 -12.09 -1.00 18.42
N GLN D 60 -12.52 -0.88 19.69
CA GLN D 60 -13.47 0.15 20.12
C GLN D 60 -14.84 -0.02 19.45
N SER D 61 -14.96 0.48 18.23
CA SER D 61 -16.21 0.41 17.49
C SER D 61 -16.37 -0.95 16.79
N LEU D 62 -16.27 -2.03 17.55
CA LEU D 62 -16.41 -3.38 17.01
C LEU D 62 -17.12 -4.28 18.03
N MET C 1 12.77 -8.21 6.99
CA MET C 1 11.48 -7.49 7.07
C MET C 1 11.09 -6.93 5.70
N LYS C 2 11.56 -5.73 5.39
CA LYS C 2 11.27 -5.10 4.10
C LYS C 2 12.58 -4.82 3.37
N PRO C 3 13.06 -5.80 2.58
CA PRO C 3 14.31 -5.68 1.85
C PRO C 3 14.16 -5.29 0.38
N VAL C 4 12.94 -5.09 -0.08
CA VAL C 4 12.76 -4.74 -1.48
C VAL C 4 11.75 -3.63 -1.71
N THR C 5 12.06 -2.88 -2.75
CA THR C 5 11.25 -1.81 -3.27
C THR C 5 11.17 -2.06 -4.75
N LEU C 6 10.27 -1.41 -5.46
CA LEU C 6 10.19 -1.67 -6.88
C LEU C 6 11.49 -1.32 -7.59
N TYR C 7 12.29 -0.47 -6.94
CA TYR C 7 13.59 -0.06 -7.47
C TYR C 7 14.56 -1.23 -7.55
N ASP C 8 14.47 -2.09 -6.54
CA ASP C 8 15.34 -3.25 -6.39
C ASP C 8 15.09 -4.25 -7.48
N VAL C 9 13.82 -4.50 -7.76
CA VAL C 9 13.44 -5.45 -8.78
C VAL C 9 13.85 -4.89 -10.13
N ALA C 10 13.65 -3.60 -10.25
CA ALA C 10 13.98 -2.89 -11.48
C ALA C 10 15.45 -3.03 -11.82
N GLU C 11 16.29 -2.82 -10.83
CA GLU C 11 17.74 -2.90 -11.03
C GLU C 11 18.13 -4.34 -11.34
N TYR C 12 17.63 -5.25 -10.51
CA TYR C 12 17.90 -6.65 -10.66
C TYR C 12 17.39 -7.20 -11.98
N ALA C 13 16.32 -6.60 -12.50
CA ALA C 13 15.75 -7.07 -13.76
C ALA C 13 16.54 -6.48 -14.92
N GLY C 14 17.12 -5.32 -14.65
CA GLY C 14 17.91 -4.64 -15.64
C GLY C 14 17.06 -3.74 -16.46
N VAL C 15 16.07 -3.18 -15.81
CA VAL C 15 15.12 -2.29 -16.43
C VAL C 15 14.77 -1.15 -15.52
N SER C 16 14.51 0.01 -16.12
CA SER C 16 14.19 1.19 -15.34
C SER C 16 13.01 0.91 -14.42
N TYR C 17 13.03 1.60 -13.32
CA TYR C 17 12.00 1.50 -12.29
C TYR C 17 10.60 1.59 -12.85
N GLN C 18 10.38 2.63 -13.64
CA GLN C 18 9.07 2.89 -14.22
C GLN C 18 8.64 1.78 -15.18
N THR C 19 9.60 1.10 -15.78
CA THR C 19 9.33 0.01 -16.70
C THR C 19 8.61 -1.12 -16.00
N VAL C 20 9.26 -1.71 -15.01
CA VAL C 20 8.69 -2.84 -14.27
C VAL C 20 7.52 -2.38 -13.41
N SER C 21 7.55 -1.13 -12.97
CA SER C 21 6.46 -0.57 -12.18
C SER C 21 5.16 -0.68 -12.98
N ARG C 22 5.24 -0.29 -14.25
CA ARG C 22 4.08 -0.33 -15.13
C ARG C 22 3.72 -1.79 -15.45
N VAL C 23 4.71 -2.66 -15.33
CA VAL C 23 4.52 -4.07 -15.59
C VAL C 23 3.56 -4.64 -14.55
N VAL C 24 3.88 -4.38 -13.28
CA VAL C 24 3.05 -4.83 -12.17
C VAL C 24 1.69 -4.13 -12.17
N ASN C 25 1.62 -2.98 -12.85
CA ASN C 25 0.38 -2.19 -12.88
C ASN C 25 -0.40 -2.38 -14.18
N GLN C 26 -0.02 -3.41 -14.95
CA GLN C 26 -0.70 -3.77 -16.21
C GLN C 26 -0.07 -3.04 -17.37
N ALA C 27 0.91 -3.68 -17.95
CA ALA C 27 1.64 -3.14 -19.07
C ALA C 27 0.91 -3.45 -20.37
N SER C 28 0.42 -2.41 -21.03
CA SER C 28 -0.33 -2.56 -22.27
C SER C 28 0.58 -2.99 -23.42
N HIS C 29 1.87 -2.72 -23.31
CA HIS C 29 2.82 -3.09 -24.33
C HIS C 29 4.01 -3.79 -23.68
N VAL C 30 5.22 -3.28 -23.92
CA VAL C 30 6.44 -3.85 -23.35
C VAL C 30 6.78 -5.20 -24.01
N SER C 31 8.05 -5.57 -23.97
CA SER C 31 8.49 -6.81 -24.57
C SER C 31 8.33 -7.99 -23.61
N ALA C 32 8.36 -9.19 -24.17
CA ALA C 32 8.24 -10.42 -23.40
C ALA C 32 9.38 -10.53 -22.40
N LYS C 33 10.61 -10.49 -22.91
CA LYS C 33 11.82 -10.61 -22.08
C LYS C 33 11.80 -9.62 -20.92
N THR C 34 11.15 -8.50 -21.11
CA THR C 34 11.08 -7.51 -20.07
C THR C 34 10.20 -7.95 -18.92
N ARG C 35 9.00 -8.39 -19.23
CA ARG C 35 8.07 -8.82 -18.21
C ARG C 35 8.66 -9.96 -17.40
N GLU C 36 9.22 -10.92 -18.09
CA GLU C 36 9.82 -12.09 -17.44
C GLU C 36 11.07 -11.69 -16.66
N LYS C 37 11.76 -10.64 -17.10
CA LYS C 37 12.95 -10.19 -16.40
C LYS C 37 12.55 -9.47 -15.11
N VAL C 38 11.50 -8.64 -15.19
CA VAL C 38 11.02 -7.95 -14.00
C VAL C 38 10.39 -8.98 -13.06
N GLU C 39 9.60 -9.88 -13.66
CA GLU C 39 8.95 -10.96 -12.93
C GLU C 39 10.00 -11.80 -12.24
N ALA C 40 11.08 -12.13 -12.97
CA ALA C 40 12.16 -12.89 -12.40
C ALA C 40 12.75 -12.13 -11.24
N ALA C 41 13.15 -10.89 -11.50
CA ALA C 41 13.75 -10.06 -10.48
C ALA C 41 12.93 -10.00 -9.19
N MET C 42 11.65 -9.71 -9.31
CA MET C 42 10.79 -9.63 -8.14
C MET C 42 10.67 -11.01 -7.48
N ALA C 43 10.73 -12.06 -8.29
CA ALA C 43 10.59 -13.41 -7.79
C ALA C 43 11.82 -13.84 -7.00
N GLU C 44 12.98 -13.55 -7.55
CA GLU C 44 14.24 -13.90 -6.92
C GLU C 44 14.47 -13.08 -5.66
N LEU C 45 14.18 -11.78 -5.76
CA LEU C 45 14.35 -10.89 -4.62
C LEU C 45 13.15 -10.99 -3.68
N ASN C 46 12.19 -11.84 -4.02
CA ASN C 46 10.97 -12.05 -3.23
C ASN C 46 10.01 -10.87 -3.40
N TYR C 47 10.56 -9.66 -3.32
CA TYR C 47 9.80 -8.42 -3.48
C TYR C 47 8.61 -8.35 -2.53
N ILE C 48 8.88 -7.93 -1.31
CA ILE C 48 7.85 -7.78 -0.29
C ILE C 48 6.98 -6.56 -0.58
N PRO C 49 5.64 -6.72 -0.53
CA PRO C 49 4.70 -5.63 -0.78
C PRO C 49 4.86 -4.45 0.18
N ASN C 50 4.57 -3.26 -0.31
CA ASN C 50 4.68 -2.05 0.49
C ASN C 50 3.31 -1.38 0.63
N ARG C 51 3.23 -0.11 0.24
CA ARG C 51 1.99 0.67 0.31
C ARG C 51 1.44 0.71 1.74
N CYS C 52 2.35 0.89 2.70
CA CYS C 52 2.02 0.97 4.12
C CYS C 52 3.30 1.01 4.91
N ALA C 53 3.31 1.92 5.85
CA ALA C 53 4.46 2.13 6.71
C ALA C 53 4.04 2.64 8.07
N GLN C 54 3.93 1.73 9.03
CA GLN C 54 3.52 2.07 10.38
C GLN C 54 4.73 2.23 11.29
N GLN C 55 5.86 2.56 10.67
CA GLN C 55 7.12 2.73 11.38
C GLN C 55 8.19 3.30 10.43
N LEU C 56 8.20 2.75 9.22
CA LEU C 56 9.16 3.17 8.18
C LEU C 56 10.60 3.05 8.71
N ALA C 57 11.50 3.84 8.12
CA ALA C 57 12.89 3.82 8.53
C ALA C 57 13.24 5.13 9.23
N GLY C 58 12.23 5.96 9.43
CA GLY C 58 12.44 7.24 10.08
C GLY C 58 12.54 7.10 11.58
N LYS C 59 11.43 6.75 12.21
CA LYS C 59 11.40 6.57 13.66
C LYS C 59 12.11 5.28 14.04
N GLN C 60 11.96 4.26 13.21
CA GLN C 60 12.59 2.97 13.46
C GLN C 60 13.92 2.88 12.71
N SER C 61 14.83 3.77 13.06
CA SER C 61 16.14 3.80 12.44
C SER C 61 17.17 3.11 13.33
N LEU C 62 17.58 3.82 14.39
CA LEU C 62 18.56 3.32 15.35
C LEU C 62 19.84 2.84 14.66
N MET D 1 -15.85 3.36 -8.65
CA MET D 1 -14.50 2.95 -9.08
C MET D 1 -13.45 3.52 -8.13
N LYS D 2 -13.91 4.25 -7.13
CA LYS D 2 -13.01 4.87 -6.15
C LYS D 2 -13.35 4.43 -4.74
N PRO D 3 -12.41 3.78 -4.05
CA PRO D 3 -12.60 3.34 -2.68
C PRO D 3 -12.26 4.46 -1.71
N VAL D 4 -11.93 4.10 -0.49
CA VAL D 4 -11.59 5.09 0.52
C VAL D 4 -10.11 5.14 0.75
N THR D 5 -9.66 6.35 0.88
CA THR D 5 -8.28 6.66 1.18
C THR D 5 -8.32 7.19 2.59
N LEU D 6 -7.24 7.10 3.34
CA LEU D 6 -7.32 7.61 4.71
C LEU D 6 -7.67 9.10 4.71
N TYR D 7 -7.41 9.73 3.58
CA TYR D 7 -7.73 11.14 3.35
C TYR D 7 -9.24 11.37 3.42
N ASP D 8 -9.97 10.35 2.96
CA ASP D 8 -11.43 10.37 2.89
C ASP D 8 -12.01 10.42 4.28
N VAL D 9 -11.47 9.58 5.15
CA VAL D 9 -11.90 9.48 6.52
C VAL D 9 -11.53 10.75 7.24
N ALA D 10 -10.33 11.20 6.95
CA ALA D 10 -9.78 12.42 7.55
C ALA D 10 -10.67 13.62 7.25
N GLU D 11 -11.08 13.75 6.01
CA GLU D 11 -11.92 14.86 5.58
C GLU D 11 -13.28 14.75 6.24
N TYR D 12 -13.85 13.56 6.14
CA TYR D 12 -15.16 13.28 6.74
C TYR D 12 -15.14 13.48 8.25
N ALA D 13 -13.98 13.28 8.87
CA ALA D 13 -13.87 13.43 10.31
C ALA D 13 -13.62 14.90 10.65
N GLY D 14 -13.03 15.60 9.69
CA GLY D 14 -12.74 17.02 9.83
C GLY D 14 -11.42 17.25 10.47
N VAL D 15 -10.52 16.33 10.21
CA VAL D 15 -9.21 16.34 10.82
C VAL D 15 -8.14 15.95 9.82
N SER D 16 -6.94 16.49 9.99
CA SER D 16 -5.81 16.21 9.10
C SER D 16 -5.68 14.72 8.86
N TYR D 17 -5.05 14.38 7.77
CA TYR D 17 -4.86 13.00 7.40
C TYR D 17 -4.16 12.27 8.51
N GLN D 18 -3.01 12.75 8.91
CA GLN D 18 -2.33 12.09 10.03
C GLN D 18 -2.93 12.42 11.38
N THR D 19 -4.09 13.06 11.40
CA THR D 19 -4.76 13.25 12.66
C THR D 19 -5.25 11.86 12.99
N VAL D 20 -6.07 11.41 12.06
CA VAL D 20 -6.68 10.11 12.08
C VAL D 20 -5.69 9.00 11.64
N SER D 21 -4.78 9.33 10.72
CA SER D 21 -3.81 8.34 10.24
C SER D 21 -2.94 7.92 11.40
N ARG D 22 -2.68 8.87 12.31
CA ARG D 22 -1.91 8.61 13.51
C ARG D 22 -2.74 7.73 14.41
N VAL D 23 -4.05 7.92 14.30
CA VAL D 23 -5.01 7.15 15.04
C VAL D 23 -4.92 5.69 14.57
N VAL D 24 -4.99 5.52 13.25
CA VAL D 24 -4.87 4.20 12.61
C VAL D 24 -3.45 3.64 12.77
N ASN D 25 -2.49 4.51 13.03
CA ASN D 25 -1.09 4.09 13.15
C ASN D 25 -0.67 3.98 14.61
N GLN D 26 -1.68 3.90 15.49
CA GLN D 26 -1.49 3.74 16.93
C GLN D 26 -1.41 5.12 17.57
N ALA D 27 -2.59 5.67 17.77
CA ALA D 27 -2.74 7.00 18.33
C ALA D 27 -2.39 7.05 19.80
N SER D 28 -1.11 7.24 20.09
CA SER D 28 -0.64 7.34 21.46
C SER D 28 -0.80 8.76 21.99
N HIS D 29 -1.02 9.71 21.08
CA HIS D 29 -1.20 11.10 21.45
C HIS D 29 -2.33 11.72 20.66
N VAL D 30 -3.54 11.59 21.18
CA VAL D 30 -4.75 12.12 20.55
C VAL D 30 -5.80 12.41 21.61
N SER D 31 -6.88 13.07 21.21
CA SER D 31 -7.96 13.36 22.15
C SER D 31 -9.07 12.33 22.03
N ALA D 32 -10.08 12.45 22.88
CA ALA D 32 -11.21 11.52 22.88
C ALA D 32 -12.11 11.68 21.65
N LYS D 33 -12.80 12.82 21.56
CA LYS D 33 -13.72 13.09 20.44
C LYS D 33 -13.09 12.79 19.09
N THR D 34 -11.88 13.28 18.89
CA THR D 34 -11.16 13.06 17.66
C THR D 34 -11.14 11.58 17.26
N ARG D 35 -10.87 10.71 18.21
CA ARG D 35 -10.81 9.28 17.94
C ARG D 35 -12.17 8.80 17.47
N GLU D 36 -13.20 9.28 18.13
CA GLU D 36 -14.57 8.91 17.82
C GLU D 36 -14.97 9.47 16.45
N LYS D 37 -14.42 10.62 16.11
CA LYS D 37 -14.70 11.28 14.84
C LYS D 37 -14.06 10.50 13.69
N VAL D 38 -12.79 10.16 13.86
CA VAL D 38 -12.09 9.41 12.82
C VAL D 38 -12.70 8.02 12.70
N GLU D 39 -12.97 7.40 13.85
CA GLU D 39 -13.59 6.08 13.89
C GLU D 39 -14.95 6.13 13.23
N ALA D 40 -15.72 7.18 13.51
CA ALA D 40 -17.01 7.35 12.89
C ALA D 40 -16.82 7.50 11.40
N ALA D 41 -15.95 8.43 11.02
CA ALA D 41 -15.67 8.69 9.62
C ALA D 41 -15.31 7.44 8.84
N MET D 42 -14.36 6.67 9.35
CA MET D 42 -13.94 5.45 8.68
C MET D 42 -15.08 4.44 8.66
N ALA D 43 -15.92 4.47 9.69
CA ALA D 43 -17.03 3.53 9.80
C ALA D 43 -18.11 3.83 8.78
N GLU D 44 -18.46 5.10 8.66
CA GLU D 44 -19.50 5.53 7.73
C GLU D 44 -19.06 5.31 6.29
N LEU D 45 -17.82 5.69 6.02
CA LEU D 45 -17.27 5.52 4.68
C LEU D 45 -16.78 4.10 4.47
N ASN D 46 -16.95 3.27 5.50
CA ASN D 46 -16.52 1.85 5.46
C ASN D 46 -15.00 1.74 5.57
N TYR D 47 -14.29 2.57 4.79
CA TYR D 47 -12.84 2.63 4.77
C TYR D 47 -12.20 1.24 4.67
N ILE D 48 -12.13 0.75 3.45
CA ILE D 48 -11.54 -0.56 3.19
C ILE D 48 -10.01 -0.47 3.30
N PRO D 49 -9.40 -1.36 4.10
CA PRO D 49 -7.94 -1.38 4.29
C PRO D 49 -7.22 -1.79 3.00
N ASN D 50 -6.46 -0.85 2.44
CA ASN D 50 -5.72 -1.10 1.21
C ASN D 50 -4.70 -2.22 1.37
N ARG D 51 -3.76 -2.03 2.30
CA ARG D 51 -2.73 -3.02 2.55
C ARG D 51 -2.14 -2.88 3.94
N CYS D 52 -2.99 -2.61 4.92
CA CYS D 52 -2.53 -2.44 6.29
C CYS D 52 -3.37 -3.26 7.25
N ALA D 53 -4.69 -3.18 7.12
CA ALA D 53 -5.60 -3.93 7.96
C ALA D 53 -5.58 -3.41 9.40
N GLN D 54 -6.16 -4.17 10.31
CA GLN D 54 -6.21 -3.79 11.72
C GLN D 54 -5.53 -4.87 12.57
N GLN D 55 -6.24 -5.34 13.59
CA GLN D 55 -5.70 -6.37 14.49
C GLN D 55 -5.80 -7.76 13.85
N LEU D 56 -5.22 -7.88 12.66
CA LEU D 56 -5.23 -9.15 11.94
C LEU D 56 -3.82 -9.74 11.88
N ALA D 57 -2.82 -8.86 11.92
CA ALA D 57 -1.43 -9.30 11.86
C ALA D 57 -1.06 -10.10 13.10
N GLY D 58 -0.84 -11.40 12.91
CA GLY D 58 -0.48 -12.25 14.01
C GLY D 58 -1.67 -12.65 14.86
N LYS D 59 -2.86 -12.51 14.29
CA LYS D 59 -4.09 -12.86 14.99
C LYS D 59 -5.09 -13.52 14.05
N GLN D 60 -5.09 -13.08 12.81
CA GLN D 60 -5.97 -13.62 11.80
C GLN D 60 -5.19 -13.96 10.54
N SER D 61 -5.90 -14.18 9.45
CA SER D 61 -5.28 -14.51 8.19
C SER D 61 -5.50 -13.38 7.19
N LEU D 62 -4.57 -13.22 6.28
CA LEU D 62 -4.65 -12.18 5.27
C LEU D 62 -4.73 -12.82 3.89
N MET C 1 18.39 -6.87 4.15
CA MET C 1 17.01 -6.70 4.67
C MET C 1 16.08 -7.71 4.01
N LYS C 2 14.80 -7.65 4.36
CA LYS C 2 13.80 -8.55 3.80
C LYS C 2 12.86 -7.80 2.83
N PRO C 3 12.31 -6.62 3.22
CA PRO C 3 11.43 -5.84 2.34
C PRO C 3 12.06 -5.47 1.00
N VAL C 4 11.20 -5.24 0.01
CA VAL C 4 11.64 -4.88 -1.34
C VAL C 4 10.79 -3.75 -1.87
N THR C 5 11.43 -2.87 -2.58
CA THR C 5 10.76 -1.75 -3.22
C THR C 5 10.71 -2.03 -4.69
N LEU C 6 9.85 -1.37 -5.40
CA LEU C 6 9.77 -1.59 -6.83
C LEU C 6 11.12 -1.28 -7.49
N TYR C 7 11.89 -0.42 -6.84
CA TYR C 7 13.23 -0.04 -7.31
C TYR C 7 14.16 -1.25 -7.29
N ASP C 8 13.97 -2.05 -6.26
CA ASP C 8 14.76 -3.25 -6.00
C ASP C 8 14.54 -4.25 -7.10
N VAL C 9 13.27 -4.45 -7.45
CA VAL C 9 12.92 -5.37 -8.49
C VAL C 9 13.40 -4.85 -9.82
N ALA C 10 13.22 -3.55 -9.99
CA ALA C 10 13.60 -2.86 -11.21
C ALA C 10 15.09 -3.04 -11.49
N GLU C 11 15.89 -2.83 -10.47
CA GLU C 11 17.33 -2.96 -10.58
C GLU C 11 17.70 -4.41 -10.84
N TYR C 12 17.16 -5.28 -10.01
CA TYR C 12 17.40 -6.71 -10.11
C TYR C 12 16.93 -7.27 -11.45
N ALA C 13 15.92 -6.64 -12.04
CA ALA C 13 15.38 -7.10 -13.31
C ALA C 13 16.20 -6.55 -14.46
N GLY C 14 16.80 -5.41 -14.21
CA GLY C 14 17.64 -4.77 -15.18
C GLY C 14 16.83 -3.87 -16.08
N VAL C 15 15.84 -3.25 -15.46
CA VAL C 15 14.93 -2.37 -16.16
C VAL C 15 14.62 -1.15 -15.31
N SER C 16 14.43 -0.01 -15.95
CA SER C 16 14.14 1.20 -15.21
C SER C 16 12.90 1.01 -14.35
N TYR C 17 12.92 1.64 -13.20
CA TYR C 17 11.84 1.56 -12.24
C TYR C 17 10.47 1.75 -12.87
N GLN C 18 10.33 2.82 -13.64
CA GLN C 18 9.05 3.14 -14.28
C GLN C 18 8.63 2.06 -15.29
N THR C 19 9.60 1.27 -15.76
CA THR C 19 9.31 0.20 -16.70
C THR C 19 8.51 -0.90 -16.00
N VAL C 20 9.11 -1.49 -14.98
CA VAL C 20 8.47 -2.56 -14.23
C VAL C 20 7.28 -2.05 -13.42
N SER C 21 7.35 -0.79 -13.02
CA SER C 21 6.25 -0.18 -12.27
C SER C 21 4.95 -0.28 -13.07
N ARG C 22 5.04 0.04 -14.37
CA ARG C 22 3.91 -0.03 -15.26
C ARG C 22 3.54 -1.49 -15.50
N VAL C 23 4.55 -2.34 -15.42
CA VAL C 23 4.39 -3.76 -15.62
C VAL C 23 3.54 -4.35 -14.52
N VAL C 24 3.91 -4.01 -13.28
CA VAL C 24 3.20 -4.49 -12.11
C VAL C 24 1.77 -3.96 -12.05
N ASN C 25 1.51 -2.88 -12.79
CA ASN C 25 0.17 -2.30 -12.77
C ASN C 25 -0.72 -2.87 -13.87
N GLN C 26 -0.11 -3.57 -14.84
CA GLN C 26 -0.83 -4.23 -15.96
C GLN C 26 0.08 -4.38 -17.18
N ALA C 27 0.84 -3.33 -17.47
CA ALA C 27 1.74 -3.29 -18.63
C ALA C 27 0.95 -3.37 -19.95
N SER C 28 1.66 -3.25 -21.06
CA SER C 28 1.04 -3.30 -22.38
C SER C 28 2.12 -3.32 -23.46
N HIS C 29 2.69 -2.14 -23.72
CA HIS C 29 3.74 -1.99 -24.71
C HIS C 29 5.08 -2.21 -24.04
N VAL C 30 5.37 -3.48 -23.78
CA VAL C 30 6.60 -3.91 -23.12
C VAL C 30 7.08 -5.20 -23.76
N SER C 31 8.40 -5.42 -23.77
CA SER C 31 8.96 -6.63 -24.37
C SER C 31 8.71 -7.85 -23.50
N ALA C 32 8.85 -9.03 -24.12
CA ALA C 32 8.65 -10.29 -23.44
C ALA C 32 9.67 -10.49 -22.32
N LYS C 33 10.95 -10.50 -22.69
CA LYS C 33 12.06 -10.68 -21.74
C LYS C 33 11.91 -9.75 -20.56
N THR C 34 11.61 -8.50 -20.85
CA THR C 34 11.41 -7.50 -19.83
C THR C 34 10.45 -7.98 -18.75
N ARG C 35 9.31 -8.52 -19.16
CA ARG C 35 8.32 -8.98 -18.21
C ARG C 35 8.88 -10.15 -17.41
N GLU C 36 9.66 -10.99 -18.09
CA GLU C 36 10.27 -12.14 -17.46
C GLU C 36 11.30 -11.69 -16.45
N LYS C 37 11.95 -10.58 -16.75
CA LYS C 37 12.97 -10.03 -15.89
C LYS C 37 12.33 -9.39 -14.66
N VAL C 38 11.31 -8.58 -14.87
CA VAL C 38 10.63 -7.93 -13.74
C VAL C 38 9.98 -9.00 -12.86
N GLU C 39 9.29 -9.94 -13.51
CA GLU C 39 8.63 -11.04 -12.84
C GLU C 39 9.65 -11.84 -12.05
N ALA C 40 10.77 -12.18 -12.71
CA ALA C 40 11.83 -12.92 -12.05
C ALA C 40 12.32 -12.14 -10.86
N ALA C 41 12.70 -10.90 -11.11
CA ALA C 41 13.22 -10.03 -10.06
C ALA C 41 12.32 -9.96 -8.85
N MET C 42 11.04 -9.65 -9.05
CA MET C 42 10.12 -9.55 -7.94
C MET C 42 9.93 -10.91 -7.28
N ALA C 43 10.00 -11.98 -8.08
CA ALA C 43 9.80 -13.33 -7.57
C ALA C 43 10.98 -13.77 -6.71
N GLU C 44 12.18 -13.48 -7.19
CA GLU C 44 13.39 -13.86 -6.47
C GLU C 44 13.52 -13.05 -5.20
N LEU C 45 13.26 -11.76 -5.30
CA LEU C 45 13.36 -10.88 -4.15
C LEU C 45 12.10 -10.99 -3.29
N ASN C 46 11.17 -11.84 -3.72
CA ASN C 46 9.89 -12.06 -3.01
C ASN C 46 8.96 -10.86 -3.22
N TYR C 47 9.49 -9.67 -2.94
CA TYR C 47 8.78 -8.40 -3.12
C TYR C 47 7.39 -8.41 -2.48
N ILE C 48 7.34 -8.08 -1.20
CA ILE C 48 6.07 -8.02 -0.46
C ILE C 48 5.92 -6.65 0.20
N PRO C 49 6.87 -6.23 1.07
CA PRO C 49 6.80 -4.96 1.75
C PRO C 49 7.63 -3.88 1.07
N ASN C 50 6.93 -2.93 0.44
CA ASN C 50 7.59 -1.82 -0.24
C ASN C 50 7.83 -0.66 0.71
N ARG C 51 6.99 -0.61 1.75
CA ARG C 51 7.03 0.43 2.77
C ARG C 51 5.79 0.28 3.64
N CYS C 52 4.72 -0.20 3.00
CA CYS C 52 3.44 -0.43 3.64
C CYS C 52 2.52 -1.12 2.67
N ALA C 53 2.26 -0.46 1.55
CA ALA C 53 1.39 -0.98 0.55
C ALA C 53 1.35 -0.02 -0.63
N GLN C 54 0.43 -0.24 -1.57
CA GLN C 54 0.30 0.62 -2.72
C GLN C 54 -1.12 1.11 -2.82
N GLN C 55 -1.36 2.03 -3.75
CA GLN C 55 -2.69 2.58 -3.96
C GLN C 55 -3.48 1.66 -4.88
N LEU C 56 -3.07 0.39 -4.93
CA LEU C 56 -3.72 -0.59 -5.78
C LEU C 56 -4.11 -1.81 -4.97
N ALA C 57 -5.34 -2.28 -5.17
CA ALA C 57 -5.85 -3.45 -4.46
C ALA C 57 -6.13 -4.57 -5.45
N GLY C 58 -5.46 -4.51 -6.60
CA GLY C 58 -5.64 -5.51 -7.62
C GLY C 58 -5.80 -4.88 -8.98
N LYS C 59 -4.70 -4.76 -9.71
CA LYS C 59 -4.72 -4.16 -11.04
C LYS C 59 -3.83 -4.96 -11.98
N GLN C 60 -4.45 -5.68 -12.89
CA GLN C 60 -3.74 -6.50 -13.85
C GLN C 60 -4.60 -6.72 -15.09
N SER C 61 -5.07 -5.61 -15.67
CA SER C 61 -5.93 -5.65 -16.84
C SER C 61 -5.14 -5.83 -18.13
N LEU C 62 -3.81 -5.68 -18.03
CA LEU C 62 -2.91 -5.81 -19.17
C LEU C 62 -3.18 -4.73 -20.21
N MET D 1 -18.17 0.07 -2.24
CA MET D 1 -18.01 0.81 -3.49
C MET D 1 -16.91 1.86 -3.36
N LYS D 2 -15.86 1.70 -4.16
CA LYS D 2 -14.72 2.61 -4.18
C LYS D 2 -13.92 2.53 -2.87
N PRO D 3 -12.74 1.88 -2.92
CA PRO D 3 -11.87 1.74 -1.76
C PRO D 3 -11.47 3.09 -1.17
N VAL D 4 -11.81 3.29 0.09
CA VAL D 4 -11.50 4.53 0.79
C VAL D 4 -10.02 4.66 1.05
N THR D 5 -9.58 5.87 0.89
CA THR D 5 -8.21 6.25 1.15
C THR D 5 -8.20 6.83 2.54
N LEU D 6 -7.09 6.75 3.28
CA LEU D 6 -7.11 7.32 4.62
C LEU D 6 -7.41 8.82 4.55
N TYR D 7 -7.15 9.38 3.37
CA TYR D 7 -7.41 10.78 3.07
C TYR D 7 -8.93 11.05 3.12
N ASP D 8 -9.67 10.05 2.66
CA ASP D 8 -11.13 10.10 2.57
C ASP D 8 -11.73 10.18 3.95
N VAL D 9 -11.19 9.37 4.85
CA VAL D 9 -11.65 9.33 6.22
C VAL D 9 -11.31 10.64 6.89
N ALA D 10 -10.11 11.10 6.61
CA ALA D 10 -9.60 12.34 7.16
C ALA D 10 -10.48 13.53 6.79
N GLU D 11 -10.84 13.60 5.52
CA GLU D 11 -11.68 14.69 5.03
C GLU D 11 -13.05 14.60 5.68
N TYR D 12 -13.61 13.39 5.63
CA TYR D 12 -14.91 13.10 6.19
C TYR D 12 -14.94 13.37 7.69
N ALA D 13 -13.79 13.24 8.35
CA ALA D 13 -13.70 13.46 9.78
C ALA D 13 -13.48 14.94 10.07
N GLY D 14 -12.89 15.62 9.08
CA GLY D 14 -12.63 17.03 9.16
C GLY D 14 -11.32 17.31 9.84
N VAL D 15 -10.40 16.38 9.64
CA VAL D 15 -9.10 16.43 10.27
C VAL D 15 -7.99 16.00 9.31
N SER D 16 -6.79 16.53 9.51
CA SER D 16 -5.64 16.18 8.66
C SER D 16 -5.48 14.67 8.57
N TYR D 17 -4.92 14.23 7.46
CA TYR D 17 -4.70 12.83 7.21
C TYR D 17 -4.06 12.17 8.39
N GLN D 18 -2.89 12.67 8.78
CA GLN D 18 -2.18 12.07 9.92
C GLN D 18 -2.79 12.39 11.25
N THR D 19 -4.01 12.97 11.24
CA THR D 19 -4.75 13.20 12.47
C THR D 19 -5.29 11.81 12.78
N VAL D 20 -6.12 11.37 11.84
CA VAL D 20 -6.71 10.06 11.86
C VAL D 20 -5.71 8.97 11.47
N SER D 21 -4.75 9.31 10.61
CA SER D 21 -3.75 8.34 10.18
C SER D 21 -2.94 7.91 11.38
N ARG D 22 -2.68 8.86 12.25
CA ARG D 22 -1.94 8.60 13.46
C ARG D 22 -2.80 7.72 14.35
N VAL D 23 -4.10 7.88 14.17
CA VAL D 23 -5.08 7.10 14.88
C VAL D 23 -4.95 5.64 14.45
N VAL D 24 -4.95 5.44 13.14
CA VAL D 24 -4.79 4.11 12.56
C VAL D 24 -3.37 3.56 12.78
N ASN D 25 -2.43 4.47 13.03
CA ASN D 25 -1.02 4.08 13.20
C ASN D 25 -0.65 3.99 14.67
N GLN D 26 -1.68 3.84 15.51
CA GLN D 26 -1.56 3.69 16.97
C GLN D 26 -1.72 5.05 17.61
N ALA D 27 -2.98 5.41 17.79
CA ALA D 27 -3.35 6.68 18.36
C ALA D 27 -3.15 6.72 19.87
N SER D 28 -1.91 6.57 20.30
CA SER D 28 -1.59 6.61 21.73
C SER D 28 -1.57 8.04 22.22
N HIS D 29 -1.47 8.97 21.28
CA HIS D 29 -1.43 10.39 21.59
C HIS D 29 -2.48 11.14 20.80
N VAL D 30 -3.73 11.06 21.25
CA VAL D 30 -4.87 11.70 20.56
C VAL D 30 -5.97 12.02 21.58
N SER D 31 -6.79 13.01 21.26
CA SER D 31 -7.89 13.40 22.13
C SER D 31 -9.14 12.58 21.83
N ALA D 32 -10.14 12.68 22.71
CA ALA D 32 -11.39 11.95 22.59
C ALA D 32 -12.13 12.23 21.28
N LYS D 33 -12.70 13.43 21.17
CA LYS D 33 -13.49 13.84 19.98
C LYS D 33 -12.83 13.46 18.67
N THR D 34 -11.52 13.59 18.58
CA THR D 34 -10.83 13.27 17.36
C THR D 34 -10.97 11.80 16.99
N ARG D 35 -10.68 10.91 17.93
CA ARG D 35 -10.75 9.48 17.66
C ARG D 35 -12.16 9.07 17.28
N GLU D 36 -13.12 9.70 17.94
CA GLU D 36 -14.51 9.39 17.72
C GLU D 36 -14.96 9.78 16.31
N LYS D 37 -14.48 10.91 15.80
CA LYS D 37 -14.89 11.32 14.47
C LYS D 37 -14.05 10.63 13.39
N VAL D 38 -12.76 10.40 13.63
CA VAL D 38 -11.95 9.70 12.64
C VAL D 38 -12.46 8.27 12.48
N GLU D 39 -12.69 7.60 13.61
CA GLU D 39 -13.22 6.25 13.61
C GLU D 39 -14.61 6.26 13.01
N ALA D 40 -15.37 7.32 13.29
CA ALA D 40 -16.69 7.45 12.69
C ALA D 40 -16.53 7.50 11.19
N ALA D 41 -15.72 8.46 10.73
CA ALA D 41 -15.47 8.63 9.33
C ALA D 41 -15.08 7.34 8.63
N MET D 42 -14.09 6.64 9.16
CA MET D 42 -13.66 5.39 8.56
C MET D 42 -14.78 4.35 8.60
N ALA D 43 -15.59 4.42 9.66
CA ALA D 43 -16.68 3.46 9.83
C ALA D 43 -17.79 3.70 8.83
N GLU D 44 -18.16 4.97 8.67
CA GLU D 44 -19.23 5.35 7.76
C GLU D 44 -18.81 5.09 6.33
N LEU D 45 -17.55 5.41 6.03
CA LEU D 45 -17.01 5.21 4.70
C LEU D 45 -16.58 3.75 4.52
N ASN D 46 -16.78 2.95 5.56
CA ASN D 46 -16.44 1.53 5.57
C ASN D 46 -14.93 1.35 5.74
N TYR D 47 -14.15 2.01 4.87
CA TYR D 47 -12.68 1.98 4.90
C TYR D 47 -12.13 0.56 5.10
N ILE D 48 -11.80 -0.08 3.98
CA ILE D 48 -11.26 -1.44 4.00
C ILE D 48 -10.06 -1.57 4.95
N PRO D 49 -10.01 -2.67 5.73
CA PRO D 49 -8.95 -2.91 6.70
C PRO D 49 -7.73 -3.61 6.09
N ASN D 50 -7.39 -3.23 4.88
CA ASN D 50 -6.24 -3.82 4.20
C ASN D 50 -5.51 -2.75 3.41
N ARG D 51 -4.55 -2.11 4.06
CA ARG D 51 -3.77 -1.06 3.43
C ARG D 51 -2.32 -1.11 3.90
N CYS D 52 -1.83 -2.31 4.18
CA CYS D 52 -0.46 -2.50 4.62
C CYS D 52 -0.16 -3.98 4.74
N ALA D 53 0.86 -4.36 4.04
CA ALA D 53 1.32 -5.74 4.00
C ALA D 53 2.63 -5.89 4.78
N GLN D 54 2.51 -5.92 6.10
CA GLN D 54 3.68 -6.05 6.96
C GLN D 54 3.87 -7.50 7.39
N GLN D 55 2.94 -8.01 8.20
CA GLN D 55 3.02 -9.39 8.67
C GLN D 55 1.72 -10.14 8.44
N LEU D 56 0.78 -9.49 7.77
CA LEU D 56 -0.52 -10.10 7.49
C LEU D 56 -1.21 -9.36 6.36
N ALA D 57 -1.44 -10.08 5.26
CA ALA D 57 -2.12 -9.51 4.09
C ALA D 57 -2.40 -10.61 3.08
N GLY D 58 -3.67 -10.95 2.93
CA GLY D 58 -4.05 -11.99 1.99
C GLY D 58 -3.87 -13.37 2.57
N LYS D 59 -4.47 -13.61 3.71
CA LYS D 59 -4.37 -14.91 4.37
C LYS D 59 -5.59 -15.75 4.00
N GLN D 60 -6.77 -15.21 4.26
CA GLN D 60 -8.03 -15.90 3.97
C GLN D 60 -9.13 -14.90 3.67
N SER D 61 -9.62 -14.23 4.70
CA SER D 61 -10.67 -13.23 4.54
C SER D 61 -10.06 -11.83 4.47
N LEU D 62 -8.79 -11.76 4.82
CA LEU D 62 -8.05 -10.51 4.82
C LEU D 62 -6.58 -10.84 4.64
N MET C 1 14.08 -13.73 4.15
CA MET C 1 13.47 -12.88 3.10
C MET C 1 13.49 -11.40 3.51
N LYS C 2 13.80 -10.54 2.55
CA LYS C 2 13.85 -9.11 2.78
C LYS C 2 12.73 -8.42 2.01
N PRO C 3 11.98 -7.50 2.65
CA PRO C 3 10.90 -6.76 2.00
C PRO C 3 11.34 -6.10 0.70
N VAL C 4 10.59 -6.34 -0.35
CA VAL C 4 10.92 -5.82 -1.67
C VAL C 4 10.06 -4.64 -2.05
N THR C 5 10.69 -3.75 -2.75
CA THR C 5 10.08 -2.57 -3.30
C THR C 5 10.15 -2.71 -4.80
N LEU C 6 9.32 -2.02 -5.55
CA LEU C 6 9.37 -2.17 -6.99
C LEU C 6 10.76 -1.84 -7.55
N TYR C 7 11.50 -1.02 -6.81
CA TYR C 7 12.87 -0.64 -7.18
C TYR C 7 13.79 -1.86 -7.18
N ASP C 8 13.52 -2.75 -6.23
CA ASP C 8 14.30 -3.96 -6.01
C ASP C 8 14.15 -4.91 -7.18
N VAL C 9 12.91 -5.09 -7.62
CA VAL C 9 12.62 -5.97 -8.71
C VAL C 9 13.19 -5.39 -9.98
N ALA C 10 13.02 -4.10 -10.11
CA ALA C 10 13.51 -3.37 -11.28
C ALA C 10 15.01 -3.55 -11.47
N GLU C 11 15.75 -3.41 -10.39
CA GLU C 11 17.19 -3.55 -10.44
C GLU C 11 17.56 -4.99 -10.73
N TYR C 12 16.97 -5.90 -9.96
CA TYR C 12 17.20 -7.32 -10.11
C TYR C 12 16.79 -7.83 -11.49
N ALA C 13 15.82 -7.16 -12.11
CA ALA C 13 15.35 -7.58 -13.42
C ALA C 13 16.25 -7.01 -14.50
N GLY C 14 16.84 -5.86 -14.19
CA GLY C 14 17.74 -5.20 -15.10
C GLY C 14 16.99 -4.28 -16.01
N VAL C 15 15.98 -3.65 -15.42
CA VAL C 15 15.11 -2.73 -16.14
C VAL C 15 14.76 -1.54 -15.27
N SER C 16 14.59 -0.38 -15.87
CA SER C 16 14.26 0.80 -15.09
C SER C 16 13.01 0.56 -14.27
N TYR C 17 12.96 1.23 -13.16
CA TYR C 17 11.84 1.12 -12.23
C TYR C 17 10.51 1.37 -12.91
N GLN C 18 10.45 2.47 -13.66
CA GLN C 18 9.25 2.86 -14.37
C GLN C 18 8.84 1.81 -15.41
N THR C 19 9.80 0.99 -15.84
CA THR C 19 9.54 -0.05 -16.82
C THR C 19 8.68 -1.15 -16.21
N VAL C 20 9.21 -1.80 -15.19
CA VAL C 20 8.50 -2.88 -14.52
C VAL C 20 7.29 -2.38 -13.74
N SER C 21 7.35 -1.15 -13.26
CA SER C 21 6.22 -0.56 -12.55
C SER C 21 4.99 -0.56 -13.45
N ARG C 22 5.21 -0.20 -14.72
CA ARG C 22 4.14 -0.16 -15.70
C ARG C 22 3.71 -1.59 -16.02
N VAL C 23 4.67 -2.50 -15.90
CA VAL C 23 4.46 -3.91 -16.16
C VAL C 23 3.51 -4.50 -15.14
N VAL C 24 3.81 -4.23 -13.88
CA VAL C 24 3.02 -4.71 -12.76
C VAL C 24 1.61 -4.12 -12.77
N ASN C 25 1.42 -3.05 -13.54
CA ASN C 25 0.11 -2.41 -13.60
C ASN C 25 -0.67 -2.73 -14.88
N GLN C 26 0.00 -3.34 -15.87
CA GLN C 26 -0.60 -3.71 -17.15
C GLN C 26 0.44 -4.20 -18.15
N ALA C 27 1.34 -3.30 -18.53
CA ALA C 27 2.41 -3.60 -19.50
C ALA C 27 1.83 -3.89 -20.88
N SER C 28 1.30 -2.85 -21.51
CA SER C 28 0.72 -2.97 -22.83
C SER C 28 1.79 -3.01 -23.92
N HIS C 29 2.82 -2.19 -23.76
CA HIS C 29 3.90 -2.13 -24.73
C HIS C 29 5.23 -2.44 -24.06
N VAL C 30 5.56 -3.73 -24.02
CA VAL C 30 6.80 -4.20 -23.42
C VAL C 30 7.31 -5.42 -24.16
N SER C 31 8.63 -5.62 -24.14
CA SER C 31 9.23 -6.76 -24.81
C SER C 31 9.06 -8.04 -23.99
N ALA C 32 9.40 -9.18 -24.61
CA ALA C 32 9.28 -10.48 -23.97
C ALA C 32 10.20 -10.60 -22.76
N LYS C 33 11.52 -10.69 -22.99
CA LYS C 33 12.51 -10.82 -21.93
C LYS C 33 12.24 -9.88 -20.78
N THR C 34 11.88 -8.64 -21.09
CA THR C 34 11.59 -7.66 -20.08
C THR C 34 10.51 -8.11 -19.12
N ARG C 35 9.38 -8.59 -19.63
CA ARG C 35 8.32 -9.04 -18.74
C ARG C 35 8.78 -10.25 -17.94
N GLU C 36 9.52 -11.11 -18.62
CA GLU C 36 10.04 -12.32 -18.02
C GLU C 36 11.08 -11.98 -16.96
N LYS C 37 11.79 -10.89 -17.16
CA LYS C 37 12.82 -10.48 -16.21
C LYS C 37 12.22 -9.78 -15.02
N VAL C 38 11.20 -8.94 -15.23
CA VAL C 38 10.54 -8.26 -14.12
C VAL C 38 9.81 -9.30 -13.27
N GLU C 39 9.07 -10.19 -13.94
CA GLU C 39 8.34 -11.26 -13.27
C GLU C 39 9.33 -12.18 -12.57
N ALA C 40 10.46 -12.46 -13.21
CA ALA C 40 11.49 -13.29 -12.60
C ALA C 40 12.00 -12.61 -11.36
N ALA C 41 12.42 -11.35 -11.52
CA ALA C 41 12.93 -10.57 -10.41
C ALA C 41 11.98 -10.56 -9.23
N MET C 42 10.73 -10.22 -9.46
CA MET C 42 9.75 -10.18 -8.39
C MET C 42 9.53 -11.57 -7.82
N ALA C 43 9.66 -12.60 -8.66
CA ALA C 43 9.44 -13.97 -8.23
C ALA C 43 10.58 -14.45 -7.33
N GLU C 44 11.81 -14.13 -7.73
CA GLU C 44 12.99 -14.52 -6.98
C GLU C 44 13.06 -13.78 -5.66
N LEU C 45 12.81 -12.48 -5.73
CA LEU C 45 12.83 -11.66 -4.53
C LEU C 45 11.52 -11.80 -3.77
N ASN C 46 10.62 -12.62 -4.34
CA ASN C 46 9.29 -12.90 -3.77
C ASN C 46 8.38 -11.69 -3.88
N TYR C 47 8.93 -10.50 -3.64
CA TYR C 47 8.19 -9.24 -3.72
C TYR C 47 6.93 -9.33 -2.87
N ILE C 48 7.13 -9.68 -1.61
CA ILE C 48 6.07 -9.84 -0.64
C ILE C 48 5.34 -8.52 -0.35
N PRO C 49 4.01 -8.53 -0.42
CA PRO C 49 3.20 -7.34 -0.13
C PRO C 49 2.97 -7.17 1.37
N ASN C 50 2.58 -5.97 1.78
CA ASN C 50 2.34 -5.67 3.19
C ASN C 50 1.21 -6.53 3.75
N ARG C 51 0.07 -6.51 3.06
CA ARG C 51 -1.10 -7.28 3.47
C ARG C 51 -2.21 -7.07 2.44
N CYS C 52 -2.15 -7.80 1.34
CA CYS C 52 -3.12 -7.67 0.27
C CYS C 52 -3.46 -9.02 -0.32
N ALA C 53 -4.67 -9.44 -0.03
CA ALA C 53 -5.19 -10.70 -0.50
C ALA C 53 -6.45 -10.45 -1.33
N GLN C 54 -6.30 -10.42 -2.64
CA GLN C 54 -7.42 -10.16 -3.54
C GLN C 54 -7.40 -11.08 -4.75
N GLN C 55 -6.22 -11.29 -5.31
CA GLN C 55 -6.05 -12.13 -6.49
C GLN C 55 -6.12 -13.63 -6.17
N LEU C 56 -6.88 -13.98 -5.14
CA LEU C 56 -7.04 -15.38 -4.75
C LEU C 56 -8.52 -15.73 -4.66
N ALA C 57 -9.10 -16.15 -5.78
CA ALA C 57 -10.50 -16.52 -5.83
C ALA C 57 -10.74 -17.66 -6.82
N GLY C 58 -10.85 -17.32 -8.10
CA GLY C 58 -11.08 -18.33 -9.11
C GLY C 58 -10.84 -17.80 -10.51
N LYS C 59 -9.77 -18.26 -11.13
CA LYS C 59 -9.41 -17.84 -12.49
C LYS C 59 -8.61 -18.93 -13.17
N GLN C 60 -7.50 -19.30 -12.53
CA GLN C 60 -6.60 -20.33 -13.05
C GLN C 60 -6.74 -21.61 -12.24
N SER C 61 -7.84 -21.70 -11.50
CA SER C 61 -8.11 -22.86 -10.66
C SER C 61 -8.51 -24.07 -11.50
N LEU C 62 -9.11 -23.80 -12.66
CA LEU C 62 -9.57 -24.84 -13.58
C LEU C 62 -10.59 -25.75 -12.92
N MET D 1 -18.29 2.03 0.12
CA MET D 1 -18.29 0.61 -0.22
C MET D 1 -17.22 -0.14 0.58
N LYS D 2 -15.97 0.26 0.37
CA LYS D 2 -14.82 -0.35 1.05
C LYS D 2 -13.54 0.41 0.73
N PRO D 3 -13.17 0.57 -0.56
CA PRO D 3 -11.95 1.29 -0.95
C PRO D 3 -12.01 2.78 -0.60
N VAL D 4 -11.32 3.12 0.46
CA VAL D 4 -11.25 4.48 0.97
C VAL D 4 -9.80 4.81 1.24
N THR D 5 -9.47 6.04 0.99
CA THR D 5 -8.14 6.53 1.23
C THR D 5 -8.14 7.09 2.64
N LEU D 6 -7.03 7.03 3.34
CA LEU D 6 -7.04 7.58 4.70
C LEU D 6 -7.40 9.06 4.67
N TYR D 7 -7.17 9.66 3.51
CA TYR D 7 -7.52 11.06 3.26
C TYR D 7 -9.05 11.24 3.30
N ASP D 8 -9.73 10.22 2.80
CA ASP D 8 -11.19 10.18 2.70
C ASP D 8 -11.79 10.17 4.09
N VAL D 9 -11.19 9.36 4.96
CA VAL D 9 -11.64 9.26 6.33
C VAL D 9 -11.34 10.54 7.05
N ALA D 10 -10.15 11.05 6.78
CA ALA D 10 -9.67 12.29 7.38
C ALA D 10 -10.59 13.45 7.09
N GLU D 11 -11.00 13.59 5.84
CA GLU D 11 -11.87 14.67 5.45
C GLU D 11 -13.24 14.48 6.10
N TYR D 12 -13.76 13.27 5.97
CA TYR D 12 -15.04 12.91 6.53
C TYR D 12 -15.06 13.09 8.05
N ALA D 13 -13.89 12.97 8.69
CA ALA D 13 -13.80 13.11 10.13
C ALA D 13 -13.64 14.59 10.47
N GLY D 14 -13.07 15.32 9.53
CA GLY D 14 -12.88 16.75 9.68
C GLY D 14 -11.58 17.05 10.36
N VAL D 15 -10.62 16.17 10.12
CA VAL D 15 -9.33 16.27 10.75
C VAL D 15 -8.23 15.94 9.74
N SER D 16 -7.06 16.53 9.91
CA SER D 16 -5.92 16.28 9.01
C SER D 16 -5.72 14.79 8.85
N TYR D 17 -5.05 14.43 7.78
CA TYR D 17 -4.80 13.04 7.47
C TYR D 17 -4.15 12.35 8.64
N GLN D 18 -3.00 12.87 9.00
CA GLN D 18 -2.26 12.30 10.12
C GLN D 18 -2.83 12.67 11.51
N THR D 19 -4.05 13.18 11.52
CA THR D 19 -4.74 13.39 12.77
C THR D 19 -5.17 11.98 13.04
N VAL D 20 -5.95 11.48 12.07
CA VAL D 20 -6.46 10.13 12.06
C VAL D 20 -5.40 9.09 11.64
N SER D 21 -4.46 9.43 10.76
CA SER D 21 -3.45 8.43 10.34
C SER D 21 -2.58 8.07 11.54
N ARG D 22 -2.32 9.07 12.36
CA ARG D 22 -1.55 8.86 13.56
C ARG D 22 -2.33 7.92 14.44
N VAL D 23 -3.65 8.06 14.33
CA VAL D 23 -4.61 7.26 15.06
C VAL D 23 -4.52 5.81 14.60
N VAL D 24 -4.60 5.64 13.29
CA VAL D 24 -4.52 4.32 12.66
C VAL D 24 -3.15 3.67 12.83
N ASN D 25 -2.12 4.46 13.07
CA ASN D 25 -0.77 3.91 13.16
C ASN D 25 -0.39 3.53 14.59
N GLN D 26 -1.19 3.98 15.58
CA GLN D 26 -0.97 3.69 17.01
C GLN D 26 -1.66 4.73 17.90
N ALA D 27 -1.57 5.99 17.47
CA ALA D 27 -2.15 7.13 18.18
C ALA D 27 -1.57 7.26 19.59
N SER D 28 -0.31 7.69 19.67
CA SER D 28 0.37 7.87 20.94
C SER D 28 -0.03 9.19 21.60
N HIS D 29 -0.49 10.14 20.80
CA HIS D 29 -0.91 11.43 21.29
C HIS D 29 -2.17 11.88 20.58
N VAL D 30 -3.32 11.54 21.15
CA VAL D 30 -4.61 11.88 20.55
C VAL D 30 -5.64 12.14 21.64
N SER D 31 -6.76 12.73 21.26
CA SER D 31 -7.82 13.00 22.21
C SER D 31 -9.01 12.06 22.00
N ALA D 32 -10.07 12.25 22.77
CA ALA D 32 -11.27 11.41 22.68
C ALA D 32 -12.06 11.64 21.39
N LYS D 33 -12.72 12.81 21.30
CA LYS D 33 -13.57 13.15 20.14
C LYS D 33 -12.90 12.85 18.82
N THR D 34 -11.61 13.10 18.72
CA THR D 34 -10.87 12.86 17.51
C THR D 34 -10.92 11.39 17.10
N ARG D 35 -10.62 10.49 18.01
CA ARG D 35 -10.61 9.07 17.70
C ARG D 35 -12.01 8.60 17.33
N GLU D 36 -13.00 9.17 18.01
CA GLU D 36 -14.39 8.81 17.76
C GLU D 36 -14.81 9.30 16.38
N LYS D 37 -14.25 10.43 15.96
CA LYS D 37 -14.56 11.01 14.66
C LYS D 37 -13.86 10.25 13.54
N VAL D 38 -12.58 9.94 13.74
CA VAL D 38 -11.82 9.22 12.73
C VAL D 38 -12.36 7.80 12.58
N GLU D 39 -12.58 7.13 13.72
CA GLU D 39 -13.13 5.77 13.71
C GLU D 39 -14.51 5.79 13.10
N ALA D 40 -15.29 6.84 13.39
CA ALA D 40 -16.61 6.96 12.80
C ALA D 40 -16.45 7.09 11.31
N ALA D 41 -15.65 8.06 10.89
CA ALA D 41 -15.40 8.31 9.49
C ALA D 41 -14.99 7.06 8.73
N MET D 42 -14.00 6.35 9.24
CA MET D 42 -13.52 5.14 8.59
C MET D 42 -14.61 4.07 8.60
N ALA D 43 -15.42 4.06 9.66
CA ALA D 43 -16.48 3.07 9.80
C ALA D 43 -17.60 3.32 8.80
N GLU D 44 -17.98 4.58 8.65
CA GLU D 44 -19.05 4.96 7.74
C GLU D 44 -18.64 4.73 6.30
N LEU D 45 -17.41 5.12 5.99
CA LEU D 45 -16.90 4.96 4.64
C LEU D 45 -16.45 3.52 4.38
N ASN D 46 -16.57 2.69 5.41
CA ASN D 46 -16.19 1.27 5.32
C ASN D 46 -14.73 1.15 4.89
N TYR D 47 -13.92 2.03 5.46
CA TYR D 47 -12.49 2.10 5.20
C TYR D 47 -11.81 0.79 5.54
N ILE D 48 -11.24 0.17 4.52
CA ILE D 48 -10.52 -1.09 4.65
C ILE D 48 -9.43 -0.97 5.72
N PRO D 49 -9.21 -2.04 6.51
CA PRO D 49 -8.22 -2.05 7.60
C PRO D 49 -6.77 -2.16 7.14
N ASN D 50 -6.41 -1.44 6.07
CA ASN D 50 -5.05 -1.46 5.56
C ASN D 50 -4.84 -0.29 4.61
N ARG D 51 -4.24 -0.60 3.47
CA ARG D 51 -3.92 0.39 2.43
C ARG D 51 -2.96 -0.25 1.42
N CYS D 52 -2.09 -1.12 1.93
CA CYS D 52 -1.09 -1.82 1.12
C CYS D 52 0.12 -0.94 0.86
N ALA D 53 1.21 -1.31 1.51
CA ALA D 53 2.49 -0.61 1.36
C ALA D 53 2.44 0.84 1.83
N GLN D 54 2.57 1.03 3.13
CA GLN D 54 2.56 2.37 3.71
C GLN D 54 3.97 2.74 4.18
N GLN D 55 4.38 2.15 5.30
CA GLN D 55 5.70 2.42 5.85
C GLN D 55 6.73 1.54 5.17
N LEU D 56 6.40 0.25 5.06
CA LEU D 56 7.29 -0.72 4.43
C LEU D 56 7.27 -0.55 2.91
N ALA D 57 8.14 0.32 2.43
CA ALA D 57 8.25 0.58 1.00
C ALA D 57 9.59 1.25 0.69
N GLY D 58 10.67 0.65 1.20
CA GLY D 58 11.99 1.19 0.97
C GLY D 58 12.28 2.38 1.86
N LYS D 59 11.77 3.54 1.45
CA LYS D 59 11.95 4.79 2.20
C LYS D 59 13.43 5.13 2.38
N GLN D 60 14.16 5.10 1.28
CA GLN D 60 15.59 5.41 1.30
C GLN D 60 15.83 6.77 0.64
N SER D 61 17.05 7.01 0.19
CA SER D 61 17.39 8.29 -0.43
C SER D 61 17.68 8.13 -1.93
N LEU D 62 17.22 7.03 -2.51
CA LEU D 62 17.44 6.77 -3.93
C LEU D 62 16.21 6.11 -4.53
N MET C 1 12.39 -3.97 8.54
CA MET C 1 11.08 -3.30 8.31
C MET C 1 10.76 -3.21 6.82
N LYS C 2 11.73 -2.71 6.03
CA LYS C 2 11.52 -2.57 4.59
C LYS C 2 12.19 -3.71 3.84
N PRO C 3 11.38 -4.63 3.28
CA PRO C 3 11.89 -5.76 2.52
C PRO C 3 12.27 -5.35 1.11
N VAL C 4 11.28 -5.19 0.26
CA VAL C 4 11.52 -4.81 -1.12
C VAL C 4 10.62 -3.66 -1.54
N THR C 5 11.18 -2.85 -2.39
CA THR C 5 10.49 -1.73 -2.99
C THR C 5 10.52 -1.97 -4.48
N LEU C 6 9.65 -1.34 -5.23
CA LEU C 6 9.63 -1.57 -6.66
C LEU C 6 10.99 -1.25 -7.31
N TYR C 7 11.76 -0.42 -6.63
CA TYR C 7 13.10 -0.04 -7.10
C TYR C 7 14.02 -1.25 -7.10
N ASP C 8 13.84 -2.06 -6.07
CA ASP C 8 14.64 -3.25 -5.82
C ASP C 8 14.38 -4.26 -6.92
N VAL C 9 13.12 -4.43 -7.26
CA VAL C 9 12.74 -5.37 -8.29
C VAL C 9 13.22 -4.86 -9.63
N ALA C 10 13.03 -3.58 -9.83
CA ALA C 10 13.42 -2.91 -11.06
C ALA C 10 14.90 -3.10 -11.36
N GLU C 11 15.71 -2.88 -10.35
CA GLU C 11 17.16 -3.00 -10.50
C GLU C 11 17.52 -4.45 -10.74
N TYR C 12 16.95 -5.32 -9.90
CA TYR C 12 17.19 -6.75 -9.99
C TYR C 12 16.69 -7.33 -11.32
N ALA C 13 15.67 -6.69 -11.91
CA ALA C 13 15.11 -7.18 -13.16
C ALA C 13 15.94 -6.66 -14.32
N GLY C 14 16.57 -5.52 -14.09
CA GLY C 14 17.42 -4.91 -15.08
C GLY C 14 16.62 -4.00 -15.97
N VAL C 15 15.63 -3.38 -15.36
CA VAL C 15 14.73 -2.48 -16.06
C VAL C 15 14.43 -1.27 -15.19
N SER C 16 14.24 -0.12 -15.81
CA SER C 16 13.96 1.08 -15.05
C SER C 16 12.75 0.88 -14.14
N TYR C 17 12.78 1.57 -13.03
CA TYR C 17 11.73 1.52 -12.02
C TYR C 17 10.36 1.74 -12.61
N GLN C 18 10.24 2.82 -13.36
CA GLN C 18 8.99 3.20 -14.00
C GLN C 18 8.49 2.14 -14.99
N THR C 19 9.41 1.31 -15.49
CA THR C 19 9.08 0.26 -16.43
C THR C 19 8.29 -0.85 -15.75
N VAL C 20 8.90 -1.48 -14.74
CA VAL C 20 8.25 -2.57 -14.02
C VAL C 20 7.07 -2.07 -13.20
N SER C 21 7.12 -0.82 -12.77
CA SER C 21 6.04 -0.22 -12.02
C SER C 21 4.74 -0.36 -12.82
N ARG C 22 4.82 -0.06 -14.11
CA ARG C 22 3.65 -0.15 -15.00
C ARG C 22 3.29 -1.60 -15.21
N VAL C 23 4.29 -2.46 -15.10
CA VAL C 23 4.10 -3.88 -15.29
C VAL C 23 3.15 -4.41 -14.23
N VAL C 24 3.44 -4.06 -12.97
CA VAL C 24 2.60 -4.46 -11.85
C VAL C 24 1.21 -3.82 -11.97
N ASN C 25 1.14 -2.74 -12.75
CA ASN C 25 -0.11 -2.03 -12.97
C ASN C 25 -0.79 -2.49 -14.26
N GLN C 26 -0.21 -3.51 -14.90
CA GLN C 26 -0.72 -4.13 -16.13
C GLN C 26 -0.22 -3.39 -17.36
N ALA C 27 -0.25 -2.05 -17.30
CA ALA C 27 0.23 -1.22 -18.38
C ALA C 27 -0.55 -1.43 -19.68
N SER C 28 0.17 -1.55 -20.79
CA SER C 28 -0.47 -1.75 -22.09
C SER C 28 0.51 -2.34 -23.12
N HIS C 29 1.73 -1.81 -23.15
CA HIS C 29 2.74 -2.27 -24.08
C HIS C 29 3.78 -3.10 -23.35
N VAL C 30 5.05 -2.75 -23.59
CA VAL C 30 6.20 -3.43 -22.97
C VAL C 30 6.43 -4.79 -23.64
N SER C 31 7.68 -5.23 -23.64
CA SER C 31 8.04 -6.50 -24.26
C SER C 31 7.83 -7.67 -23.30
N ALA C 32 7.88 -8.87 -23.86
CA ALA C 32 7.70 -10.09 -23.08
C ALA C 32 8.78 -10.27 -22.02
N LYS C 33 10.03 -10.48 -22.47
CA LYS C 33 11.17 -10.71 -21.58
C LYS C 33 11.22 -9.72 -20.41
N THR C 34 10.83 -8.48 -20.64
CA THR C 34 10.85 -7.48 -19.61
C THR C 34 9.91 -7.83 -18.47
N ARG C 35 8.68 -8.17 -18.79
CA ARG C 35 7.69 -8.52 -17.77
C ARG C 35 8.14 -9.74 -16.98
N GLU C 36 8.67 -10.70 -17.71
CA GLU C 36 9.14 -11.94 -17.11
C GLU C 36 10.33 -11.65 -16.22
N LYS C 37 11.09 -10.61 -16.58
CA LYS C 37 12.25 -10.19 -15.81
C LYS C 37 11.80 -9.50 -14.53
N VAL C 38 10.84 -8.58 -14.66
CA VAL C 38 10.34 -7.86 -13.49
C VAL C 38 9.64 -8.85 -12.56
N GLU C 39 8.79 -9.69 -13.14
CA GLU C 39 8.08 -10.72 -12.38
C GLU C 39 9.09 -11.64 -11.71
N ALA C 40 10.15 -11.98 -12.43
CA ALA C 40 11.20 -12.80 -11.87
C ALA C 40 11.79 -12.09 -10.68
N ALA C 41 12.26 -10.87 -10.93
CA ALA C 41 12.89 -10.07 -9.89
C ALA C 41 12.03 -9.96 -8.64
N MET C 42 10.77 -9.59 -8.80
CA MET C 42 9.87 -9.48 -7.66
C MET C 42 9.66 -10.82 -7.00
N ALA C 43 9.67 -11.89 -7.80
CA ALA C 43 9.46 -13.24 -7.29
C ALA C 43 10.64 -13.70 -6.46
N GLU C 44 11.84 -13.47 -6.99
CA GLU C 44 13.07 -13.87 -6.31
C GLU C 44 13.27 -13.05 -5.06
N LEU C 45 13.02 -11.75 -5.16
CA LEU C 45 13.16 -10.86 -4.02
C LEU C 45 11.94 -10.95 -3.12
N ASN C 46 10.99 -11.80 -3.51
CA ASN C 46 9.73 -12.01 -2.76
C ASN C 46 8.78 -10.83 -2.94
N TYR C 47 9.32 -9.62 -2.79
CA TYR C 47 8.56 -8.38 -2.95
C TYR C 47 7.23 -8.41 -2.18
N ILE C 48 7.33 -8.61 -0.90
CA ILE C 48 6.16 -8.64 -0.04
C ILE C 48 5.66 -7.22 0.24
N PRO C 49 4.35 -6.98 0.06
CA PRO C 49 3.76 -5.67 0.29
C PRO C 49 3.70 -5.33 1.79
N ASN C 50 4.25 -4.19 2.15
CA ASN C 50 4.24 -3.76 3.53
C ASN C 50 3.49 -2.44 3.67
N ARG C 51 4.12 -1.45 4.29
CA ARG C 51 3.51 -0.12 4.49
C ARG C 51 2.18 -0.28 5.23
N CYS C 52 2.15 -1.21 6.18
CA CYS C 52 0.97 -1.50 6.97
C CYS C 52 1.29 -2.61 7.95
N ALA C 53 0.94 -2.37 9.19
CA ALA C 53 1.18 -3.31 10.26
C ALA C 53 -0.10 -4.06 10.64
N GLN C 54 0.00 -4.94 11.63
CA GLN C 54 -1.14 -5.71 12.08
C GLN C 54 -1.37 -5.46 13.56
N GLN C 55 -2.34 -6.14 14.15
CA GLN C 55 -2.65 -5.99 15.56
C GLN C 55 -1.81 -6.95 16.38
N LEU C 56 -0.55 -7.10 16.01
CA LEU C 56 0.33 -8.01 16.70
C LEU C 56 0.99 -7.32 17.89
N ALA C 57 0.42 -7.52 19.06
CA ALA C 57 0.94 -6.92 20.29
C ALA C 57 2.22 -7.63 20.73
N GLY C 58 2.35 -8.90 20.39
CA GLY C 58 3.53 -9.67 20.75
C GLY C 58 3.53 -10.09 22.21
N LYS C 59 2.37 -10.03 22.85
CA LYS C 59 2.25 -10.41 24.25
C LYS C 59 2.49 -11.91 24.40
N GLN C 60 3.60 -12.26 25.06
CA GLN C 60 3.98 -13.67 25.28
C GLN C 60 4.20 -14.36 23.95
N SER C 61 4.57 -13.57 22.93
CA SER C 61 4.81 -14.06 21.57
C SER C 61 3.50 -14.46 20.89
N LEU C 62 2.73 -15.33 21.52
CA LEU C 62 1.47 -15.79 20.98
C LEU C 62 0.32 -15.46 21.93
N MET D 1 -7.27 -1.79 -8.68
CA MET D 1 -8.37 -1.46 -7.78
C MET D 1 -7.85 -0.81 -6.50
N LYS D 2 -8.09 0.49 -6.38
CA LYS D 2 -7.64 1.23 -5.21
C LYS D 2 -8.84 1.58 -4.34
N PRO D 3 -8.97 0.91 -3.18
CA PRO D 3 -10.07 1.14 -2.23
C PRO D 3 -9.90 2.46 -1.47
N VAL D 4 -10.53 2.55 -0.32
CA VAL D 4 -10.45 3.74 0.50
C VAL D 4 -9.01 4.07 0.85
N THR D 5 -8.76 5.34 0.81
CA THR D 5 -7.48 5.91 1.14
C THR D 5 -7.66 6.54 2.50
N LEU D 6 -6.62 6.63 3.32
CA LEU D 6 -6.79 7.24 4.63
C LEU D 6 -7.27 8.68 4.48
N TYR D 7 -7.02 9.24 3.30
CA TYR D 7 -7.46 10.58 2.94
C TYR D 7 -9.00 10.61 2.91
N ASP D 8 -9.57 9.51 2.42
CA ASP D 8 -11.02 9.34 2.27
C ASP D 8 -11.68 9.29 3.63
N VAL D 9 -11.04 8.59 4.54
CA VAL D 9 -11.53 8.47 5.89
C VAL D 9 -11.43 9.82 6.57
N ALA D 10 -10.28 10.44 6.36
CA ALA D 10 -9.98 11.74 6.92
C ALA D 10 -11.01 12.78 6.51
N GLU D 11 -11.33 12.80 5.22
CA GLU D 11 -12.29 13.73 4.66
C GLU D 11 -13.65 13.46 5.27
N TYR D 12 -14.04 12.19 5.25
CA TYR D 12 -15.30 11.75 5.80
C TYR D 12 -15.38 12.04 7.30
N ALA D 13 -14.23 12.09 7.97
CA ALA D 13 -14.21 12.34 9.41
C ALA D 13 -14.22 13.85 9.65
N GLY D 14 -13.69 14.58 8.67
CA GLY D 14 -13.64 16.02 8.72
C GLY D 14 -12.40 16.51 9.41
N VAL D 15 -11.33 15.75 9.22
CA VAL D 15 -10.04 16.04 9.86
C VAL D 15 -8.86 15.74 8.93
N SER D 16 -7.73 16.45 9.09
CA SER D 16 -6.60 16.20 8.20
C SER D 16 -6.20 14.74 8.19
N TYR D 17 -5.48 14.38 7.16
CA TYR D 17 -5.05 13.01 6.97
C TYR D 17 -4.34 12.51 8.25
N GLN D 18 -3.27 13.23 8.63
CA GLN D 18 -2.52 12.94 9.81
C GLN D 18 -3.27 13.36 11.06
N THR D 19 -4.49 13.79 10.92
CA THR D 19 -5.28 13.96 12.11
C THR D 19 -5.52 12.49 12.48
N VAL D 20 -6.23 11.81 11.57
CA VAL D 20 -6.59 10.38 11.65
C VAL D 20 -5.49 9.36 11.31
N SER D 21 -4.59 9.69 10.41
CA SER D 21 -3.52 8.79 10.06
C SER D 21 -2.67 8.56 11.28
N ARG D 22 -2.58 9.58 12.11
CA ARG D 22 -1.81 9.50 13.33
C ARG D 22 -2.54 8.53 14.24
N VAL D 23 -3.85 8.52 14.08
CA VAL D 23 -4.71 7.63 14.80
C VAL D 23 -4.39 6.20 14.38
N VAL D 24 -4.38 5.99 13.07
CA VAL D 24 -4.06 4.69 12.47
C VAL D 24 -2.57 4.32 12.63
N ASN D 25 -1.73 5.30 12.89
CA ASN D 25 -0.28 5.05 13.01
C ASN D 25 0.14 4.97 14.46
N GLN D 26 -0.85 4.73 15.33
CA GLN D 26 -0.68 4.57 16.78
C GLN D 26 -0.92 5.89 17.46
N ALA D 27 -2.20 6.17 17.66
CA ALA D 27 -2.62 7.39 18.28
C ALA D 27 -2.47 7.35 19.80
N SER D 28 -1.23 7.36 20.26
CA SER D 28 -0.95 7.31 21.69
C SER D 28 -1.16 8.69 22.31
N HIS D 29 -1.23 9.72 21.47
CA HIS D 29 -1.43 11.07 21.92
C HIS D 29 -2.42 11.79 21.01
N VAL D 30 -3.70 11.70 21.37
CA VAL D 30 -4.79 12.29 20.59
C VAL D 30 -5.95 12.66 21.49
N SER D 31 -7.05 13.10 20.88
CA SER D 31 -8.25 13.46 21.62
C SER D 31 -9.35 12.43 21.43
N ALA D 32 -10.43 12.58 22.18
CA ALA D 32 -11.56 11.66 22.13
C ALA D 32 -12.36 11.74 20.84
N LYS D 33 -13.09 12.85 20.64
CA LYS D 33 -13.93 13.03 19.44
C LYS D 33 -13.20 12.71 18.16
N THR D 34 -11.91 12.97 18.12
CA THR D 34 -11.12 12.69 16.94
C THR D 34 -11.19 11.22 16.59
N ARG D 35 -10.86 10.36 17.54
CA ARG D 35 -10.84 8.93 17.30
C ARG D 35 -12.20 8.42 16.91
N GLU D 36 -13.23 8.93 17.57
CA GLU D 36 -14.59 8.51 17.32
C GLU D 36 -15.04 8.90 15.91
N LYS D 37 -14.55 10.02 15.42
CA LYS D 37 -14.89 10.48 14.09
C LYS D 37 -14.09 9.75 13.03
N VAL D 38 -12.80 9.59 13.28
CA VAL D 38 -11.93 8.91 12.33
C VAL D 38 -12.27 7.42 12.24
N GLU D 39 -12.43 6.78 13.40
CA GLU D 39 -12.78 5.37 13.46
C GLU D 39 -14.14 5.17 12.82
N ALA D 40 -15.04 6.14 13.04
CA ALA D 40 -16.36 6.07 12.43
C ALA D 40 -16.19 6.11 10.93
N ALA D 41 -15.48 7.14 10.46
CA ALA D 41 -15.24 7.32 9.05
C ALA D 41 -14.68 6.09 8.37
N MET D 42 -13.61 5.53 8.93
CA MET D 42 -12.99 4.34 8.35
C MET D 42 -13.96 3.16 8.42
N ALA D 43 -14.79 3.14 9.46
CA ALA D 43 -15.74 2.04 9.64
C ALA D 43 -16.86 2.09 8.60
N GLU D 44 -17.38 3.29 8.37
CA GLU D 44 -18.46 3.50 7.42
C GLU D 44 -17.98 3.23 6.01
N LEU D 45 -16.80 3.72 5.71
CA LEU D 45 -16.20 3.53 4.39
C LEU D 45 -15.56 2.15 4.31
N ASN D 46 -15.65 1.41 5.43
CA ASN D 46 -15.11 0.06 5.56
C ASN D 46 -13.59 0.10 5.68
N TYR D 47 -12.94 0.84 4.77
CA TYR D 47 -11.49 0.99 4.76
C TYR D 47 -10.78 -0.36 4.91
N ILE D 48 -11.00 -1.21 3.91
CA ILE D 48 -10.44 -2.55 3.88
C ILE D 48 -8.90 -2.55 3.92
N PRO D 49 -8.32 -3.10 4.99
CA PRO D 49 -6.87 -3.19 5.14
C PRO D 49 -6.30 -4.41 4.44
N ASN D 50 -6.53 -4.50 3.14
CA ASN D 50 -6.05 -5.63 2.33
C ASN D 50 -4.53 -5.77 2.38
N ARG D 51 -3.83 -4.64 2.36
CA ARG D 51 -2.38 -4.63 2.37
C ARG D 51 -1.85 -4.68 3.81
N CYS D 52 -2.69 -5.11 4.73
CA CYS D 52 -2.30 -5.20 6.13
C CYS D 52 -2.77 -6.51 6.73
N ALA D 53 -4.07 -6.75 6.63
CA ALA D 53 -4.67 -7.99 7.11
C ALA D 53 -4.56 -8.11 8.63
N GLN D 54 -5.49 -7.47 9.33
CA GLN D 54 -5.51 -7.51 10.78
C GLN D 54 -6.18 -8.80 11.26
N GLN D 55 -7.50 -8.82 11.22
CA GLN D 55 -8.27 -9.99 11.61
C GLN D 55 -9.39 -10.24 10.62
N LEU D 56 -9.42 -9.44 9.56
CA LEU D 56 -10.43 -9.54 8.53
C LEU D 56 -9.78 -9.58 7.15
N ALA D 57 -10.28 -10.45 6.30
CA ALA D 57 -9.74 -10.57 4.95
C ALA D 57 -10.57 -9.73 3.97
N GLY D 58 -11.84 -9.54 4.31
CA GLY D 58 -12.71 -8.76 3.47
C GLY D 58 -13.97 -9.51 3.09
N LYS D 59 -14.02 -9.98 1.85
CA LYS D 59 -15.17 -10.73 1.36
C LYS D 59 -14.69 -12.00 0.65
N GLN D 60 -15.53 -13.02 0.67
CA GLN D 60 -15.20 -14.28 0.04
C GLN D 60 -15.67 -14.30 -1.41
N SER D 61 -14.80 -14.77 -2.30
CA SER D 61 -15.14 -14.86 -3.71
C SER D 61 -15.56 -16.28 -4.06
N LEU D 62 -16.81 -16.43 -4.45
CA LEU D 62 -17.35 -17.75 -4.80
C LEU D 62 -17.58 -17.83 -6.30
N MET C 1 14.67 -7.43 8.02
CA MET C 1 15.08 -6.01 8.17
C MET C 1 14.49 -5.15 7.05
N LYS C 2 15.10 -5.17 5.87
CA LYS C 2 14.61 -4.37 4.75
C LYS C 2 14.00 -5.27 3.68
N PRO C 3 12.76 -4.96 3.24
CA PRO C 3 12.08 -5.73 2.20
C PRO C 3 12.48 -5.25 0.81
N VAL C 4 11.62 -5.49 -0.17
CA VAL C 4 11.90 -5.08 -1.54
C VAL C 4 10.94 -4.02 -2.00
N THR C 5 11.46 -3.13 -2.80
CA THR C 5 10.70 -2.07 -3.41
C THR C 5 10.69 -2.32 -4.90
N LEU C 6 9.81 -1.69 -5.62
CA LEU C 6 9.78 -1.90 -7.05
C LEU C 6 11.12 -1.52 -7.69
N TYR C 7 11.83 -0.63 -7.01
CA TYR C 7 13.15 -0.17 -7.45
C TYR C 7 14.15 -1.33 -7.44
N ASP C 8 14.02 -2.15 -6.41
CA ASP C 8 14.89 -3.29 -6.17
C ASP C 8 14.74 -4.30 -7.27
N VAL C 9 13.51 -4.59 -7.63
CA VAL C 9 13.22 -5.55 -8.66
C VAL C 9 13.68 -5.00 -9.99
N ALA C 10 13.42 -3.72 -10.17
CA ALA C 10 13.77 -3.01 -11.39
C ALA C 10 15.26 -3.10 -11.67
N GLU C 11 16.05 -2.82 -10.65
CA GLU C 11 17.50 -2.86 -10.79
C GLU C 11 17.96 -4.28 -11.02
N TYR C 12 17.47 -5.17 -10.18
CA TYR C 12 17.80 -6.58 -10.27
C TYR C 12 17.35 -7.19 -11.60
N ALA C 13 16.30 -6.63 -12.20
CA ALA C 13 15.79 -7.15 -13.45
C ALA C 13 16.59 -6.58 -14.61
N GLY C 14 17.13 -5.40 -14.36
CA GLY C 14 17.94 -4.73 -15.34
C GLY C 14 17.10 -3.88 -16.24
N VAL C 15 16.06 -3.33 -15.64
CA VAL C 15 15.11 -2.50 -16.35
C VAL C 15 14.75 -1.31 -15.48
N SER C 16 14.51 -0.18 -16.12
CA SER C 16 14.16 1.01 -15.37
C SER C 16 12.94 0.76 -14.51
N TYR C 17 12.92 1.43 -13.38
CA TYR C 17 11.84 1.32 -12.42
C TYR C 17 10.48 1.50 -13.07
N GLN C 18 10.36 2.56 -13.84
CA GLN C 18 9.12 2.88 -14.54
C GLN C 18 8.70 1.77 -15.51
N THR C 19 9.68 0.99 -15.97
CA THR C 19 9.42 -0.10 -16.88
C THR C 19 8.66 -1.22 -16.17
N VAL C 20 9.27 -1.79 -15.14
CA VAL C 20 8.66 -2.86 -14.38
C VAL C 20 7.45 -2.38 -13.58
N SER C 21 7.47 -1.12 -13.19
CA SER C 21 6.36 -0.55 -12.46
C SER C 21 5.09 -0.64 -13.32
N ARG C 22 5.27 -0.37 -14.61
CA ARG C 22 4.19 -0.43 -15.57
C ARG C 22 3.80 -1.89 -15.77
N VAL C 23 4.80 -2.76 -15.62
CA VAL C 23 4.64 -4.19 -15.78
C VAL C 23 3.75 -4.77 -14.68
N VAL C 24 4.11 -4.44 -13.45
CA VAL C 24 3.39 -4.92 -12.28
C VAL C 24 1.95 -4.39 -12.23
N ASN C 25 1.69 -3.28 -12.93
CA ASN C 25 0.34 -2.70 -12.90
C ASN C 25 -0.41 -2.82 -14.21
N GLN C 26 0.29 -3.20 -15.28
CA GLN C 26 -0.32 -3.34 -16.60
C GLN C 26 0.52 -4.20 -17.54
N ALA C 27 1.52 -3.58 -18.14
CA ALA C 27 2.43 -4.23 -19.10
C ALA C 27 1.67 -4.69 -20.34
N SER C 28 0.71 -3.88 -20.77
CA SER C 28 -0.10 -4.18 -21.94
C SER C 28 0.69 -3.90 -23.22
N HIS C 29 1.89 -3.36 -23.05
CA HIS C 29 2.78 -3.04 -24.16
C HIS C 29 4.20 -3.06 -23.62
N VAL C 30 4.91 -4.14 -23.89
CA VAL C 30 6.28 -4.33 -23.41
C VAL C 30 6.86 -5.61 -24.01
N SER C 31 8.17 -5.74 -23.98
CA SER C 31 8.83 -6.92 -24.52
C SER C 31 8.66 -8.12 -23.60
N ALA C 32 8.83 -9.30 -24.18
CA ALA C 32 8.71 -10.56 -23.45
C ALA C 32 9.77 -10.69 -22.37
N LYS C 33 11.05 -10.71 -22.77
CA LYS C 33 12.17 -10.85 -21.84
C LYS C 33 12.10 -9.86 -20.69
N THR C 34 11.56 -8.68 -20.95
CA THR C 34 11.44 -7.67 -19.94
C THR C 34 10.51 -8.12 -18.82
N ARG C 35 9.35 -8.65 -19.18
CA ARG C 35 8.40 -9.08 -18.18
C ARG C 35 8.98 -10.26 -17.41
N GLU C 36 9.68 -11.11 -18.13
CA GLU C 36 10.31 -12.28 -17.54
C GLU C 36 11.45 -11.87 -16.63
N LYS C 37 12.08 -10.74 -16.94
CA LYS C 37 13.18 -10.23 -16.15
C LYS C 37 12.66 -9.60 -14.87
N VAL C 38 11.62 -8.78 -14.99
CA VAL C 38 11.02 -8.14 -13.82
C VAL C 38 10.47 -9.22 -12.89
N GLU C 39 9.78 -10.19 -13.49
CA GLU C 39 9.22 -11.32 -12.76
C GLU C 39 10.33 -12.12 -12.10
N ALA C 40 11.41 -12.36 -12.84
CA ALA C 40 12.55 -13.08 -12.27
C ALA C 40 13.06 -12.33 -11.08
N ALA C 41 13.35 -11.05 -11.31
CA ALA C 41 13.87 -10.19 -10.26
C ALA C 41 13.00 -10.21 -9.01
N MET C 42 11.70 -9.99 -9.17
CA MET C 42 10.80 -9.97 -8.04
C MET C 42 10.73 -11.36 -7.40
N ALA C 43 10.89 -12.41 -8.21
CA ALA C 43 10.82 -13.77 -7.70
C ALA C 43 12.03 -14.10 -6.84
N GLU C 44 13.20 -13.69 -7.32
CA GLU C 44 14.44 -13.94 -6.60
C GLU C 44 14.51 -13.12 -5.33
N LEU C 45 14.13 -11.85 -5.45
CA LEU C 45 14.13 -10.95 -4.31
C LEU C 45 12.89 -11.15 -3.44
N ASN C 46 12.04 -12.09 -3.86
CA ASN C 46 10.79 -12.42 -3.15
C ASN C 46 9.74 -11.34 -3.40
N TYR C 47 10.16 -10.07 -3.24
CA TYR C 47 9.30 -8.90 -3.44
C TYR C 47 7.90 -9.11 -2.87
N ILE C 48 7.81 -8.98 -1.55
CA ILE C 48 6.57 -9.15 -0.82
C ILE C 48 5.42 -8.35 -1.46
N PRO C 49 4.48 -9.05 -2.10
CA PRO C 49 3.34 -8.45 -2.75
C PRO C 49 2.10 -8.43 -1.87
N ASN C 50 0.98 -7.99 -2.43
CA ASN C 50 -0.26 -7.93 -1.70
C ASN C 50 -1.39 -8.51 -2.55
N ARG C 51 -2.39 -7.70 -2.87
CA ARG C 51 -3.51 -8.16 -3.68
C ARG C 51 -4.02 -7.05 -4.58
N CYS C 52 -3.35 -6.84 -5.71
CA CYS C 52 -3.75 -5.80 -6.66
C CYS C 52 -5.10 -6.12 -7.25
N ALA C 53 -5.35 -7.39 -7.47
CA ALA C 53 -6.60 -7.81 -8.05
C ALA C 53 -6.72 -9.33 -8.03
N GLN C 54 -7.79 -9.84 -8.61
CA GLN C 54 -8.05 -11.26 -8.64
C GLN C 54 -9.17 -11.54 -9.63
N GLN C 55 -9.48 -12.82 -9.85
CA GLN C 55 -10.52 -13.26 -10.78
C GLN C 55 -10.10 -13.02 -12.22
N LEU C 56 -9.01 -12.30 -12.39
CA LEU C 56 -8.50 -11.99 -13.71
C LEU C 56 -7.84 -13.21 -14.35
N ALA C 57 -6.77 -13.68 -13.71
CA ALA C 57 -6.03 -14.84 -14.21
C ALA C 57 -5.15 -15.42 -13.10
N GLY C 58 -4.31 -16.38 -13.46
CA GLY C 58 -3.43 -17.00 -12.51
C GLY C 58 -3.18 -18.46 -12.85
N LYS C 59 -3.00 -19.29 -11.82
CA LYS C 59 -2.78 -20.72 -12.04
C LYS C 59 -4.10 -21.42 -12.32
N GLN C 60 -5.19 -20.72 -12.02
CA GLN C 60 -6.53 -21.24 -12.23
C GLN C 60 -7.41 -20.12 -12.76
N SER C 61 -8.64 -20.45 -13.15
CA SER C 61 -9.57 -19.47 -13.66
C SER C 61 -10.07 -18.55 -12.53
N LEU C 62 -10.03 -19.07 -11.31
CA LEU C 62 -10.46 -18.32 -10.14
C LEU C 62 -9.60 -18.68 -8.94
N MET D 1 -10.44 1.38 -9.28
CA MET D 1 -9.59 1.07 -8.13
C MET D 1 -9.39 2.31 -7.28
N LYS D 2 -8.82 2.11 -6.09
CA LYS D 2 -8.56 3.19 -5.14
C LYS D 2 -9.87 3.81 -4.65
N PRO D 3 -10.59 3.07 -3.80
CA PRO D 3 -11.89 3.49 -3.25
C PRO D 3 -11.75 4.58 -2.20
N VAL D 4 -11.02 4.28 -1.15
CA VAL D 4 -10.83 5.23 -0.08
C VAL D 4 -9.38 5.37 0.28
N THR D 5 -9.05 6.58 0.63
CA THR D 5 -7.74 6.94 1.10
C THR D 5 -7.95 7.44 2.50
N LEU D 6 -6.94 7.47 3.32
CA LEU D 6 -7.14 7.95 4.67
C LEU D 6 -7.61 9.41 4.63
N TYR D 7 -7.35 10.06 3.50
CA TYR D 7 -7.77 11.44 3.25
C TYR D 7 -9.30 11.52 3.21
N ASP D 8 -9.90 10.47 2.67
CA ASP D 8 -11.35 10.36 2.51
C ASP D 8 -12.01 10.31 3.86
N VAL D 9 -11.42 9.51 4.73
CA VAL D 9 -11.90 9.36 6.08
C VAL D 9 -11.68 10.66 6.83
N ALA D 10 -10.52 11.23 6.59
CA ALA D 10 -10.12 12.49 7.20
C ALA D 10 -11.11 13.61 6.90
N GLU D 11 -11.47 13.73 5.63
CA GLU D 11 -12.40 14.75 5.19
C GLU D 11 -13.76 14.49 5.82
N TYR D 12 -14.18 13.25 5.71
CA TYR D 12 -15.45 12.80 6.25
C TYR D 12 -15.50 12.97 7.76
N ALA D 13 -14.35 12.91 8.42
CA ALA D 13 -14.31 13.07 9.88
C ALA D 13 -14.23 14.55 10.22
N GLY D 14 -13.71 15.31 9.26
CA GLY D 14 -13.59 16.74 9.39
C GLY D 14 -12.29 17.14 10.05
N VAL D 15 -11.28 16.33 9.80
CA VAL D 15 -9.98 16.51 10.40
C VAL D 15 -8.86 16.23 9.39
N SER D 16 -7.69 16.86 9.56
CA SER D 16 -6.58 16.62 8.62
C SER D 16 -6.30 15.12 8.50
N TYR D 17 -5.64 14.76 7.44
CA TYR D 17 -5.29 13.39 7.21
C TYR D 17 -4.61 12.82 8.43
N GLN D 18 -3.50 13.44 8.78
CA GLN D 18 -2.73 13.03 9.95
C GLN D 18 -3.39 13.40 11.26
N THR D 19 -4.64 13.79 11.19
CA THR D 19 -5.36 13.96 12.38
C THR D 19 -5.69 12.53 12.71
N VAL D 20 -6.46 11.95 11.76
CA VAL D 20 -6.91 10.57 11.80
C VAL D 20 -5.80 9.57 11.42
N SER D 21 -4.90 9.93 10.52
CA SER D 21 -3.84 9.02 10.09
C SER D 21 -2.96 8.69 11.27
N ARG D 22 -2.78 9.68 12.13
CA ARG D 22 -2.00 9.51 13.33
C ARG D 22 -2.74 8.53 14.22
N VAL D 23 -4.06 8.60 14.11
CA VAL D 23 -4.96 7.74 14.86
C VAL D 23 -4.78 6.30 14.41
N VAL D 24 -4.84 6.12 13.09
CA VAL D 24 -4.68 4.81 12.47
C VAL D 24 -3.25 4.26 12.64
N ASN D 25 -2.28 5.13 12.90
CA ASN D 25 -0.91 4.67 13.03
C ASN D 25 -0.58 4.24 14.45
N GLN D 26 -1.48 4.57 15.39
CA GLN D 26 -1.36 4.23 16.83
C GLN D 26 -2.06 5.26 17.71
N ALA D 27 -2.00 6.51 17.29
CA ALA D 27 -2.61 7.64 18.00
C ALA D 27 -2.16 7.71 19.47
N SER D 28 -0.86 7.79 19.68
CA SER D 28 -0.31 7.87 21.02
C SER D 28 -0.62 9.22 21.67
N HIS D 29 -0.99 10.19 20.84
CA HIS D 29 -1.30 11.53 21.29
C HIS D 29 -2.55 12.03 20.57
N VAL D 30 -3.72 11.78 21.14
CA VAL D 30 -4.98 12.19 20.55
C VAL D 30 -6.06 12.44 21.61
N SER D 31 -7.19 12.95 21.17
CA SER D 31 -8.31 13.20 22.06
C SER D 31 -9.42 12.16 21.82
N ALA D 32 -10.48 12.25 22.62
CA ALA D 32 -11.61 11.32 22.53
C ALA D 32 -12.42 11.50 21.25
N LYS D 33 -13.13 12.63 21.14
CA LYS D 33 -13.98 12.92 19.98
C LYS D 33 -13.27 12.65 18.66
N THR D 34 -11.99 12.97 18.60
CA THR D 34 -11.22 12.77 17.39
C THR D 34 -11.24 11.31 16.95
N ARG D 35 -10.89 10.42 17.86
CA ARG D 35 -10.83 9.00 17.54
C ARG D 35 -12.19 8.49 17.10
N GLU D 36 -13.21 8.96 17.79
CA GLU D 36 -14.58 8.55 17.52
C GLU D 36 -15.05 9.05 16.16
N LYS D 37 -14.58 10.23 15.77
CA LYS D 37 -14.96 10.83 14.51
C LYS D 37 -14.22 10.18 13.36
N VAL D 38 -12.93 9.94 13.53
CA VAL D 38 -12.14 9.30 12.49
C VAL D 38 -12.57 7.85 12.32
N GLU D 39 -12.74 7.14 13.45
CA GLU D 39 -13.21 5.76 13.45
C GLU D 39 -14.56 5.68 12.78
N ALA D 40 -15.40 6.67 13.04
CA ALA D 40 -16.73 6.72 12.42
C ALA D 40 -16.56 6.86 10.93
N ALA D 41 -15.82 7.90 10.53
CA ALA D 41 -15.61 8.19 9.14
C ALA D 41 -15.10 6.98 8.36
N MET D 42 -14.07 6.33 8.86
CA MET D 42 -13.51 5.16 8.19
C MET D 42 -14.52 4.03 8.17
N ALA D 43 -15.36 3.95 9.19
CA ALA D 43 -16.34 2.86 9.28
C ALA D 43 -17.44 3.05 8.26
N GLU D 44 -17.91 4.28 8.14
CA GLU D 44 -18.98 4.60 7.21
C GLU D 44 -18.52 4.46 5.78
N LEU D 45 -17.33 4.96 5.52
CA LEU D 45 -16.75 4.90 4.18
C LEU D 45 -16.13 3.53 3.92
N ASN D 46 -16.22 2.64 4.93
CA ASN D 46 -15.66 1.28 4.86
C ASN D 46 -14.15 1.33 4.98
N TYR D 47 -13.54 2.19 4.15
CA TYR D 47 -12.10 2.41 4.14
C TYR D 47 -11.32 1.10 4.04
N ILE D 48 -11.14 0.63 2.80
CA ILE D 48 -10.40 -0.59 2.56
C ILE D 48 -8.90 -0.26 2.43
N PRO D 49 -8.05 -0.99 3.16
CA PRO D 49 -6.60 -0.79 3.12
C PRO D 49 -5.95 -1.45 1.90
N ASN D 50 -6.43 -1.11 0.72
CA ASN D 50 -5.90 -1.67 -0.51
C ASN D 50 -6.29 -0.79 -1.69
N ARG D 51 -5.33 -0.05 -2.19
CA ARG D 51 -5.52 0.83 -3.32
C ARG D 51 -4.42 0.60 -4.34
N CYS D 52 -4.70 -0.28 -5.29
CA CYS D 52 -3.76 -0.63 -6.33
C CYS D 52 -4.25 -0.09 -7.67
N ALA D 53 -4.34 -0.96 -8.66
CA ALA D 53 -4.76 -0.55 -9.98
C ALA D 53 -5.52 -1.67 -10.68
N GLN D 54 -5.96 -1.41 -11.91
CA GLN D 54 -6.71 -2.41 -12.67
C GLN D 54 -6.40 -2.29 -14.15
N GLN D 55 -6.70 -1.12 -14.72
CA GLN D 55 -6.46 -0.88 -16.14
C GLN D 55 -5.92 0.52 -16.34
N LEU D 56 -4.85 0.84 -15.61
CA LEU D 56 -4.20 2.14 -15.67
C LEU D 56 -5.15 3.24 -15.20
N ALA D 57 -4.93 4.47 -15.68
CA ALA D 57 -5.76 5.60 -15.31
C ALA D 57 -5.53 6.75 -16.29
N GLY D 58 -6.29 7.82 -16.12
CA GLY D 58 -6.13 8.98 -16.99
C GLY D 58 -7.04 8.91 -18.20
N LYS D 59 -6.76 7.97 -19.10
CA LYS D 59 -7.56 7.81 -20.31
C LYS D 59 -8.84 7.03 -20.00
N GLN D 60 -9.56 7.51 -19.00
CA GLN D 60 -10.81 6.88 -18.57
C GLN D 60 -12.01 7.56 -19.21
N SER D 61 -11.76 8.63 -19.96
CA SER D 61 -12.80 9.37 -20.64
C SER D 61 -12.23 10.12 -21.83
N LEU D 62 -11.22 9.52 -22.46
CA LEU D 62 -10.56 10.14 -23.61
C LEU D 62 -10.47 9.15 -24.76
N MET C 1 15.96 -8.03 3.01
CA MET C 1 15.30 -9.28 3.45
C MET C 1 14.15 -9.61 2.51
N LYS C 2 13.09 -10.24 3.04
CA LYS C 2 11.92 -10.62 2.24
C LYS C 2 11.28 -9.41 1.54
N PRO C 3 11.00 -8.29 2.26
CA PRO C 3 10.40 -7.10 1.65
C PRO C 3 11.27 -6.49 0.56
N VAL C 4 10.62 -6.12 -0.54
CA VAL C 4 11.27 -5.53 -1.71
C VAL C 4 10.46 -4.36 -2.22
N THR C 5 11.14 -3.41 -2.81
CA THR C 5 10.49 -2.24 -3.40
C THR C 5 10.52 -2.43 -4.89
N LEU C 6 9.66 -1.73 -5.60
CA LEU C 6 9.66 -1.87 -7.05
C LEU C 6 11.02 -1.48 -7.63
N TYR C 7 11.74 -0.63 -6.92
CA TYR C 7 13.08 -0.18 -7.33
C TYR C 7 14.06 -1.36 -7.31
N ASP C 8 13.85 -2.20 -6.32
CA ASP C 8 14.68 -3.37 -6.06
C ASP C 8 14.55 -4.37 -7.18
N VAL C 9 13.33 -4.61 -7.61
CA VAL C 9 13.09 -5.53 -8.69
C VAL C 9 13.61 -4.95 -9.98
N ALA C 10 13.38 -3.66 -10.13
CA ALA C 10 13.80 -2.93 -11.31
C ALA C 10 15.30 -3.02 -11.51
N GLU C 11 16.04 -2.80 -10.45
CA GLU C 11 17.50 -2.85 -10.53
C GLU C 11 17.95 -4.26 -10.80
N TYR C 12 17.42 -5.18 -10.03
CA TYR C 12 17.74 -6.59 -10.16
C TYR C 12 17.36 -7.15 -11.53
N ALA C 13 16.33 -6.57 -12.15
CA ALA C 13 15.88 -7.04 -13.45
C ALA C 13 16.73 -6.42 -14.54
N GLY C 14 17.26 -5.25 -14.23
CA GLY C 14 18.11 -4.54 -15.15
C GLY C 14 17.30 -3.66 -16.05
N VAL C 15 16.24 -3.14 -15.48
CA VAL C 15 15.31 -2.28 -16.20
C VAL C 15 14.89 -1.11 -15.34
N SER C 16 14.64 0.02 -15.95
CA SER C 16 14.24 1.19 -15.21
C SER C 16 13.00 0.90 -14.36
N TYR C 17 12.92 1.61 -13.26
CA TYR C 17 11.83 1.46 -12.31
C TYR C 17 10.46 1.58 -12.96
N GLN C 18 10.28 2.64 -13.74
CA GLN C 18 9.01 2.89 -14.41
C GLN C 18 8.68 1.79 -15.42
N THR C 19 9.69 1.04 -15.86
CA THR C 19 9.49 -0.04 -16.79
C THR C 19 8.75 -1.19 -16.12
N VAL C 20 9.35 -1.75 -15.10
CA VAL C 20 8.77 -2.86 -14.37
C VAL C 20 7.54 -2.41 -13.58
N SER C 21 7.53 -1.16 -13.17
CA SER C 21 6.38 -0.62 -12.45
C SER C 21 5.14 -0.72 -13.34
N ARG C 22 5.32 -0.37 -14.62
CA ARG C 22 4.24 -0.45 -15.60
C ARG C 22 3.90 -1.91 -15.86
N VAL C 23 4.91 -2.76 -15.68
CA VAL C 23 4.77 -4.18 -15.86
C VAL C 23 3.82 -4.75 -14.82
N VAL C 24 4.06 -4.37 -13.57
CA VAL C 24 3.22 -4.82 -12.46
C VAL C 24 1.80 -4.27 -12.62
N ASN C 25 1.68 -3.19 -13.40
CA ASN C 25 0.38 -2.57 -13.65
C ASN C 25 -0.23 -3.10 -14.93
N GLN C 26 0.51 -4.01 -15.58
CA GLN C 26 0.10 -4.68 -16.83
C GLN C 26 0.37 -3.77 -18.01
N ALA C 27 -0.19 -2.56 -17.95
CA ALA C 27 -0.01 -1.56 -18.98
C ALA C 27 -0.52 -2.02 -20.35
N SER C 28 0.39 -2.16 -21.33
CA SER C 28 0.02 -2.57 -22.68
C SER C 28 1.24 -2.65 -23.62
N HIS C 29 2.33 -1.99 -23.26
CA HIS C 29 3.53 -1.99 -24.10
C HIS C 29 4.73 -2.46 -23.32
N VAL C 30 4.99 -3.76 -23.38
CA VAL C 30 6.12 -4.36 -22.69
C VAL C 30 6.73 -5.50 -23.51
N SER C 31 8.06 -5.53 -23.58
CA SER C 31 8.78 -6.56 -24.32
C SER C 31 8.73 -7.90 -23.60
N ALA C 32 9.16 -8.95 -24.30
CA ALA C 32 9.18 -10.29 -23.76
C ALA C 32 10.25 -10.43 -22.67
N LYS C 33 11.52 -10.36 -23.08
CA LYS C 33 12.67 -10.49 -22.17
C LYS C 33 12.50 -9.64 -20.94
N THR C 34 12.16 -8.38 -21.15
CA THR C 34 11.95 -7.45 -20.08
C THR C 34 10.93 -7.96 -19.07
N ARG C 35 9.81 -8.49 -19.54
CA ARG C 35 8.78 -8.98 -18.64
C ARG C 35 9.33 -10.16 -17.85
N GLU C 36 10.14 -10.96 -18.53
CA GLU C 36 10.75 -12.12 -17.91
C GLU C 36 11.77 -11.68 -16.87
N LYS C 37 12.45 -10.57 -17.16
CA LYS C 37 13.47 -10.04 -16.26
C LYS C 37 12.84 -9.45 -15.02
N VAL C 38 11.79 -8.66 -15.20
CA VAL C 38 11.11 -8.03 -14.07
C VAL C 38 10.45 -9.11 -13.21
N GLU C 39 9.75 -10.04 -13.85
CA GLU C 39 9.09 -11.13 -13.16
C GLU C 39 10.13 -11.98 -12.48
N ALA C 40 11.27 -12.21 -13.15
CA ALA C 40 12.34 -12.97 -12.54
C ALA C 40 12.80 -12.23 -11.31
N ALA C 41 13.20 -10.98 -11.50
CA ALA C 41 13.68 -10.17 -10.40
C ALA C 41 12.72 -10.16 -9.21
N MET C 42 11.46 -9.89 -9.46
CA MET C 42 10.49 -9.86 -8.38
C MET C 42 10.32 -11.25 -7.77
N ALA C 43 10.48 -12.29 -8.60
CA ALA C 43 10.33 -13.66 -8.13
C ALA C 43 11.50 -14.07 -7.26
N GLU C 44 12.70 -13.75 -7.71
CA GLU C 44 13.91 -14.09 -6.98
C GLU C 44 13.99 -13.30 -5.69
N LEU C 45 13.64 -12.02 -5.77
CA LEU C 45 13.64 -11.16 -4.59
C LEU C 45 12.37 -11.36 -3.78
N ASN C 46 11.50 -12.24 -4.26
CA ASN C 46 10.21 -12.54 -3.63
C ASN C 46 9.20 -11.42 -3.87
N TYR C 47 9.62 -10.18 -3.55
CA TYR C 47 8.78 -8.99 -3.74
C TYR C 47 7.34 -9.22 -3.26
N ILE C 48 7.19 -9.33 -1.95
CA ILE C 48 5.89 -9.57 -1.36
C ILE C 48 5.09 -8.27 -1.12
N PRO C 49 5.67 -7.21 -0.52
CA PRO C 49 4.96 -5.97 -0.23
C PRO C 49 5.28 -4.85 -1.22
N ASN C 50 4.25 -4.30 -1.86
CA ASN C 50 4.44 -3.18 -2.77
C ASN C 50 4.55 -1.89 -1.96
N ARG C 51 3.98 -1.96 -0.76
CA ARG C 51 3.97 -0.85 0.20
C ARG C 51 3.04 -1.23 1.33
N CYS C 52 1.90 -1.80 0.96
CA CYS C 52 0.88 -2.25 1.90
C CYS C 52 -0.24 -2.94 1.15
N ALA C 53 -1.42 -2.35 1.16
CA ALA C 53 -2.55 -2.95 0.49
C ALA C 53 -3.45 -1.89 -0.13
N GLN C 54 -3.07 -1.43 -1.31
CA GLN C 54 -3.82 -0.40 -2.02
C GLN C 54 -4.86 -1.03 -2.95
N GLN C 55 -4.69 -2.33 -3.19
CA GLN C 55 -5.60 -3.05 -4.07
C GLN C 55 -5.75 -4.49 -3.59
N LEU C 56 -5.47 -4.71 -2.32
CA LEU C 56 -5.57 -6.04 -1.75
C LEU C 56 -6.79 -6.13 -0.83
N ALA C 57 -7.82 -6.83 -1.30
CA ALA C 57 -9.04 -6.99 -0.52
C ALA C 57 -9.26 -8.45 -0.15
N GLY C 58 -10.25 -8.69 0.70
CA GLY C 58 -10.55 -10.04 1.13
C GLY C 58 -9.71 -10.48 2.31
N LYS C 59 -9.26 -9.51 3.10
CA LYS C 59 -8.44 -9.79 4.26
C LYS C 59 -9.01 -9.11 5.50
N GLN C 60 -9.28 -9.90 6.53
CA GLN C 60 -9.80 -9.38 7.78
C GLN C 60 -8.66 -9.19 8.78
N SER C 61 -8.61 -8.03 9.40
CA SER C 61 -7.58 -7.72 10.39
C SER C 61 -8.08 -6.69 11.39
N LEU C 62 -8.35 -5.49 10.91
CA LEU C 62 -8.84 -4.41 11.76
C LEU C 62 -9.97 -3.67 11.06
N MET D 1 -14.17 -3.70 -3.38
CA MET D 1 -15.30 -2.88 -3.79
C MET D 1 -14.86 -1.46 -4.09
N LYS D 2 -14.38 -0.76 -3.06
CA LYS D 2 -13.93 0.61 -3.20
C LYS D 2 -12.97 0.95 -2.05
N PRO D 3 -11.66 0.78 -2.28
CA PRO D 3 -10.64 1.07 -1.27
C PRO D 3 -10.54 2.55 -0.92
N VAL D 4 -11.04 2.88 0.27
CA VAL D 4 -10.98 4.24 0.79
C VAL D 4 -9.56 4.61 1.14
N THR D 5 -9.24 5.84 0.84
CA THR D 5 -7.95 6.39 1.14
C THR D 5 -8.02 6.97 2.52
N LEU D 6 -6.95 6.94 3.30
CA LEU D 6 -7.03 7.50 4.63
C LEU D 6 -7.40 8.98 4.57
N TYR D 7 -7.10 9.57 3.42
CA TYR D 7 -7.43 10.96 3.12
C TYR D 7 -8.95 11.12 3.10
N ASP D 8 -9.59 10.08 2.60
CA ASP D 8 -11.04 10.01 2.45
C ASP D 8 -11.69 10.03 3.81
N VAL D 9 -11.14 9.25 4.72
CA VAL D 9 -11.64 9.16 6.06
C VAL D 9 -11.38 10.47 6.76
N ALA D 10 -10.18 10.97 6.54
CA ALA D 10 -9.73 12.23 7.13
C ALA D 10 -10.65 13.38 6.77
N GLU D 11 -10.99 13.47 5.49
CA GLU D 11 -11.86 14.52 4.98
C GLU D 11 -13.24 14.35 5.56
N TYR D 12 -13.75 13.13 5.47
CA TYR D 12 -15.07 12.79 5.97
C TYR D 12 -15.17 13.02 7.48
N ALA D 13 -14.03 12.94 8.17
CA ALA D 13 -14.02 13.15 9.61
C ALA D 13 -13.85 14.64 9.92
N GLY D 14 -13.20 15.32 8.99
CA GLY D 14 -12.98 16.75 9.11
C GLY D 14 -11.72 17.05 9.86
N VAL D 15 -10.75 16.18 9.66
CA VAL D 15 -9.47 16.26 10.33
C VAL D 15 -8.33 15.92 9.37
N SER D 16 -7.15 16.53 9.59
CA SER D 16 -5.98 16.27 8.75
C SER D 16 -5.76 14.77 8.57
N TYR D 17 -4.99 14.44 7.56
CA TYR D 17 -4.75 13.05 7.26
C TYR D 17 -4.10 12.36 8.47
N GLN D 18 -2.85 12.77 8.83
CA GLN D 18 -2.25 12.27 10.07
C GLN D 18 -3.05 12.73 11.29
N THR D 19 -4.23 13.31 11.14
CA THR D 19 -4.95 13.52 12.30
C THR D 19 -5.40 12.10 12.64
N VAL D 20 -6.18 11.54 11.71
CA VAL D 20 -6.70 10.18 11.78
C VAL D 20 -5.67 9.09 11.46
N SER D 21 -4.73 9.40 10.57
CA SER D 21 -3.69 8.45 10.18
C SER D 21 -2.83 8.07 11.38
N ARG D 22 -2.57 9.05 12.25
CA ARG D 22 -1.82 8.85 13.47
C ARG D 22 -2.62 7.93 14.38
N VAL D 23 -3.93 8.06 14.24
CA VAL D 23 -4.87 7.26 14.97
C VAL D 23 -4.72 5.80 14.50
N VAL D 24 -4.77 5.63 13.18
CA VAL D 24 -4.62 4.33 12.51
C VAL D 24 -3.19 3.76 12.63
N ASN D 25 -2.22 4.62 12.91
CA ASN D 25 -0.83 4.19 12.98
C ASN D 25 -0.33 4.05 14.40
N GLN D 26 -1.28 3.99 15.35
CA GLN D 26 -1.01 3.85 16.79
C GLN D 26 -0.83 5.21 17.38
N ALA D 27 -1.96 5.83 17.68
CA ALA D 27 -1.98 7.17 18.22
C ALA D 27 -1.62 7.19 19.70
N SER D 28 -2.56 6.76 20.54
CA SER D 28 -2.39 6.73 22.00
C SER D 28 -2.27 8.16 22.57
N HIS D 29 -2.14 9.13 21.68
CA HIS D 29 -2.00 10.53 22.03
C HIS D 29 -2.93 11.33 21.14
N VAL D 30 -4.15 11.55 21.61
CA VAL D 30 -5.17 12.27 20.84
C VAL D 30 -6.43 12.47 21.66
N SER D 31 -7.30 13.35 21.20
CA SER D 31 -8.55 13.66 21.89
C SER D 31 -9.63 12.61 21.62
N ALA D 32 -10.74 12.74 22.35
CA ALA D 32 -11.87 11.81 22.24
C ALA D 32 -12.64 11.97 20.93
N LYS D 33 -13.33 13.11 20.76
CA LYS D 33 -14.15 13.36 19.56
C LYS D 33 -13.38 13.11 18.27
N THR D 34 -12.08 13.31 18.29
CA THR D 34 -11.28 13.08 17.12
C THR D 34 -11.35 11.62 16.71
N ARG D 35 -11.14 10.71 17.66
CA ARG D 35 -11.15 9.29 17.36
C ARG D 35 -12.55 8.86 16.95
N GLU D 36 -13.54 9.43 17.60
CA GLU D 36 -14.94 9.12 17.32
C GLU D 36 -15.33 9.57 15.93
N LYS D 37 -14.68 10.63 15.46
CA LYS D 37 -14.94 11.16 14.12
C LYS D 37 -14.20 10.38 13.06
N VAL D 38 -12.94 10.07 13.33
CA VAL D 38 -12.14 9.31 12.37
C VAL D 38 -12.67 7.88 12.25
N GLU D 39 -12.96 7.28 13.41
CA GLU D 39 -13.52 5.93 13.46
C GLU D 39 -14.85 5.92 12.73
N ALA D 40 -15.66 6.96 12.95
CA ALA D 40 -16.92 7.05 12.27
C ALA D 40 -16.68 7.13 10.77
N ALA D 41 -15.85 8.08 10.38
CA ALA D 41 -15.53 8.28 8.99
C ALA D 41 -15.08 7.00 8.28
N MET D 42 -14.11 6.32 8.87
CA MET D 42 -13.61 5.09 8.27
C MET D 42 -14.70 4.02 8.25
N ALA D 43 -15.56 4.04 9.26
CA ALA D 43 -16.62 3.04 9.36
C ALA D 43 -17.69 3.26 8.30
N GLU D 44 -18.05 4.52 8.10
CA GLU D 44 -19.07 4.87 7.13
C GLU D 44 -18.60 4.63 5.72
N LEU D 45 -17.36 5.02 5.45
CA LEU D 45 -16.79 4.85 4.13
C LEU D 45 -16.33 3.42 3.91
N ASN D 46 -16.47 2.59 4.94
CA ASN D 46 -16.08 1.18 4.88
C ASN D 46 -14.58 1.08 4.54
N TYR D 47 -13.81 1.90 5.22
CA TYR D 47 -12.37 1.97 5.06
C TYR D 47 -11.71 0.66 5.43
N ILE D 48 -10.96 0.12 4.49
CA ILE D 48 -10.24 -1.13 4.68
C ILE D 48 -9.19 -0.99 5.79
N PRO D 49 -8.81 -2.12 6.42
CA PRO D 49 -7.83 -2.15 7.52
C PRO D 49 -6.56 -1.34 7.21
N ASN D 50 -5.93 -1.64 6.06
CA ASN D 50 -4.70 -0.95 5.65
C ASN D 50 -3.66 -0.95 6.77
N ARG D 51 -3.17 -2.15 7.08
CA ARG D 51 -2.17 -2.33 8.14
C ARG D 51 -1.19 -3.42 7.75
N CYS D 52 -0.07 -3.03 7.17
CA CYS D 52 0.94 -3.96 6.76
C CYS D 52 2.23 -3.69 7.51
N ALA D 53 3.34 -3.70 6.79
CA ALA D 53 4.66 -3.49 7.37
C ALA D 53 5.74 -3.59 6.29
N GLN D 54 6.98 -3.41 6.71
CA GLN D 54 8.11 -3.49 5.81
C GLN D 54 9.33 -3.96 6.58
N GLN D 55 10.53 -3.79 6.01
CA GLN D 55 11.74 -4.21 6.68
C GLN D 55 12.40 -3.02 7.39
N LEU D 56 11.59 -2.01 7.67
CA LEU D 56 12.04 -0.80 8.35
C LEU D 56 10.92 -0.25 9.21
N ALA D 57 11.11 0.95 9.75
CA ALA D 57 10.10 1.57 10.61
C ALA D 57 9.21 2.50 9.80
N GLY D 58 9.83 3.31 8.95
CA GLY D 58 9.07 4.25 8.13
C GLY D 58 9.83 4.65 6.89
N LYS D 59 9.58 5.85 6.40
CA LYS D 59 10.25 6.34 5.22
C LYS D 59 11.44 7.22 5.61
N GLN D 60 12.62 6.89 5.11
CA GLN D 60 13.82 7.66 5.41
C GLN D 60 13.74 9.04 4.75
N SER D 61 14.63 9.93 5.14
CA SER D 61 14.66 11.27 4.59
C SER D 61 16.10 11.69 4.31
N LEU D 62 16.89 10.74 3.84
CA LEU D 62 18.28 10.96 3.53
C LEU D 62 18.79 9.89 2.59
N MET C 1 12.36 -11.92 3.68
CA MET C 1 12.46 -11.38 5.06
C MET C 1 12.56 -9.86 5.03
N LYS C 2 12.08 -9.24 3.96
CA LYS C 2 12.14 -7.79 3.82
C LYS C 2 11.23 -7.33 2.69
N PRO C 3 10.41 -6.31 2.94
CA PRO C 3 9.48 -5.76 1.94
C PRO C 3 10.19 -5.08 0.77
N VAL C 4 10.25 -5.80 -0.33
CA VAL C 4 10.86 -5.29 -1.56
C VAL C 4 10.04 -4.17 -2.15
N THR C 5 10.73 -3.21 -2.69
CA THR C 5 10.10 -2.09 -3.35
C THR C 5 10.21 -2.34 -4.83
N LEU C 6 9.40 -1.68 -5.61
CA LEU C 6 9.45 -1.88 -7.04
C LEU C 6 10.84 -1.51 -7.58
N TYR C 7 11.53 -0.65 -6.86
CA TYR C 7 12.89 -0.22 -7.22
C TYR C 7 13.86 -1.40 -7.15
N ASP C 8 13.61 -2.23 -6.16
CA ASP C 8 14.42 -3.40 -5.86
C ASP C 8 14.33 -4.40 -6.99
N VAL C 9 13.10 -4.65 -7.46
CA VAL C 9 12.89 -5.58 -8.54
C VAL C 9 13.44 -5.00 -9.82
N ALA C 10 13.20 -3.73 -9.99
CA ALA C 10 13.64 -2.99 -11.18
C ALA C 10 15.14 -3.09 -11.36
N GLU C 11 15.87 -2.86 -10.28
CA GLU C 11 17.32 -2.90 -10.33
C GLU C 11 17.79 -4.31 -10.59
N TYR C 12 17.24 -5.23 -9.82
CA TYR C 12 17.57 -6.63 -9.92
C TYR C 12 17.20 -7.20 -11.29
N ALA C 13 16.21 -6.60 -11.95
CA ALA C 13 15.78 -7.10 -13.25
C ALA C 13 16.65 -6.48 -14.34
N GLY C 14 17.16 -5.30 -14.05
CA GLY C 14 18.01 -4.61 -14.98
C GLY C 14 17.20 -3.75 -15.91
N VAL C 15 16.14 -3.20 -15.36
CA VAL C 15 15.22 -2.36 -16.11
C VAL C 15 14.82 -1.17 -15.26
N SER C 16 14.60 -0.03 -15.89
CA SER C 16 14.23 1.15 -15.13
C SER C 16 12.99 0.88 -14.30
N TYR C 17 12.96 1.48 -13.13
CA TYR C 17 11.86 1.35 -12.19
C TYR C 17 10.51 1.49 -12.87
N GLN C 18 10.39 2.56 -13.64
CA GLN C 18 9.16 2.88 -14.36
C GLN C 18 8.78 1.80 -15.38
N THR C 19 9.77 1.02 -15.82
CA THR C 19 9.53 -0.06 -16.77
C THR C 19 8.73 -1.18 -16.12
N VAL C 20 9.30 -1.77 -15.08
CA VAL C 20 8.64 -2.86 -14.37
C VAL C 20 7.44 -2.36 -13.60
N SER C 21 7.46 -1.10 -13.19
CA SER C 21 6.33 -0.50 -12.48
C SER C 21 5.11 -0.55 -13.39
N ARG C 22 5.34 -0.30 -14.68
CA ARG C 22 4.29 -0.34 -15.68
C ARG C 22 3.86 -1.79 -15.88
N VAL C 23 4.83 -2.67 -15.71
CA VAL C 23 4.64 -4.11 -15.88
C VAL C 23 3.70 -4.64 -14.80
N VAL C 24 4.00 -4.27 -13.56
CA VAL C 24 3.23 -4.69 -12.40
C VAL C 24 1.81 -4.10 -12.41
N ASN C 25 1.61 -3.00 -13.14
CA ASN C 25 0.29 -2.36 -13.15
C ASN C 25 -0.45 -2.51 -14.48
N GLN C 26 0.24 -2.97 -15.51
CA GLN C 26 -0.36 -3.14 -16.83
C GLN C 26 0.51 -3.99 -17.74
N ALA C 27 1.60 -3.38 -18.23
CA ALA C 27 2.53 -4.03 -19.16
C ALA C 27 1.83 -4.42 -20.45
N SER C 28 0.98 -3.52 -20.94
CA SER C 28 0.23 -3.72 -22.16
C SER C 28 1.13 -3.69 -23.40
N HIS C 29 2.38 -3.25 -23.20
CA HIS C 29 3.34 -3.17 -24.28
C HIS C 29 4.76 -3.17 -23.70
N VAL C 30 5.41 -4.34 -23.77
CA VAL C 30 6.76 -4.52 -23.25
C VAL C 30 7.44 -5.69 -23.95
N SER C 31 8.77 -5.69 -23.96
CA SER C 31 9.54 -6.76 -24.60
C SER C 31 9.41 -8.07 -23.81
N ALA C 32 9.83 -9.16 -24.44
CA ALA C 32 9.78 -10.48 -23.84
C ALA C 32 10.70 -10.60 -22.63
N LYS C 33 12.01 -10.55 -22.86
CA LYS C 33 13.00 -10.68 -21.79
C LYS C 33 12.76 -9.68 -20.67
N THR C 34 12.19 -8.54 -20.98
CA THR C 34 11.91 -7.54 -19.99
C THR C 34 10.98 -8.09 -18.92
N ARG C 35 9.89 -8.70 -19.35
CA ARG C 35 8.92 -9.24 -18.41
C ARG C 35 9.55 -10.40 -17.66
N GLU C 36 10.42 -11.13 -18.34
CA GLU C 36 11.10 -12.27 -17.75
C GLU C 36 12.05 -11.79 -16.67
N LYS C 37 12.63 -10.63 -16.88
CA LYS C 37 13.57 -10.06 -15.93
C LYS C 37 12.84 -9.47 -14.74
N VAL C 38 11.77 -8.72 -15.00
CA VAL C 38 11.01 -8.12 -13.91
C VAL C 38 10.40 -9.23 -13.06
N GLU C 39 9.80 -10.22 -13.73
CA GLU C 39 9.20 -11.37 -13.08
C GLU C 39 10.25 -12.14 -12.32
N ALA C 40 11.40 -12.37 -12.94
CA ALA C 40 12.48 -13.07 -12.27
C ALA C 40 12.87 -12.30 -11.04
N ALA C 41 13.19 -11.03 -11.24
CA ALA C 41 13.59 -10.17 -10.15
C ALA C 41 12.61 -10.18 -8.99
N MET C 42 11.34 -9.96 -9.28
CA MET C 42 10.34 -9.93 -8.23
C MET C 42 10.20 -11.32 -7.60
N ALA C 43 10.40 -12.36 -8.42
CA ALA C 43 10.26 -13.73 -7.93
C ALA C 43 11.39 -14.10 -6.98
N GLU C 44 12.61 -13.72 -7.34
CA GLU C 44 13.78 -14.02 -6.54
C GLU C 44 13.76 -13.22 -5.25
N LEU C 45 13.42 -11.95 -5.37
CA LEU C 45 13.36 -11.06 -4.22
C LEU C 45 12.05 -11.24 -3.48
N ASN C 46 11.21 -12.15 -3.97
CA ASN C 46 9.88 -12.43 -3.39
C ASN C 46 8.90 -11.32 -3.76
N TYR C 47 9.26 -10.08 -3.39
CA TYR C 47 8.47 -8.89 -3.69
C TYR C 47 7.01 -9.03 -3.23
N ILE C 48 6.71 -8.42 -2.09
CA ILE C 48 5.37 -8.46 -1.51
C ILE C 48 4.31 -7.93 -2.48
N PRO C 49 3.04 -8.31 -2.25
CA PRO C 49 1.92 -7.90 -3.10
C PRO C 49 1.63 -6.40 -3.05
N ASN C 50 2.15 -5.67 -4.02
CA ASN C 50 1.94 -4.22 -4.10
C ASN C 50 0.55 -3.93 -4.66
N ARG C 51 -0.08 -4.97 -5.20
CA ARG C 51 -1.42 -4.86 -5.78
C ARG C 51 -2.05 -6.23 -5.87
N CYS C 52 -1.34 -7.15 -6.50
CA CYS C 52 -1.78 -8.51 -6.69
C CYS C 52 -0.63 -9.33 -7.22
N ALA C 53 -0.27 -10.32 -6.44
CA ALA C 53 0.84 -11.21 -6.77
C ALA C 53 0.45 -12.20 -7.87
N GLN C 54 -0.04 -11.65 -8.98
CA GLN C 54 -0.46 -12.45 -10.13
C GLN C 54 0.76 -12.92 -10.90
N GLN C 55 1.76 -12.06 -10.95
CA GLN C 55 3.01 -12.37 -11.65
C GLN C 55 3.86 -13.30 -10.81
N LEU C 56 3.59 -13.33 -9.51
CA LEU C 56 4.34 -14.15 -8.59
C LEU C 56 3.71 -15.54 -8.49
N ALA C 57 2.49 -15.58 -7.96
CA ALA C 57 1.72 -16.81 -7.78
C ALA C 57 2.48 -17.85 -6.97
N GLY C 58 3.17 -18.76 -7.65
CA GLY C 58 3.94 -19.78 -6.98
C GLY C 58 5.02 -20.32 -7.88
N LYS C 59 5.73 -19.41 -8.55
CA LYS C 59 6.81 -19.79 -9.46
C LYS C 59 8.04 -20.28 -8.69
N GLN C 60 8.14 -19.89 -7.43
CA GLN C 60 9.25 -20.32 -6.59
C GLN C 60 8.95 -21.67 -5.96
N SER C 61 7.90 -21.72 -5.17
CA SER C 61 7.47 -22.93 -4.49
C SER C 61 6.00 -22.82 -4.13
N LEU C 62 5.40 -23.89 -3.65
CA LEU C 62 3.99 -23.88 -3.28
C LEU C 62 3.83 -23.34 -1.86
N MET D 1 -16.61 3.56 -7.60
CA MET D 1 -16.96 4.34 -6.41
C MET D 1 -15.71 4.99 -5.83
N LYS D 2 -14.56 4.53 -6.34
CA LYS D 2 -13.24 5.02 -5.92
C LYS D 2 -12.92 4.62 -4.48
N PRO D 3 -11.98 3.69 -4.30
CA PRO D 3 -11.56 3.22 -2.97
C PRO D 3 -11.15 4.39 -2.06
N VAL D 4 -11.56 4.31 -0.81
CA VAL D 4 -11.27 5.36 0.16
C VAL D 4 -9.81 5.38 0.56
N THR D 5 -9.34 6.58 0.74
CA THR D 5 -8.00 6.84 1.20
C THR D 5 -8.12 7.35 2.61
N LEU D 6 -7.08 7.26 3.41
CA LEU D 6 -7.18 7.79 4.75
C LEU D 6 -7.48 9.28 4.67
N TYR D 7 -7.14 9.83 3.51
CA TYR D 7 -7.37 11.23 3.15
C TYR D 7 -8.86 11.54 3.13
N ASP D 8 -9.60 10.59 2.59
CA ASP D 8 -11.06 10.68 2.42
C ASP D 8 -11.74 10.69 3.76
N VAL D 9 -11.25 9.83 4.65
CA VAL D 9 -11.80 9.71 5.97
C VAL D 9 -11.50 10.98 6.75
N ALA D 10 -10.29 11.45 6.55
CA ALA D 10 -9.81 12.65 7.22
C ALA D 10 -10.65 13.86 6.83
N GLU D 11 -10.88 14.00 5.53
CA GLU D 11 -11.68 15.10 5.00
C GLU D 11 -13.09 14.99 5.53
N TYR D 12 -13.65 13.80 5.40
CA TYR D 12 -15.00 13.52 5.85
C TYR D 12 -15.13 13.71 7.36
N ALA D 13 -14.04 13.51 8.09
CA ALA D 13 -14.07 13.67 9.54
C ALA D 13 -13.91 15.14 9.89
N GLY D 14 -13.26 15.85 8.98
CA GLY D 14 -13.02 17.27 9.15
C GLY D 14 -11.74 17.51 9.91
N VAL D 15 -10.79 16.62 9.71
CA VAL D 15 -9.52 16.65 10.39
C VAL D 15 -8.39 16.27 9.46
N SER D 16 -7.18 16.77 9.73
CA SER D 16 -6.03 16.44 8.91
C SER D 16 -5.92 14.93 8.71
N TYR D 17 -5.22 14.56 7.68
CA TYR D 17 -5.03 13.17 7.35
C TYR D 17 -4.42 12.44 8.52
N GLN D 18 -3.25 12.93 8.93
CA GLN D 18 -2.56 12.34 10.06
C GLN D 18 -3.19 12.68 11.39
N THR D 19 -4.37 13.33 11.35
CA THR D 19 -5.13 13.58 12.57
C THR D 19 -5.64 12.19 12.88
N VAL D 20 -6.34 11.66 11.88
CA VAL D 20 -6.86 10.32 11.90
C VAL D 20 -5.78 9.25 11.62
N SER D 21 -4.75 9.57 10.85
CA SER D 21 -3.67 8.59 10.59
C SER D 21 -3.03 8.17 11.90
N ARG D 22 -3.02 9.10 12.84
CA ARG D 22 -2.51 8.84 14.18
C ARG D 22 -3.41 7.79 14.78
N VAL D 23 -4.69 7.98 14.52
CA VAL D 23 -5.74 7.11 15.00
C VAL D 23 -5.61 5.73 14.38
N VAL D 24 -5.49 5.70 13.06
CA VAL D 24 -5.36 4.46 12.30
C VAL D 24 -4.02 3.74 12.61
N ASN D 25 -3.04 4.48 13.11
CA ASN D 25 -1.76 3.87 13.40
C ASN D 25 -1.65 3.61 14.90
N GLN D 26 -2.75 3.91 15.60
CA GLN D 26 -2.88 3.74 17.05
C GLN D 26 -2.20 4.91 17.74
N ALA D 27 -1.07 5.29 17.17
CA ALA D 27 -0.27 6.41 17.62
C ALA D 27 0.14 6.28 19.09
N SER D 28 0.53 7.41 19.67
CA SER D 28 0.91 7.45 21.08
C SER D 28 0.57 8.82 21.70
N HIS D 29 -0.08 9.68 20.90
CA HIS D 29 -0.46 11.01 21.33
C HIS D 29 -1.68 11.49 20.54
N VAL D 30 -2.87 11.27 21.10
CA VAL D 30 -4.12 11.62 20.43
C VAL D 30 -5.20 12.04 21.43
N SER D 31 -6.36 12.43 20.92
CA SER D 31 -7.48 12.84 21.76
C SER D 31 -8.66 11.87 21.61
N ALA D 32 -9.68 12.09 22.45
CA ALA D 32 -10.89 11.25 22.47
C ALA D 32 -11.79 11.47 21.25
N LYS D 33 -12.43 12.65 21.18
CA LYS D 33 -13.37 12.96 20.08
C LYS D 33 -12.75 12.75 18.71
N THR D 34 -11.44 12.90 18.60
CA THR D 34 -10.78 12.69 17.35
C THR D 34 -11.03 11.29 16.83
N ARG D 35 -10.92 10.31 17.72
CA ARG D 35 -11.07 8.92 17.35
C ARG D 35 -12.48 8.63 16.82
N GLU D 36 -13.49 9.14 17.51
CA GLU D 36 -14.88 8.89 17.12
C GLU D 36 -15.22 9.60 15.81
N LYS D 37 -14.62 10.76 15.58
CA LYS D 37 -14.88 11.52 14.37
C LYS D 37 -14.28 10.81 13.16
N VAL D 38 -13.04 10.38 13.29
CA VAL D 38 -12.35 9.69 12.22
C VAL D 38 -12.97 8.30 12.02
N GLU D 39 -13.26 7.62 13.14
CA GLU D 39 -13.89 6.31 13.09
C GLU D 39 -15.24 6.43 12.40
N ALA D 40 -15.97 7.51 12.70
CA ALA D 40 -17.25 7.73 12.04
C ALA D 40 -17.02 7.87 10.55
N ALA D 41 -16.09 8.76 10.20
CA ALA D 41 -15.78 9.00 8.81
C ALA D 41 -15.41 7.73 8.05
N MET D 42 -14.47 6.96 8.59
CA MET D 42 -14.06 5.73 7.94
C MET D 42 -15.21 4.74 7.88
N ALA D 43 -16.10 4.78 8.87
CA ALA D 43 -17.22 3.86 8.93
C ALA D 43 -18.26 4.17 7.86
N GLU D 44 -18.55 5.45 7.69
CA GLU D 44 -19.52 5.90 6.70
C GLU D 44 -19.02 5.65 5.30
N LEU D 45 -17.77 6.00 5.09
CA LEU D 45 -17.15 5.83 3.78
C LEU D 45 -16.68 4.39 3.59
N ASN D 46 -16.91 3.56 4.62
CA ASN D 46 -16.52 2.14 4.62
C ASN D 46 -15.00 2.01 4.76
N TYR D 47 -14.27 2.78 3.95
CA TYR D 47 -12.81 2.80 3.97
C TYR D 47 -12.21 1.43 3.67
N ILE D 48 -12.00 1.18 2.39
CA ILE D 48 -11.41 -0.08 1.94
C ILE D 48 -10.14 0.19 1.13
N PRO D 49 -8.98 -0.26 1.63
CA PRO D 49 -7.70 -0.09 0.97
C PRO D 49 -7.24 -1.35 0.23
N ASN D 50 -7.49 -1.40 -1.07
CA ASN D 50 -7.10 -2.54 -1.89
C ASN D 50 -7.37 -2.25 -3.36
N ARG D 51 -6.30 -2.27 -4.14
CA ARG D 51 -6.39 -2.00 -5.58
C ARG D 51 -6.58 -3.30 -6.38
N CYS D 52 -6.88 -4.40 -5.68
CA CYS D 52 -7.07 -5.68 -6.35
C CYS D 52 -7.68 -6.70 -5.40
N ALA D 53 -6.83 -7.48 -4.74
CA ALA D 53 -7.31 -8.50 -3.84
C ALA D 53 -6.18 -9.05 -2.97
N GLN D 54 -5.37 -9.94 -3.55
CA GLN D 54 -4.26 -10.54 -2.81
C GLN D 54 -3.30 -11.25 -3.77
N GLN D 55 -3.45 -12.57 -3.86
CA GLN D 55 -2.60 -13.37 -4.74
C GLN D 55 -3.39 -14.55 -5.31
N LEU D 56 -4.71 -14.45 -5.25
CA LEU D 56 -5.62 -15.49 -5.75
C LEU D 56 -5.37 -16.84 -5.08
N ALA D 57 -4.64 -17.72 -5.77
CA ALA D 57 -4.36 -19.05 -5.25
C ALA D 57 -2.85 -19.27 -5.12
N GLY D 58 -2.11 -18.19 -4.91
CA GLY D 58 -0.68 -18.29 -4.76
C GLY D 58 -0.27 -18.43 -3.32
N LYS D 59 1.01 -18.68 -3.09
CA LYS D 59 1.54 -18.85 -1.74
C LYS D 59 2.82 -18.04 -1.58
N GLN D 60 2.68 -16.82 -1.09
CA GLN D 60 3.83 -15.93 -0.91
C GLN D 60 4.23 -15.85 0.57
N SER D 61 5.23 -15.02 0.83
CA SER D 61 5.74 -14.80 2.17
C SER D 61 6.35 -13.40 2.28
N LEU D 62 7.16 -13.17 3.30
CA LEU D 62 7.79 -11.87 3.49
C LEU D 62 9.30 -12.02 3.43
N MET C 1 20.28 -6.23 6.71
CA MET C 1 18.88 -6.46 6.27
C MET C 1 18.42 -5.30 5.40
N LYS C 2 17.65 -5.61 4.36
CA LYS C 2 17.16 -4.59 3.45
C LYS C 2 16.06 -5.13 2.56
N PRO C 3 14.85 -4.54 2.63
CA PRO C 3 13.71 -4.96 1.81
C PRO C 3 13.90 -4.61 0.34
N VAL C 4 12.91 -4.95 -0.48
CA VAL C 4 12.98 -4.69 -1.91
C VAL C 4 12.03 -3.58 -2.32
N THR C 5 12.50 -2.82 -3.26
CA THR C 5 11.73 -1.75 -3.86
C THR C 5 11.60 -2.10 -5.31
N LEU C 6 10.69 -1.48 -6.02
CA LEU C 6 10.54 -1.80 -7.42
C LEU C 6 11.85 -1.52 -8.18
N TYR C 7 12.66 -0.65 -7.61
CA TYR C 7 13.96 -0.29 -8.18
C TYR C 7 14.90 -1.50 -8.17
N ASP C 8 14.79 -2.29 -7.10
CA ASP C 8 15.63 -3.46 -6.88
C ASP C 8 15.33 -4.51 -7.93
N VAL C 9 14.05 -4.72 -8.17
CA VAL C 9 13.61 -5.69 -9.15
C VAL C 9 14.00 -5.21 -10.53
N ALA C 10 13.81 -3.92 -10.72
CA ALA C 10 14.13 -3.27 -11.99
C ALA C 10 15.59 -3.47 -12.35
N GLU C 11 16.47 -3.24 -11.39
CA GLU C 11 17.90 -3.37 -11.59
C GLU C 11 18.25 -4.83 -11.86
N TYR C 12 17.75 -5.68 -10.99
CA TYR C 12 17.98 -7.12 -11.08
C TYR C 12 17.40 -7.69 -12.38
N ALA C 13 16.36 -7.06 -12.90
CA ALA C 13 15.73 -7.54 -14.13
C ALA C 13 16.51 -7.01 -15.33
N GLY C 14 17.15 -5.87 -15.11
CA GLY C 14 17.95 -5.25 -16.13
C GLY C 14 17.12 -4.31 -16.97
N VAL C 15 16.15 -3.71 -16.32
CA VAL C 15 15.22 -2.80 -16.96
C VAL C 15 14.96 -1.61 -16.07
N SER C 16 14.75 -0.45 -16.68
CA SER C 16 14.48 0.73 -15.89
C SER C 16 13.26 0.54 -15.01
N TYR C 17 13.25 1.29 -13.95
CA TYR C 17 12.20 1.26 -12.95
C TYR C 17 10.81 1.43 -13.55
N GLN C 18 10.65 2.48 -14.34
CA GLN C 18 9.36 2.79 -14.95
C GLN C 18 8.94 1.69 -15.92
N THR C 19 9.90 0.90 -16.39
CA THR C 19 9.61 -0.21 -17.28
C THR C 19 8.82 -1.28 -16.54
N VAL C 20 9.44 -1.86 -15.51
CA VAL C 20 8.82 -2.92 -14.73
C VAL C 20 7.66 -2.40 -13.89
N SER C 21 7.72 -1.14 -13.49
CA SER C 21 6.65 -0.53 -12.71
C SER C 21 5.33 -0.62 -13.50
N ARG C 22 5.41 -0.32 -14.79
CA ARG C 22 4.25 -0.36 -15.67
C ARG C 22 3.86 -1.82 -15.89
N VAL C 23 4.86 -2.68 -15.80
CA VAL C 23 4.70 -4.10 -16.00
C VAL C 23 3.86 -4.71 -14.87
N VAL C 24 4.24 -4.39 -13.64
CA VAL C 24 3.56 -4.90 -12.47
C VAL C 24 2.11 -4.39 -12.40
N ASN C 25 1.83 -3.34 -13.15
CA ASN C 25 0.49 -2.76 -13.15
C ASN C 25 -0.33 -3.13 -14.39
N GLN C 26 0.33 -3.71 -15.41
CA GLN C 26 -0.34 -4.12 -16.65
C GLN C 26 0.66 -4.69 -17.67
N ALA C 27 1.59 -3.84 -18.10
CA ALA C 27 2.60 -4.21 -19.09
C ALA C 27 1.96 -4.55 -20.43
N SER C 28 1.03 -3.69 -20.87
CA SER C 28 0.34 -3.89 -22.13
C SER C 28 1.18 -3.42 -23.32
N HIS C 29 2.41 -2.98 -23.04
CA HIS C 29 3.32 -2.52 -24.08
C HIS C 29 4.76 -2.63 -23.60
N VAL C 30 5.35 -3.81 -23.78
CA VAL C 30 6.73 -4.11 -23.40
C VAL C 30 7.18 -5.35 -24.14
N SER C 31 8.49 -5.59 -24.18
CA SER C 31 9.00 -6.77 -24.86
C SER C 31 8.71 -8.03 -24.04
N ALA C 32 8.67 -9.16 -24.73
CA ALA C 32 8.40 -10.45 -24.10
C ALA C 32 9.38 -10.71 -22.94
N LYS C 33 10.66 -10.76 -23.27
CA LYS C 33 11.70 -11.03 -22.27
C LYS C 33 11.62 -10.05 -21.11
N THR C 34 11.25 -8.81 -21.39
CA THR C 34 11.16 -7.80 -20.35
C THR C 34 10.24 -8.26 -19.22
N ARG C 35 9.05 -8.72 -19.58
CA ARG C 35 8.09 -9.16 -18.57
C ARG C 35 8.65 -10.36 -17.81
N GLU C 36 9.39 -11.19 -18.53
CA GLU C 36 9.98 -12.38 -17.98
C GLU C 36 11.08 -12.05 -16.96
N LYS C 37 11.89 -11.04 -17.25
CA LYS C 37 12.98 -10.68 -16.35
C LYS C 37 12.47 -9.88 -15.16
N VAL C 38 11.49 -9.01 -15.35
CA VAL C 38 10.94 -8.25 -14.22
C VAL C 38 10.31 -9.24 -13.24
N GLU C 39 9.52 -10.16 -13.79
CA GLU C 39 8.87 -11.21 -13.01
C GLU C 39 9.92 -12.08 -12.34
N ALA C 40 10.98 -12.40 -13.08
CA ALA C 40 12.06 -13.19 -12.52
C ALA C 40 12.68 -12.44 -11.37
N ALA C 41 13.10 -11.21 -11.64
CA ALA C 41 13.73 -10.37 -10.65
C ALA C 41 12.94 -10.27 -9.35
N MET C 42 11.66 -9.94 -9.46
CA MET C 42 10.82 -9.81 -8.28
C MET C 42 10.68 -11.15 -7.57
N ALA C 43 10.69 -12.22 -8.35
CA ALA C 43 10.54 -13.57 -7.81
C ALA C 43 11.79 -13.99 -7.03
N GLU C 44 12.95 -13.73 -7.62
CA GLU C 44 14.22 -14.08 -7.01
C GLU C 44 14.49 -13.25 -5.79
N LEU C 45 14.24 -11.95 -5.90
CA LEU C 45 14.48 -11.05 -4.78
C LEU C 45 13.31 -11.09 -3.81
N ASN C 46 12.32 -11.92 -4.12
CA ASN C 46 11.10 -12.07 -3.29
C ASN C 46 10.20 -10.85 -3.45
N TYR C 47 10.82 -9.67 -3.46
CA TYR C 47 10.16 -8.39 -3.65
C TYR C 47 9.16 -8.11 -2.53
N ILE C 48 9.68 -7.66 -1.41
CA ILE C 48 8.87 -7.28 -0.27
C ILE C 48 9.06 -5.76 -0.08
N PRO C 49 8.03 -4.99 -0.45
CA PRO C 49 8.05 -3.51 -0.39
C PRO C 49 8.33 -2.96 1.00
N ASN C 50 7.43 -3.21 1.94
CA ASN C 50 7.56 -2.72 3.31
C ASN C 50 7.66 -1.18 3.30
N ARG C 51 6.80 -0.56 2.50
CA ARG C 51 6.78 0.91 2.39
C ARG C 51 6.40 1.54 3.72
N CYS C 52 5.64 0.81 4.52
CA CYS C 52 5.22 1.28 5.83
C CYS C 52 6.21 0.81 6.88
N ALA C 53 5.81 -0.18 7.66
CA ALA C 53 6.64 -0.70 8.73
C ALA C 53 6.11 -2.04 9.20
N GLN C 54 6.33 -3.06 8.38
CA GLN C 54 5.85 -4.40 8.67
C GLN C 54 6.82 -5.13 9.62
N GLN C 55 8.05 -4.65 9.67
CA GLN C 55 9.08 -5.24 10.53
C GLN C 55 10.33 -4.37 10.55
N LEU C 56 10.67 -3.80 9.40
CA LEU C 56 11.85 -2.95 9.29
C LEU C 56 11.42 -1.52 8.96
N ALA C 57 12.13 -0.55 9.52
CA ALA C 57 11.82 0.85 9.28
C ALA C 57 12.52 1.33 8.01
N GLY C 58 13.84 1.15 7.99
CA GLY C 58 14.63 1.56 6.85
C GLY C 58 14.33 0.76 5.61
N LYS C 59 14.43 1.40 4.45
CA LYS C 59 14.18 0.76 3.17
C LYS C 59 15.31 1.08 2.21
N GLN C 60 15.25 0.54 1.00
CA GLN C 60 16.29 0.77 0.02
C GLN C 60 16.29 2.23 -0.43
N SER C 61 17.23 3.01 0.11
CA SER C 61 17.34 4.42 -0.22
C SER C 61 18.17 4.61 -1.49
N LEU C 62 17.70 4.02 -2.58
CA LEU C 62 18.37 4.10 -3.88
C LEU C 62 19.78 3.49 -3.80
N MET D 1 -11.64 3.36 -9.24
CA MET D 1 -10.26 2.90 -9.14
C MET D 1 -9.74 3.04 -7.71
N LYS D 2 -10.36 3.93 -6.95
CA LYS D 2 -9.95 4.14 -5.57
C LYS D 2 -11.17 4.20 -4.63
N PRO D 3 -11.15 3.39 -3.57
CA PRO D 3 -12.22 3.36 -2.59
C PRO D 3 -12.09 4.52 -1.61
N VAL D 4 -11.41 4.28 -0.49
CA VAL D 4 -11.22 5.32 0.49
C VAL D 4 -9.77 5.53 0.79
N THR D 5 -9.44 6.77 0.89
CA THR D 5 -8.12 7.22 1.24
C THR D 5 -8.24 7.78 2.64
N LEU D 6 -7.18 7.79 3.42
CA LEU D 6 -7.32 8.30 4.78
C LEU D 6 -7.77 9.74 4.78
N TYR D 7 -7.54 10.41 3.66
CA TYR D 7 -7.96 11.80 3.46
C TYR D 7 -9.49 11.88 3.48
N ASP D 8 -10.10 10.82 2.95
CA ASP D 8 -11.55 10.69 2.83
C ASP D 8 -12.17 10.60 4.21
N VAL D 9 -11.56 9.80 5.05
CA VAL D 9 -12.03 9.62 6.40
C VAL D 9 -11.84 10.91 7.16
N ALA D 10 -10.69 11.51 6.92
CA ALA D 10 -10.30 12.76 7.56
C ALA D 10 -11.29 13.87 7.24
N GLU D 11 -11.64 13.99 5.98
CA GLU D 11 -12.58 14.99 5.53
C GLU D 11 -13.93 14.72 6.14
N TYR D 12 -14.38 13.48 6.03
CA TYR D 12 -15.65 13.07 6.57
C TYR D 12 -15.72 13.28 8.09
N ALA D 13 -14.58 13.21 8.76
CA ALA D 13 -14.53 13.40 10.20
C ALA D 13 -14.43 14.89 10.52
N GLY D 14 -13.88 15.63 9.55
CA GLY D 14 -13.72 17.05 9.68
C GLY D 14 -12.41 17.41 10.34
N VAL D 15 -11.42 16.56 10.14
CA VAL D 15 -10.11 16.72 10.77
C VAL D 15 -8.97 16.39 9.82
N SER D 16 -7.78 16.98 10.05
CA SER D 16 -6.60 16.72 9.21
C SER D 16 -6.35 15.22 9.01
N TYR D 17 -5.54 14.93 8.06
CA TYR D 17 -5.16 13.56 7.76
C TYR D 17 -4.47 12.96 8.96
N GLN D 18 -3.40 13.59 9.34
CA GLN D 18 -2.66 13.34 10.53
C GLN D 18 -3.46 13.87 11.73
N THR D 19 -4.77 14.12 11.54
CA THR D 19 -5.54 14.30 12.71
C THR D 19 -5.79 12.81 13.06
N VAL D 20 -6.54 12.18 12.12
CA VAL D 20 -6.98 10.75 12.12
C VAL D 20 -5.92 9.70 11.73
N SER D 21 -5.04 10.02 10.80
CA SER D 21 -4.00 9.05 10.37
C SER D 21 -3.10 8.71 11.54
N ARG D 22 -2.95 9.67 12.44
CA ARG D 22 -2.19 9.47 13.63
C ARG D 22 -2.96 8.49 14.49
N VAL D 23 -4.27 8.58 14.36
CA VAL D 23 -5.21 7.74 15.06
C VAL D 23 -5.05 6.30 14.55
N VAL D 24 -5.09 6.17 13.23
CA VAL D 24 -4.95 4.87 12.58
C VAL D 24 -3.56 4.28 12.80
N ASN D 25 -2.58 5.11 13.14
CA ASN D 25 -1.23 4.60 13.29
C ASN D 25 -0.88 4.27 14.74
N GLN D 26 -1.77 4.68 15.67
CA GLN D 26 -1.57 4.45 17.11
C GLN D 26 -2.62 5.20 17.94
N ALA D 27 -2.78 6.49 17.63
CA ALA D 27 -3.70 7.39 18.32
C ALA D 27 -3.45 7.45 19.83
N SER D 28 -2.20 7.20 20.23
CA SER D 28 -1.83 7.23 21.64
C SER D 28 -1.73 8.68 22.15
N HIS D 29 -1.81 9.63 21.22
CA HIS D 29 -1.74 11.04 21.55
C HIS D 29 -2.90 11.76 20.88
N VAL D 30 -4.10 11.67 21.49
CA VAL D 30 -5.30 12.27 20.92
C VAL D 30 -6.29 12.69 21.99
N SER D 31 -7.43 13.21 21.51
CA SER D 31 -8.51 13.62 22.38
C SER D 31 -9.69 12.66 22.23
N ALA D 32 -10.67 12.80 23.11
CA ALA D 32 -11.85 11.94 23.11
C ALA D 32 -12.66 12.01 21.81
N LYS D 33 -13.36 13.13 21.60
CA LYS D 33 -14.21 13.30 20.42
C LYS D 33 -13.47 13.11 19.11
N THR D 34 -12.19 13.40 19.09
CA THR D 34 -11.41 13.23 17.89
C THR D 34 -11.39 11.78 17.44
N ARG D 35 -11.20 10.86 18.38
CA ARG D 35 -11.14 9.45 18.04
C ARG D 35 -12.50 8.97 17.56
N GLU D 36 -13.54 9.52 18.16
CA GLU D 36 -14.91 9.14 17.83
C GLU D 36 -15.27 9.59 16.42
N LYS D 37 -14.81 10.77 16.05
CA LYS D 37 -15.11 11.32 14.74
C LYS D 37 -14.37 10.58 13.65
N VAL D 38 -13.08 10.34 13.87
CA VAL D 38 -12.27 9.64 12.89
C VAL D 38 -12.74 8.18 12.75
N GLU D 39 -12.95 7.53 13.89
CA GLU D 39 -13.43 6.15 13.93
C GLU D 39 -14.78 6.07 13.25
N ALA D 40 -15.63 7.06 13.51
CA ALA D 40 -16.93 7.09 12.87
C ALA D 40 -16.75 7.23 11.38
N ALA D 41 -15.99 8.25 10.99
CA ALA D 41 -15.74 8.51 9.58
C ALA D 41 -15.24 7.30 8.83
N MET D 42 -14.19 6.65 9.33
CA MET D 42 -13.65 5.49 8.68
C MET D 42 -14.66 4.35 8.68
N ALA D 43 -15.48 4.29 9.73
CA ALA D 43 -16.46 3.23 9.87
C ALA D 43 -17.58 3.37 8.85
N GLU D 44 -18.04 4.59 8.67
CA GLU D 44 -19.12 4.89 7.73
C GLU D 44 -18.67 4.68 6.30
N LEU D 45 -17.47 5.20 6.01
CA LEU D 45 -16.91 5.09 4.67
C LEU D 45 -16.27 3.72 4.46
N ASN D 46 -16.35 2.87 5.49
CA ASN D 46 -15.75 1.52 5.46
C ASN D 46 -14.24 1.61 5.59
N TYR D 47 -13.64 2.41 4.70
CA TYR D 47 -12.21 2.67 4.67
C TYR D 47 -11.34 1.41 4.64
N ILE D 48 -10.82 1.11 3.45
CA ILE D 48 -9.95 -0.03 3.27
C ILE D 48 -8.58 0.46 2.80
N PRO D 49 -7.52 0.18 3.57
CA PRO D 49 -6.17 0.59 3.27
C PRO D 49 -5.33 -0.47 2.54
N ASN D 50 -4.41 -0.01 1.70
CA ASN D 50 -3.51 -0.91 0.97
C ASN D 50 -2.34 -0.12 0.38
N ARG D 51 -1.27 0.01 1.17
CA ARG D 51 -0.07 0.74 0.72
C ARG D 51 1.20 0.00 1.18
N CYS D 52 1.06 -1.29 1.43
CA CYS D 52 2.20 -2.10 1.87
C CYS D 52 2.29 -3.39 1.07
N ALA D 53 2.21 -4.52 1.75
CA ALA D 53 2.32 -5.79 1.08
C ALA D 53 1.58 -6.88 1.83
N GLN D 54 0.36 -7.16 1.39
CA GLN D 54 -0.47 -8.17 2.03
C GLN D 54 -0.84 -9.26 1.03
N GLN D 55 -0.49 -9.06 -0.22
CA GLN D 55 -0.79 -10.03 -1.28
C GLN D 55 0.49 -10.71 -1.73
N LEU D 56 1.55 -10.50 -0.98
CA LEU D 56 2.84 -11.09 -1.31
C LEU D 56 2.97 -12.48 -0.69
N ALA D 57 3.53 -12.53 0.51
CA ALA D 57 3.71 -13.80 1.22
C ALA D 57 3.72 -13.58 2.72
N GLY D 58 4.81 -13.04 3.23
CA GLY D 58 4.93 -12.78 4.66
C GLY D 58 5.93 -11.70 4.96
N LYS D 59 6.29 -11.58 6.23
CA LYS D 59 7.24 -10.57 6.67
C LYS D 59 8.68 -11.07 6.47
N GLN D 60 9.14 -11.03 5.24
CA GLN D 60 10.49 -11.48 4.91
C GLN D 60 11.25 -10.42 4.09
N SER D 61 11.88 -9.49 4.79
CA SER D 61 12.64 -8.44 4.13
C SER D 61 13.99 -8.98 3.67
N LEU D 62 14.58 -9.85 4.51
CA LEU D 62 15.88 -10.47 4.25
C LEU D 62 17.01 -9.46 4.27
N MET C 1 14.55 -1.84 9.18
CA MET C 1 14.10 -2.90 8.25
C MET C 1 13.91 -2.33 6.84
N LYS C 2 14.05 -3.18 5.84
CA LYS C 2 13.88 -2.75 4.45
C LYS C 2 13.39 -3.91 3.58
N PRO C 3 12.12 -3.88 3.17
CA PRO C 3 11.54 -4.90 2.31
C PRO C 3 11.82 -4.58 0.84
N VAL C 4 10.99 -5.10 -0.05
CA VAL C 4 11.17 -4.83 -1.47
C VAL C 4 10.28 -3.71 -1.94
N THR C 5 10.85 -2.95 -2.82
CA THR C 5 10.18 -1.86 -3.47
C THR C 5 10.24 -2.17 -4.94
N LEU C 6 9.42 -1.53 -5.73
CA LEU C 6 9.45 -1.80 -7.15
C LEU C 6 10.84 -1.51 -7.73
N TYR C 7 11.59 -0.67 -7.03
CA TYR C 7 12.96 -0.30 -7.42
C TYR C 7 13.86 -1.53 -7.34
N ASP C 8 13.63 -2.33 -6.32
CA ASP C 8 14.39 -3.54 -6.03
C ASP C 8 14.18 -4.55 -7.13
N VAL C 9 12.93 -4.71 -7.52
CA VAL C 9 12.57 -5.65 -8.55
C VAL C 9 13.12 -5.15 -9.87
N ALA C 10 13.00 -3.85 -10.07
CA ALA C 10 13.46 -3.21 -11.29
C ALA C 10 14.94 -3.44 -11.51
N GLU C 11 15.73 -3.26 -10.46
CA GLU C 11 17.17 -3.44 -10.55
C GLU C 11 17.48 -4.91 -10.76
N TYR C 12 16.88 -5.75 -9.93
CA TYR C 12 17.07 -7.19 -10.02
C TYR C 12 16.61 -7.74 -11.37
N ALA C 13 15.64 -7.07 -12.00
CA ALA C 13 15.13 -7.52 -13.28
C ALA C 13 16.04 -7.03 -14.39
N GLY C 14 16.67 -5.90 -14.12
CA GLY C 14 17.58 -5.31 -15.08
C GLY C 14 16.85 -4.39 -16.01
N VAL C 15 15.85 -3.73 -15.46
CA VAL C 15 15.01 -2.82 -16.21
C VAL C 15 14.71 -1.59 -15.38
N SER C 16 14.58 -0.44 -16.02
CA SER C 16 14.29 0.77 -15.28
C SER C 16 13.02 0.60 -14.46
N TYR C 17 12.99 1.30 -13.36
CA TYR C 17 11.87 1.26 -12.43
C TYR C 17 10.54 1.51 -13.13
N GLN C 18 10.50 2.58 -13.89
CA GLN C 18 9.29 2.97 -14.62
C GLN C 18 8.86 1.90 -15.63
N THR C 19 9.80 1.06 -16.03
CA THR C 19 9.52 -0.02 -16.97
C THR C 19 8.63 -1.07 -16.32
N VAL C 20 9.15 -1.67 -15.25
CA VAL C 20 8.42 -2.71 -14.54
C VAL C 20 7.20 -2.15 -13.81
N SER C 21 7.27 -0.90 -13.41
CA SER C 21 6.13 -0.26 -12.74
C SER C 21 4.90 -0.31 -13.65
N ARG C 22 5.11 -0.04 -14.94
CA ARG C 22 4.04 -0.07 -15.91
C ARG C 22 3.61 -1.52 -16.12
N VAL C 23 4.58 -2.41 -15.95
CA VAL C 23 4.38 -3.83 -16.11
C VAL C 23 3.46 -4.36 -15.02
N VAL C 24 3.79 -4.03 -13.79
CA VAL C 24 3.02 -4.44 -12.62
C VAL C 24 1.61 -3.87 -12.64
N ASN C 25 1.40 -2.82 -13.42
CA ASN C 25 0.09 -2.19 -13.48
C ASN C 25 -0.76 -2.68 -14.65
N GLN C 26 -0.13 -3.37 -15.62
CA GLN C 26 -0.83 -3.92 -16.80
C GLN C 26 0.14 -4.33 -17.90
N ALA C 27 1.10 -3.46 -18.19
CA ALA C 27 2.11 -3.71 -19.24
C ALA C 27 1.45 -3.97 -20.60
N SER C 28 0.77 -2.96 -21.12
CA SER C 28 0.09 -3.06 -22.41
C SER C 28 1.08 -2.88 -23.57
N HIS C 29 2.30 -2.50 -23.25
CA HIS C 29 3.33 -2.28 -24.24
C HIS C 29 4.70 -2.54 -23.63
N VAL C 30 5.23 -3.71 -23.88
CA VAL C 30 6.54 -4.11 -23.36
C VAL C 30 6.97 -5.43 -23.98
N SER C 31 8.27 -5.65 -24.01
CA SER C 31 8.81 -6.87 -24.60
C SER C 31 8.54 -8.11 -23.74
N ALA C 32 8.84 -9.27 -24.30
CA ALA C 32 8.62 -10.54 -23.63
C ALA C 32 9.59 -10.74 -22.47
N LYS C 33 10.89 -10.84 -22.77
CA LYS C 33 11.92 -11.06 -21.76
C LYS C 33 11.84 -10.04 -20.62
N THR C 34 11.44 -8.83 -20.94
CA THR C 34 11.31 -7.80 -19.94
C THR C 34 10.26 -8.15 -18.91
N ARG C 35 9.12 -8.67 -19.36
CA ARG C 35 8.04 -9.00 -18.45
C ARG C 35 8.48 -10.16 -17.57
N GLU C 36 9.23 -11.06 -18.18
CA GLU C 36 9.75 -12.24 -17.51
C GLU C 36 10.79 -11.84 -16.48
N LYS C 37 11.54 -10.80 -16.80
CA LYS C 37 12.58 -10.32 -15.91
C LYS C 37 11.99 -9.63 -14.70
N VAL C 38 11.00 -8.77 -14.92
CA VAL C 38 10.37 -8.07 -13.81
C VAL C 38 9.63 -9.06 -12.92
N GLU C 39 8.87 -9.96 -13.54
CA GLU C 39 8.12 -10.98 -12.82
C GLU C 39 9.08 -11.89 -12.08
N ALA C 40 10.17 -12.27 -12.74
CA ALA C 40 11.16 -13.10 -12.08
C ALA C 40 11.70 -12.37 -10.88
N ALA C 41 12.16 -11.14 -11.11
CA ALA C 41 12.71 -10.32 -10.06
C ALA C 41 11.79 -10.20 -8.85
N MET C 42 10.54 -9.84 -9.08
CA MET C 42 9.60 -9.69 -7.98
C MET C 42 9.34 -11.03 -7.31
N ALA C 43 9.39 -12.10 -8.11
CA ALA C 43 9.14 -13.44 -7.59
C ALA C 43 10.27 -13.92 -6.71
N GLU C 44 11.50 -13.68 -7.16
CA GLU C 44 12.68 -14.09 -6.43
C GLU C 44 12.85 -13.27 -5.18
N LEU C 45 12.64 -11.97 -5.31
CA LEU C 45 12.78 -11.06 -4.18
C LEU C 45 11.53 -11.10 -3.32
N ASN C 46 10.56 -11.93 -3.73
CA ASN C 46 9.29 -12.10 -3.01
C ASN C 46 8.38 -10.89 -3.23
N TYR C 47 8.93 -9.69 -3.05
CA TYR C 47 8.19 -8.45 -3.23
C TYR C 47 6.89 -8.51 -2.41
N ILE C 48 7.08 -8.70 -1.12
CA ILE C 48 6.01 -8.81 -0.15
C ILE C 48 4.96 -7.70 -0.26
N PRO C 49 3.72 -8.08 -0.60
CA PRO C 49 2.59 -7.17 -0.71
C PRO C 49 1.73 -7.19 0.55
N ASN C 50 0.42 -7.08 0.39
CA ASN C 50 -0.51 -7.09 1.51
C ASN C 50 -0.79 -8.52 1.95
N ARG C 51 0.22 -9.15 2.51
CA ARG C 51 0.09 -10.53 2.98
C ARG C 51 0.05 -10.59 4.50
N CYS C 52 -0.60 -9.59 5.11
CA CYS C 52 -0.72 -9.53 6.56
C CYS C 52 -1.78 -8.53 6.96
N ALA C 53 -2.77 -9.05 7.63
CA ALA C 53 -3.91 -8.26 8.10
C ALA C 53 -4.62 -8.98 9.24
N GLN C 54 -5.21 -8.20 10.14
CA GLN C 54 -5.91 -8.76 11.29
C GLN C 54 -7.02 -7.81 11.76
N GLN C 55 -8.15 -8.38 12.17
CA GLN C 55 -9.32 -7.64 12.67
C GLN C 55 -10.01 -6.86 11.56
N LEU C 56 -9.28 -5.94 10.94
CA LEU C 56 -9.82 -5.11 9.89
C LEU C 56 -9.98 -5.91 8.59
N ALA C 57 -11.09 -5.69 7.91
CA ALA C 57 -11.38 -6.38 6.66
C ALA C 57 -12.21 -5.49 5.74
N GLY C 58 -12.05 -5.70 4.45
CA GLY C 58 -12.79 -4.92 3.47
C GLY C 58 -13.10 -5.72 2.23
N LYS C 59 -14.12 -5.31 1.49
CA LYS C 59 -14.50 -6.01 0.27
C LYS C 59 -14.37 -5.11 -0.94
N GLN C 60 -14.24 -5.71 -2.11
CA GLN C 60 -14.11 -4.98 -3.36
C GLN C 60 -15.50 -4.73 -3.95
N SER C 61 -15.63 -3.64 -4.68
CA SER C 61 -16.90 -3.27 -5.31
C SER C 61 -17.10 -4.03 -6.63
N LEU C 62 -16.87 -5.34 -6.60
CA LEU C 62 -17.02 -6.18 -7.78
C LEU C 62 -17.28 -7.63 -7.38
N MET D 1 -7.63 1.46 -7.72
CA MET D 1 -6.91 0.32 -7.16
C MET D 1 -7.06 0.30 -5.65
N LYS D 2 -7.66 1.35 -5.11
CA LYS D 2 -7.88 1.47 -3.67
C LYS D 2 -9.21 2.16 -3.39
N PRO D 3 -10.12 1.47 -2.68
CA PRO D 3 -11.44 2.02 -2.33
C PRO D 3 -11.36 3.24 -1.45
N VAL D 4 -10.70 3.12 -0.32
CA VAL D 4 -10.58 4.23 0.60
C VAL D 4 -9.13 4.49 0.94
N THR D 5 -8.85 5.77 1.07
CA THR D 5 -7.54 6.23 1.48
C THR D 5 -7.73 6.78 2.86
N LEU D 6 -6.67 6.89 3.62
CA LEU D 6 -6.81 7.45 4.95
C LEU D 6 -7.33 8.89 4.84
N TYR D 7 -7.12 9.47 3.65
CA TYR D 7 -7.57 10.82 3.32
C TYR D 7 -9.09 10.88 3.36
N ASP D 8 -9.68 9.82 2.84
CA ASP D 8 -11.13 9.66 2.74
C ASP D 8 -11.74 9.63 4.11
N VAL D 9 -11.11 8.87 5.00
CA VAL D 9 -11.57 8.74 6.36
C VAL D 9 -11.40 10.06 7.07
N ALA D 10 -10.27 10.68 6.81
CA ALA D 10 -9.92 11.96 7.40
C ALA D 10 -10.93 13.03 7.04
N GLU D 11 -11.27 13.10 5.78
CA GLU D 11 -12.24 14.07 5.29
C GLU D 11 -13.59 13.79 5.88
N TYR D 12 -13.98 12.53 5.80
CA TYR D 12 -15.26 12.08 6.33
C TYR D 12 -15.34 12.30 7.84
N ALA D 13 -14.19 12.28 8.51
CA ALA D 13 -14.16 12.49 9.96
C ALA D 13 -14.13 13.99 10.26
N GLY D 14 -13.60 14.74 9.30
CA GLY D 14 -13.54 16.18 9.39
C GLY D 14 -12.29 16.63 10.07
N VAL D 15 -11.25 15.85 9.88
CA VAL D 15 -9.95 16.08 10.51
C VAL D 15 -8.82 15.78 9.53
N SER D 16 -7.67 16.46 9.70
CA SER D 16 -6.51 16.25 8.81
C SER D 16 -6.19 14.79 8.62
N TYR D 17 -5.43 14.52 7.58
CA TYR D 17 -5.05 13.18 7.25
C TYR D 17 -4.28 12.59 8.42
N GLN D 18 -3.15 13.20 8.76
CA GLN D 18 -2.39 12.76 9.96
C GLN D 18 -3.10 13.14 11.25
N THR D 19 -4.36 13.58 11.16
CA THR D 19 -5.09 13.73 12.38
C THR D 19 -5.39 12.31 12.74
N VAL D 20 -6.17 11.66 11.86
CA VAL D 20 -6.56 10.27 11.96
C VAL D 20 -5.43 9.30 11.57
N SER D 21 -4.55 9.70 10.65
CA SER D 21 -3.43 8.87 10.24
C SER D 21 -2.52 8.60 11.44
N ARG D 22 -2.37 9.61 12.29
CA ARG D 22 -1.55 9.48 13.48
C ARG D 22 -2.26 8.51 14.40
N VAL D 23 -3.58 8.54 14.31
CA VAL D 23 -4.46 7.70 15.08
C VAL D 23 -4.27 6.24 14.65
N VAL D 24 -4.34 6.04 13.35
CA VAL D 24 -4.19 4.71 12.74
C VAL D 24 -2.76 4.16 12.93
N ASN D 25 -1.80 5.03 13.19
CA ASN D 25 -0.42 4.57 13.28
C ASN D 25 0.03 4.33 14.72
N GLN D 26 -0.81 4.75 15.68
CA GLN D 26 -0.54 4.61 17.12
C GLN D 26 -1.50 5.47 17.94
N ALA D 27 -1.52 6.76 17.60
CA ALA D 27 -2.36 7.74 18.27
C ALA D 27 -2.01 7.87 19.75
N SER D 28 -0.71 7.87 20.04
CA SER D 28 -0.23 7.99 21.42
C SER D 28 -0.60 9.36 22.00
N HIS D 29 -0.80 10.32 21.11
CA HIS D 29 -1.15 11.68 21.51
C HIS D 29 -2.34 12.16 20.69
N VAL D 30 -3.55 11.87 21.17
CA VAL D 30 -4.77 12.26 20.48
C VAL D 30 -5.87 12.61 21.48
N SER D 31 -7.01 13.04 20.96
CA SER D 31 -8.15 13.37 21.81
C SER D 31 -9.24 12.30 21.71
N ALA D 32 -10.22 12.41 22.59
CA ALA D 32 -11.33 11.46 22.64
C ALA D 32 -12.19 11.49 21.38
N LYS D 33 -12.93 12.59 21.17
CA LYS D 33 -13.81 12.72 20.01
C LYS D 33 -13.09 12.45 18.70
N THR D 34 -11.79 12.72 18.66
CA THR D 34 -11.01 12.50 17.48
C THR D 34 -10.98 11.02 17.09
N ARG D 35 -10.57 10.17 18.02
CA ARG D 35 -10.47 8.75 17.74
C ARG D 35 -11.82 8.17 17.32
N GLU D 36 -12.85 8.60 18.01
CA GLU D 36 -14.20 8.13 17.77
C GLU D 36 -14.71 8.58 16.40
N LYS D 37 -14.29 9.78 15.98
CA LYS D 37 -14.72 10.32 14.70
C LYS D 37 -13.95 9.67 13.56
N VAL D 38 -12.64 9.48 13.74
CA VAL D 38 -11.83 8.85 12.71
C VAL D 38 -12.22 7.37 12.57
N GLU D 39 -12.38 6.70 13.71
CA GLU D 39 -12.79 5.30 13.71
C GLU D 39 -14.17 5.19 13.10
N ALA D 40 -15.03 6.16 13.37
CA ALA D 40 -16.35 6.16 12.77
C ALA D 40 -16.20 6.27 11.28
N ALA D 41 -15.49 7.31 10.84
CA ALA D 41 -15.28 7.55 9.42
C ALA D 41 -14.75 6.33 8.69
N MET D 42 -13.70 5.72 9.21
CA MET D 42 -13.12 4.54 8.57
C MET D 42 -14.12 3.39 8.61
N ALA D 43 -14.94 3.34 9.65
CA ALA D 43 -15.91 2.26 9.80
C ALA D 43 -17.03 2.38 8.77
N GLU D 44 -17.53 3.59 8.62
CA GLU D 44 -18.62 3.86 7.68
C GLU D 44 -18.14 3.67 6.26
N LEU D 45 -16.95 4.18 5.97
CA LEU D 45 -16.37 4.06 4.64
C LEU D 45 -15.74 2.69 4.45
N ASN D 46 -15.83 1.86 5.49
CA ASN D 46 -15.27 0.50 5.49
C ASN D 46 -13.75 0.55 5.66
N TYR D 47 -13.09 1.28 4.76
CA TYR D 47 -11.64 1.45 4.78
C TYR D 47 -10.91 0.10 4.80
N ILE D 48 -10.47 -0.33 3.64
CA ILE D 48 -9.80 -1.60 3.50
C ILE D 48 -8.32 -1.50 3.92
N PRO D 49 -7.76 -2.62 4.39
CA PRO D 49 -6.38 -2.70 4.81
C PRO D 49 -5.45 -3.15 3.67
N ASN D 50 -4.43 -2.36 3.40
CA ASN D 50 -3.50 -2.69 2.32
C ASN D 50 -2.07 -2.30 2.68
N ARG D 51 -1.38 -3.20 3.37
CA ARG D 51 0.01 -2.97 3.77
C ARG D 51 0.56 -4.17 4.53
N CYS D 52 0.28 -4.22 5.84
CA CYS D 52 0.74 -5.27 6.71
C CYS D 52 0.36 -4.91 8.13
N ALA D 53 -0.07 -5.91 8.84
CA ALA D 53 -0.48 -5.77 10.22
C ALA D 53 0.70 -5.48 11.14
N GLN D 54 1.48 -6.50 11.46
CA GLN D 54 2.64 -6.34 12.33
C GLN D 54 3.62 -7.48 12.11
N GLN D 55 4.63 -7.56 12.98
CA GLN D 55 5.65 -8.59 12.90
C GLN D 55 5.16 -9.91 13.49
N LEU D 56 3.85 -9.97 13.78
CA LEU D 56 3.21 -11.16 14.36
C LEU D 56 3.81 -11.52 15.72
N ALA D 57 4.45 -10.54 16.36
CA ALA D 57 5.07 -10.74 17.65
C ALA D 57 4.69 -9.62 18.60
N GLY D 58 5.03 -9.78 19.88
CA GLY D 58 4.71 -8.76 20.86
C GLY D 58 3.35 -9.00 21.51
N LYS D 59 2.62 -9.97 20.99
CA LYS D 59 1.30 -10.31 21.50
C LYS D 59 1.39 -10.83 22.93
N GLN D 60 2.50 -11.48 23.25
CA GLN D 60 2.72 -12.03 24.58
C GLN D 60 4.07 -11.55 25.12
N SER D 61 4.32 -10.26 24.97
CA SER D 61 5.58 -9.68 25.43
C SER D 61 5.30 -8.53 26.41
N LEU D 62 6.11 -8.44 27.45
CA LEU D 62 5.95 -7.40 28.46
C LEU D 62 7.20 -6.53 28.51
N MET C 1 12.68 -11.47 7.83
CA MET C 1 12.81 -11.26 6.37
C MET C 1 12.66 -9.78 6.03
N LYS C 2 13.28 -9.34 4.94
CA LYS C 2 13.19 -7.94 4.53
C LYS C 2 12.24 -7.80 3.34
N PRO C 3 11.53 -6.68 3.25
CA PRO C 3 10.59 -6.41 2.16
C PRO C 3 11.30 -6.02 0.86
N VAL C 4 10.52 -5.87 -0.19
CA VAL C 4 11.03 -5.50 -1.51
C VAL C 4 10.30 -4.27 -2.01
N THR C 5 11.03 -3.46 -2.69
CA THR C 5 10.48 -2.26 -3.29
C THR C 5 10.46 -2.51 -4.77
N LEU C 6 9.65 -1.79 -5.51
CA LEU C 6 9.62 -2.00 -6.94
C LEU C 6 11.00 -1.74 -7.55
N TYR C 7 11.79 -0.93 -6.85
CA TYR C 7 13.16 -0.62 -7.26
C TYR C 7 14.03 -1.87 -7.22
N ASP C 8 13.73 -2.71 -6.24
CA ASP C 8 14.46 -3.95 -5.99
C ASP C 8 14.25 -4.90 -7.15
N VAL C 9 12.99 -5.04 -7.56
CA VAL C 9 12.65 -5.92 -8.65
C VAL C 9 13.21 -5.37 -9.94
N ALA C 10 13.09 -4.07 -10.07
CA ALA C 10 13.57 -3.36 -11.26
C ALA C 10 15.05 -3.58 -11.48
N GLU C 11 15.83 -3.45 -10.42
CA GLU C 11 17.26 -3.62 -10.52
C GLU C 11 17.58 -5.07 -10.82
N TYR C 12 16.97 -5.94 -10.03
CA TYR C 12 17.15 -7.37 -10.15
C TYR C 12 16.70 -7.88 -11.52
N ALA C 13 15.75 -7.18 -12.15
CA ALA C 13 15.24 -7.59 -13.45
C ALA C 13 16.15 -7.05 -14.55
N GLY C 14 16.79 -5.93 -14.24
CA GLY C 14 17.69 -5.31 -15.16
C GLY C 14 16.96 -4.36 -16.06
N VAL C 15 15.97 -3.72 -15.49
CA VAL C 15 15.13 -2.78 -16.20
C VAL C 15 14.84 -1.58 -15.33
N SER C 16 14.69 -0.41 -15.91
CA SER C 16 14.42 0.78 -15.12
C SER C 16 13.18 0.56 -14.28
N TYR C 17 13.17 1.23 -13.15
CA TYR C 17 12.08 1.15 -12.20
C TYR C 17 10.73 1.41 -12.84
N GLN C 18 10.64 2.51 -13.57
CA GLN C 18 9.42 2.90 -14.23
C GLN C 18 8.97 1.85 -15.26
N THR C 19 9.92 1.08 -15.77
CA THR C 19 9.62 0.03 -16.73
C THR C 19 8.75 -1.04 -16.08
N VAL C 20 9.28 -1.69 -15.06
CA VAL C 20 8.57 -2.73 -14.35
C VAL C 20 7.40 -2.17 -13.56
N SER C 21 7.52 -0.93 -13.13
CA SER C 21 6.44 -0.26 -12.41
C SER C 21 5.19 -0.24 -13.29
N ARG C 22 5.39 0.08 -14.57
CA ARG C 22 4.30 0.12 -15.54
C ARG C 22 3.81 -1.30 -15.81
N VAL C 23 4.72 -2.25 -15.63
CA VAL C 23 4.44 -3.65 -15.86
C VAL C 23 3.43 -4.17 -14.86
N VAL C 24 3.70 -3.90 -13.60
CA VAL C 24 2.84 -4.33 -12.51
C VAL C 24 1.47 -3.65 -12.56
N ASN C 25 1.37 -2.52 -13.25
CA ASN C 25 0.09 -1.80 -13.29
C ASN C 25 -0.58 -1.83 -14.66
N GLN C 26 0.12 -2.30 -15.69
CA GLN C 26 -0.45 -2.35 -17.04
C GLN C 26 0.46 -3.12 -18.02
N ALA C 27 1.50 -2.44 -18.50
CA ALA C 27 2.46 -3.01 -19.44
C ALA C 27 1.78 -3.53 -20.71
N SER C 28 0.96 -2.69 -21.31
CA SER C 28 0.26 -3.06 -22.54
C SER C 28 1.21 -3.04 -23.74
N HIS C 29 2.39 -2.47 -23.55
CA HIS C 29 3.39 -2.38 -24.60
C HIS C 29 4.79 -2.49 -24.02
N VAL C 30 5.31 -3.71 -23.98
CA VAL C 30 6.64 -4.00 -23.47
C VAL C 30 7.14 -5.28 -24.11
N SER C 31 8.45 -5.51 -24.08
CA SER C 31 9.02 -6.71 -24.68
C SER C 31 8.68 -7.95 -23.85
N ALA C 32 8.93 -9.11 -24.44
CA ALA C 32 8.68 -10.38 -23.78
C ALA C 32 9.67 -10.59 -22.65
N LYS C 33 10.95 -10.60 -23.00
CA LYS C 33 12.05 -10.80 -22.03
C LYS C 33 11.94 -9.84 -20.88
N THR C 34 11.48 -8.62 -21.16
CA THR C 34 11.33 -7.61 -20.14
C THR C 34 10.32 -8.02 -19.09
N ARG C 35 9.17 -8.51 -19.52
CA ARG C 35 8.13 -8.89 -18.59
C ARG C 35 8.60 -10.10 -17.80
N GLU C 36 9.29 -10.98 -18.48
CA GLU C 36 9.80 -12.19 -17.86
C GLU C 36 10.90 -11.84 -16.86
N LYS C 37 11.61 -10.76 -17.13
CA LYS C 37 12.68 -10.32 -16.26
C LYS C 37 12.10 -9.70 -15.00
N VAL C 38 11.11 -8.81 -15.18
CA VAL C 38 10.46 -8.18 -14.04
C VAL C 38 9.74 -9.26 -13.23
N GLU C 39 9.03 -10.13 -13.94
CA GLU C 39 8.31 -11.25 -13.35
C GLU C 39 9.26 -12.11 -12.56
N ALA C 40 10.38 -12.47 -13.19
CA ALA C 40 11.39 -13.26 -12.52
C ALA C 40 11.86 -12.55 -11.28
N ALA C 41 12.33 -11.32 -11.48
CA ALA C 41 12.85 -10.53 -10.38
C ALA C 41 11.90 -10.46 -9.20
N MET C 42 10.66 -10.10 -9.44
CA MET C 42 9.68 -10.01 -8.36
C MET C 42 9.43 -11.39 -7.75
N ALA C 43 9.51 -12.42 -8.58
CA ALA C 43 9.25 -13.78 -8.12
C ALA C 43 10.36 -14.28 -7.22
N GLU C 44 11.60 -14.03 -7.63
CA GLU C 44 12.77 -14.47 -6.89
C GLU C 44 12.90 -13.69 -5.58
N LEU C 45 12.68 -12.39 -5.67
CA LEU C 45 12.75 -11.53 -4.49
C LEU C 45 11.46 -11.59 -3.70
N ASN C 46 10.52 -12.41 -4.19
CA ASN C 46 9.20 -12.58 -3.57
C ASN C 46 8.33 -11.35 -3.84
N TYR C 47 8.84 -10.18 -3.47
CA TYR C 47 8.17 -8.90 -3.68
C TYR C 47 6.81 -8.84 -2.95
N ILE C 48 6.77 -7.99 -1.93
CA ILE C 48 5.57 -7.81 -1.13
C ILE C 48 4.42 -7.25 -1.97
N PRO C 49 3.18 -7.41 -1.47
CA PRO C 49 1.96 -6.94 -2.15
C PRO C 49 1.82 -5.42 -2.11
N ASN C 50 2.60 -4.74 -2.94
CA ASN C 50 2.61 -3.28 -3.01
C ASN C 50 1.34 -2.72 -3.67
N ARG C 51 0.72 -3.47 -4.58
CA ARG C 51 -0.48 -2.98 -5.25
C ARG C 51 -1.53 -4.07 -5.37
N CYS C 52 -1.35 -4.98 -6.34
CA CYS C 52 -2.28 -6.06 -6.56
C CYS C 52 -1.66 -7.08 -7.48
N ALA C 53 -1.44 -8.25 -6.94
CA ALA C 53 -0.83 -9.33 -7.68
C ALA C 53 -1.46 -10.66 -7.28
N GLN C 54 -2.04 -11.34 -8.26
CA GLN C 54 -2.68 -12.63 -8.04
C GLN C 54 -2.23 -13.62 -9.10
N GLN C 55 -3.00 -13.67 -10.17
CA GLN C 55 -2.72 -14.55 -11.30
C GLN C 55 -2.45 -13.72 -12.54
N LEU C 56 -2.73 -12.42 -12.41
CA LEU C 56 -2.54 -11.46 -13.49
C LEU C 56 -2.64 -10.06 -12.92
N ALA C 57 -2.18 -9.08 -13.68
CA ALA C 57 -2.21 -7.69 -13.23
C ALA C 57 -2.26 -6.76 -14.44
N GLY C 58 -1.37 -7.00 -15.39
CA GLY C 58 -1.33 -6.18 -16.59
C GLY C 58 -2.49 -6.43 -17.51
N LYS C 59 -2.78 -5.46 -18.38
CA LYS C 59 -3.88 -5.56 -19.32
C LYS C 59 -3.41 -5.30 -20.74
N GLN C 60 -3.51 -6.31 -21.59
CA GLN C 60 -3.10 -6.20 -22.98
C GLN C 60 -4.15 -6.84 -23.88
N SER C 61 -4.25 -6.35 -25.11
CA SER C 61 -5.22 -6.89 -26.06
C SER C 61 -4.74 -8.24 -26.61
N LEU C 62 -5.06 -9.30 -25.86
CA LEU C 62 -4.69 -10.67 -26.25
C LEU C 62 -3.18 -10.83 -26.41
N MET D 1 -17.07 -2.26 -5.04
CA MET D 1 -15.61 -2.34 -4.96
C MET D 1 -14.98 -0.96 -5.15
N LYS D 2 -15.07 -0.15 -4.11
CA LYS D 2 -14.51 1.20 -4.13
C LYS D 2 -13.61 1.40 -2.91
N PRO D 3 -12.31 1.62 -3.14
CA PRO D 3 -11.33 1.81 -2.07
C PRO D 3 -11.43 3.18 -1.40
N VAL D 4 -10.86 3.26 -0.21
CA VAL D 4 -10.84 4.49 0.57
C VAL D 4 -9.42 4.79 0.99
N THR D 5 -9.08 6.05 0.94
CA THR D 5 -7.78 6.49 1.36
C THR D 5 -7.92 7.00 2.76
N LEU D 6 -6.86 7.01 3.54
CA LEU D 6 -7.00 7.53 4.88
C LEU D 6 -7.44 9.00 4.81
N TYR D 7 -7.18 9.60 3.65
CA TYR D 7 -7.57 10.98 3.34
C TYR D 7 -9.10 11.09 3.33
N ASP D 8 -9.71 10.06 2.76
CA ASP D 8 -11.16 9.96 2.61
C ASP D 8 -11.82 9.94 3.97
N VAL D 9 -11.24 9.17 4.87
CA VAL D 9 -11.75 9.07 6.21
C VAL D 9 -11.53 10.38 6.94
N ALA D 10 -10.35 10.93 6.70
CA ALA D 10 -9.93 12.19 7.29
C ALA D 10 -10.89 13.32 6.94
N GLU D 11 -11.24 13.39 5.67
CA GLU D 11 -12.14 14.42 5.17
C GLU D 11 -13.52 14.23 5.78
N TYR D 12 -14.00 13.00 5.71
CA TYR D 12 -15.28 12.63 6.25
C TYR D 12 -15.35 12.86 7.76
N ALA D 13 -14.20 12.78 8.43
CA ALA D 13 -14.16 12.98 9.88
C ALA D 13 -14.03 14.47 10.17
N GLY D 14 -13.44 15.16 9.20
CA GLY D 14 -13.25 16.59 9.27
C GLY D 14 -11.96 16.95 9.96
N VAL D 15 -10.97 16.10 9.77
CA VAL D 15 -9.68 16.25 10.42
C VAL D 15 -8.52 15.91 9.48
N SER D 16 -7.37 16.55 9.69
CA SER D 16 -6.18 16.30 8.86
C SER D 16 -5.92 14.80 8.74
N TYR D 17 -5.25 14.42 7.66
CA TYR D 17 -4.92 13.03 7.42
C TYR D 17 -4.26 12.49 8.64
N GLN D 18 -3.15 13.09 9.00
CA GLN D 18 -2.41 12.71 10.18
C GLN D 18 -3.11 13.07 11.43
N THR D 19 -4.33 13.55 11.31
CA THR D 19 -5.10 13.71 12.49
C THR D 19 -5.43 12.28 12.83
N VAL D 20 -6.19 11.69 11.92
CA VAL D 20 -6.63 10.32 11.99
C VAL D 20 -5.55 9.28 11.64
N SER D 21 -4.61 9.63 10.78
CA SER D 21 -3.55 8.70 10.40
C SER D 21 -2.75 8.33 11.62
N ARG D 22 -2.62 9.29 12.53
CA ARG D 22 -1.89 9.08 13.77
C ARG D 22 -2.69 8.08 14.57
N VAL D 23 -4.01 8.19 14.40
CA VAL D 23 -4.98 7.34 15.06
C VAL D 23 -4.81 5.90 14.55
N VAL D 24 -4.81 5.78 13.23
CA VAL D 24 -4.67 4.50 12.55
C VAL D 24 -3.29 3.86 12.76
N ASN D 25 -2.30 4.65 13.15
CA ASN D 25 -0.96 4.11 13.29
C ASN D 25 -0.59 3.77 14.73
N GLN D 26 -1.42 4.21 15.68
CA GLN D 26 -1.21 3.97 17.12
C GLN D 26 -2.20 4.78 17.96
N ALA D 27 -2.22 6.08 17.69
CA ALA D 27 -3.08 7.03 18.38
C ALA D 27 -2.76 7.12 19.88
N SER D 28 -1.51 6.93 20.23
CA SER D 28 -1.06 6.99 21.62
C SER D 28 -1.10 8.42 22.15
N HIS D 29 -1.15 9.38 21.23
CA HIS D 29 -1.19 10.79 21.58
C HIS D 29 -2.32 11.45 20.81
N VAL D 30 -3.52 11.46 21.39
CA VAL D 30 -4.68 12.03 20.72
C VAL D 30 -5.83 12.22 21.71
N SER D 31 -6.86 12.95 21.28
CA SER D 31 -8.02 13.22 22.11
C SER D 31 -9.15 12.22 21.86
N ALA D 32 -10.23 12.35 22.63
CA ALA D 32 -11.37 11.45 22.52
C ALA D 32 -12.19 11.64 21.24
N LYS D 33 -12.89 12.79 21.13
CA LYS D 33 -13.75 13.08 19.96
C LYS D 33 -13.05 12.82 18.64
N THR D 34 -11.75 13.06 18.58
CA THR D 34 -11.01 12.84 17.38
C THR D 34 -11.10 11.37 16.95
N ARG D 35 -10.78 10.47 17.88
CA ARG D 35 -10.81 9.05 17.58
C ARG D 35 -12.22 8.61 17.23
N GLU D 36 -13.19 9.20 17.90
CA GLU D 36 -14.59 8.88 17.69
C GLU D 36 -15.05 9.30 16.29
N LYS D 37 -14.49 10.39 15.80
CA LYS D 37 -14.86 10.90 14.48
C LYS D 37 -14.10 10.18 13.38
N VAL D 38 -12.82 9.90 13.60
CA VAL D 38 -12.03 9.19 12.61
C VAL D 38 -12.53 7.76 12.47
N GLU D 39 -12.75 7.10 13.61
CA GLU D 39 -13.27 5.74 13.62
C GLU D 39 -14.64 5.71 12.99
N ALA D 40 -15.44 6.75 13.26
CA ALA D 40 -16.76 6.83 12.65
C ALA D 40 -16.59 6.92 11.15
N ALA D 41 -15.80 7.90 10.71
CA ALA D 41 -15.54 8.12 9.32
C ALA D 41 -15.08 6.85 8.59
N MET D 42 -14.07 6.19 9.13
CA MET D 42 -13.55 4.97 8.51
C MET D 42 -14.62 3.88 8.52
N ALA D 43 -15.46 3.89 9.56
CA ALA D 43 -16.50 2.88 9.69
C ALA D 43 -17.60 3.08 8.66
N GLU D 44 -18.02 4.32 8.51
CA GLU D 44 -19.07 4.66 7.56
C GLU D 44 -18.62 4.42 6.13
N LEU D 45 -17.41 4.87 5.84
CA LEU D 45 -16.85 4.70 4.51
C LEU D 45 -16.26 3.31 4.34
N ASN D 46 -16.37 2.50 5.40
CA ASN D 46 -15.86 1.11 5.42
C ASN D 46 -14.33 1.12 5.49
N TYR D 47 -13.71 1.94 4.64
CA TYR D 47 -12.25 2.09 4.60
C TYR D 47 -11.54 0.75 4.43
N ILE D 48 -11.45 0.30 3.18
CA ILE D 48 -10.78 -0.93 2.87
C ILE D 48 -9.29 -0.67 2.59
N PRO D 49 -8.39 -1.32 3.35
CA PRO D 49 -6.95 -1.15 3.18
C PRO D 49 -6.38 -2.03 2.07
N ASN D 50 -6.79 -1.77 0.83
CA ASN D 50 -6.32 -2.53 -0.31
C ASN D 50 -6.60 -1.76 -1.61
N ARG D 51 -7.34 -2.41 -2.51
CA ARG D 51 -7.69 -1.84 -3.80
C ARG D 51 -8.57 -2.83 -4.55
N CYS D 52 -8.03 -4.03 -4.75
CA CYS D 52 -8.75 -5.09 -5.44
C CYS D 52 -9.09 -6.21 -4.46
N ALA D 53 -8.16 -7.13 -4.28
CA ALA D 53 -8.40 -8.25 -3.38
C ALA D 53 -7.14 -9.07 -3.13
N GLN D 54 -6.16 -8.45 -2.47
CA GLN D 54 -4.92 -9.13 -2.16
C GLN D 54 -5.08 -9.94 -0.89
N GLN D 55 -5.76 -9.36 0.10
CA GLN D 55 -6.01 -10.03 1.37
C GLN D 55 -7.50 -10.33 1.48
N LEU D 56 -8.16 -10.41 0.34
CA LEU D 56 -9.59 -10.68 0.29
C LEU D 56 -9.85 -11.84 -0.65
N ALA D 57 -11.04 -12.45 -0.53
CA ALA D 57 -11.41 -13.57 -1.36
C ALA D 57 -11.86 -13.11 -2.75
N GLY D 58 -10.90 -12.73 -3.57
CA GLY D 58 -11.22 -12.27 -4.91
C GLY D 58 -10.24 -12.81 -5.93
N LYS D 59 -9.95 -14.11 -5.84
CA LYS D 59 -9.02 -14.75 -6.75
C LYS D 59 -9.77 -15.29 -7.97
N GLN D 60 -9.08 -15.31 -9.11
CA GLN D 60 -9.67 -15.81 -10.34
C GLN D 60 -8.99 -17.13 -10.71
N SER D 61 -8.22 -17.64 -9.77
CA SER D 61 -7.49 -18.89 -9.95
C SER D 61 -8.14 -20.01 -9.13
N LEU D 62 -7.78 -21.24 -9.43
CA LEU D 62 -8.32 -22.39 -8.73
C LEU D 62 -7.34 -22.86 -7.66
N MET C 1 13.57 -5.21 9.78
CA MET C 1 13.89 -5.79 8.47
C MET C 1 13.30 -4.93 7.36
N LYS C 2 13.68 -5.19 6.12
CA LYS C 2 13.16 -4.44 4.99
C LYS C 2 12.68 -5.39 3.89
N PRO C 3 11.52 -5.10 3.30
CA PRO C 3 10.95 -5.91 2.24
C PRO C 3 11.35 -5.41 0.86
N VAL C 4 10.52 -5.69 -0.13
CA VAL C 4 10.80 -5.27 -1.49
C VAL C 4 10.03 -4.04 -1.88
N THR C 5 10.67 -3.26 -2.72
CA THR C 5 10.11 -2.07 -3.29
C THR C 5 10.16 -2.27 -4.78
N LEU C 6 9.41 -1.50 -5.53
CA LEU C 6 9.45 -1.66 -6.97
C LEU C 6 10.85 -1.45 -7.52
N TYR C 7 11.66 -0.72 -6.77
CA TYR C 7 13.06 -0.45 -7.14
C TYR C 7 13.85 -1.75 -7.13
N ASP C 8 13.54 -2.57 -6.13
CA ASP C 8 14.20 -3.86 -5.90
C ASP C 8 13.88 -4.79 -7.05
N VAL C 9 12.61 -4.82 -7.42
CA VAL C 9 12.16 -5.67 -8.49
C VAL C 9 12.75 -5.18 -9.80
N ALA C 10 12.76 -3.88 -9.94
CA ALA C 10 13.28 -3.23 -11.14
C ALA C 10 14.73 -3.61 -11.38
N GLU C 11 15.53 -3.51 -10.33
CA GLU C 11 16.95 -3.83 -10.44
C GLU C 11 17.12 -5.32 -10.67
N TYR C 12 16.43 -6.11 -9.86
CA TYR C 12 16.48 -7.56 -9.96
C TYR C 12 15.97 -8.05 -11.32
N ALA C 13 15.08 -7.27 -11.95
CA ALA C 13 14.54 -7.66 -13.25
C ALA C 13 15.49 -7.22 -14.34
N GLY C 14 16.21 -6.16 -14.06
CA GLY C 14 17.17 -5.64 -14.99
C GLY C 14 16.54 -4.63 -15.91
N VAL C 15 15.59 -3.90 -15.35
CA VAL C 15 14.85 -2.90 -16.06
C VAL C 15 14.65 -1.68 -15.19
N SER C 16 14.62 -0.50 -15.79
CA SER C 16 14.44 0.72 -15.01
C SER C 16 13.18 0.63 -14.18
N TYR C 17 13.21 1.34 -13.07
CA TYR C 17 12.09 1.37 -12.13
C TYR C 17 10.80 1.77 -12.83
N GLN C 18 10.88 2.86 -13.56
CA GLN C 18 9.73 3.39 -14.28
C GLN C 18 9.18 2.38 -15.29
N THR C 19 10.04 1.50 -15.77
CA THR C 19 9.65 0.47 -16.72
C THR C 19 8.70 -0.54 -16.08
N VAL C 20 9.18 -1.23 -15.06
CA VAL C 20 8.39 -2.24 -14.39
C VAL C 20 7.18 -1.65 -13.68
N SER C 21 7.31 -0.40 -13.24
CA SER C 21 6.18 0.27 -12.59
C SER C 21 4.97 0.27 -13.52
N ARG C 22 5.21 0.61 -14.79
CA ARG C 22 4.14 0.63 -15.78
C ARG C 22 3.71 -0.80 -16.10
N VAL C 23 4.65 -1.71 -15.94
CA VAL C 23 4.43 -3.11 -16.19
C VAL C 23 3.47 -3.68 -15.15
N VAL C 24 3.69 -3.31 -13.89
CA VAL C 24 2.83 -3.76 -12.78
C VAL C 24 1.42 -3.20 -12.98
N ASN C 25 1.34 -2.13 -13.76
CA ASN C 25 0.06 -1.50 -14.04
C ASN C 25 -0.53 -2.06 -15.32
N GLN C 26 0.24 -2.96 -15.93
CA GLN C 26 -0.12 -3.68 -17.16
C GLN C 26 0.20 -2.85 -18.39
N ALA C 27 -0.23 -1.59 -18.35
CA ALA C 27 0.03 -0.67 -19.45
C ALA C 27 -0.61 -1.16 -20.74
N SER C 28 0.20 -1.73 -21.63
CA SER C 28 -0.31 -2.22 -22.91
C SER C 28 0.77 -2.95 -23.72
N HIS C 29 1.84 -2.23 -24.04
CA HIS C 29 2.93 -2.80 -24.83
C HIS C 29 3.98 -3.49 -23.95
N VAL C 30 5.22 -3.01 -24.05
CA VAL C 30 6.36 -3.57 -23.33
C VAL C 30 6.75 -4.93 -23.93
N SER C 31 8.02 -5.30 -23.82
CA SER C 31 8.47 -6.55 -24.39
C SER C 31 8.14 -7.74 -23.50
N ALA C 32 8.03 -8.90 -24.13
CA ALA C 32 7.71 -10.14 -23.45
C ALA C 32 8.67 -10.44 -22.29
N LYS C 33 9.94 -10.70 -22.62
CA LYS C 33 10.94 -11.03 -21.62
C LYS C 33 11.05 -9.98 -20.52
N THR C 34 10.75 -8.73 -20.85
CA THR C 34 10.82 -7.68 -19.87
C THR C 34 9.70 -7.79 -18.86
N ARG C 35 8.49 -8.09 -19.30
CA ARG C 35 7.38 -8.21 -18.38
C ARG C 35 7.61 -9.42 -17.51
N GLU C 36 8.14 -10.46 -18.14
CA GLU C 36 8.45 -11.71 -17.48
C GLU C 36 9.58 -11.50 -16.49
N LYS C 37 10.46 -10.56 -16.81
CA LYS C 37 11.60 -10.24 -15.96
C LYS C 37 11.12 -9.50 -14.72
N VAL C 38 10.26 -8.50 -14.91
CA VAL C 38 9.74 -7.76 -13.77
C VAL C 38 8.87 -8.69 -12.92
N GLU C 39 8.00 -9.45 -13.59
CA GLU C 39 7.13 -10.41 -12.92
C GLU C 39 7.98 -11.43 -12.21
N ALA C 40 9.06 -11.87 -12.83
CA ALA C 40 9.97 -12.82 -12.20
C ALA C 40 10.56 -12.17 -10.98
N ALA C 41 11.17 -11.02 -11.18
CA ALA C 41 11.81 -10.30 -10.09
C ALA C 41 10.89 -10.13 -8.89
N MET C 42 9.69 -9.61 -9.11
CA MET C 42 8.75 -9.42 -8.02
C MET C 42 8.34 -10.77 -7.43
N ALA C 43 8.29 -11.79 -8.27
CA ALA C 43 7.90 -13.13 -7.81
C ALA C 43 8.99 -13.75 -6.95
N GLU C 44 10.23 -13.66 -7.42
CA GLU C 44 11.37 -14.22 -6.70
C GLU C 44 11.58 -13.49 -5.40
N LEU C 45 11.51 -12.16 -5.46
CA LEU C 45 11.68 -11.34 -4.26
C LEU C 45 10.40 -11.31 -3.45
N ASN C 46 9.37 -12.00 -3.96
CA ASN C 46 8.05 -12.08 -3.33
C ASN C 46 7.30 -10.75 -3.46
N TYR C 47 8.02 -9.65 -3.23
CA TYR C 47 7.47 -8.30 -3.32
C TYR C 47 6.23 -8.17 -2.45
N ILE C 48 6.46 -7.92 -1.17
CA ILE C 48 5.40 -7.79 -0.19
C ILE C 48 5.33 -6.37 0.36
N PRO C 49 4.13 -5.76 0.35
CA PRO C 49 3.91 -4.41 0.87
C PRO C 49 3.94 -4.42 2.40
N ASN C 50 4.97 -3.81 2.98
CA ASN C 50 5.13 -3.76 4.42
C ASN C 50 4.60 -2.45 5.01
N ARG C 51 5.30 -1.35 4.74
CA ARG C 51 4.90 -0.02 5.24
C ARG C 51 4.87 0.04 6.77
N CYS C 52 5.62 -0.85 7.42
CA CYS C 52 5.68 -0.90 8.86
C CYS C 52 7.06 -0.50 9.30
N ALA C 53 7.14 0.75 9.67
CA ALA C 53 8.37 1.37 10.13
C ALA C 53 8.89 0.72 11.40
N GLN C 54 9.83 -0.19 11.24
CA GLN C 54 10.43 -0.89 12.37
C GLN C 54 11.71 -0.17 12.80
N GLN C 55 12.77 -0.38 12.03
CA GLN C 55 14.07 0.22 12.31
C GLN C 55 14.12 1.64 11.73
N LEU C 56 13.00 2.10 11.21
CA LEU C 56 12.91 3.42 10.61
C LEU C 56 12.43 4.44 11.64
N ALA C 57 12.42 4.02 12.90
CA ALA C 57 11.98 4.88 14.00
C ALA C 57 13.16 5.27 14.89
N GLY C 58 14.36 5.00 14.42
CA GLY C 58 15.54 5.33 15.20
C GLY C 58 16.78 4.60 14.71
N LYS C 59 17.94 5.06 15.18
CA LYS C 59 19.22 4.45 14.81
C LYS C 59 19.49 4.58 13.31
N GLN C 60 19.08 5.72 12.76
CA GLN C 60 19.27 5.99 11.34
C GLN C 60 20.71 6.40 11.04
N SER C 61 21.46 6.73 12.09
CA SER C 61 22.85 7.14 11.95
C SER C 61 23.76 5.93 11.80
N LEU C 62 23.57 5.18 10.73
CA LEU C 62 24.38 3.99 10.47
C LEU C 62 25.40 4.27 9.36
N MET D 1 -5.81 3.93 -4.20
CA MET D 1 -5.92 4.15 -5.64
C MET D 1 -7.20 3.49 -6.16
N LYS D 2 -7.59 2.43 -5.47
CA LYS D 2 -8.80 1.70 -5.80
C LYS D 2 -9.84 1.87 -4.68
N PRO D 3 -9.49 1.55 -3.41
CA PRO D 3 -10.39 1.71 -2.28
C PRO D 3 -10.16 3.01 -1.53
N VAL D 4 -10.63 3.05 -0.29
CA VAL D 4 -10.50 4.21 0.57
C VAL D 4 -9.06 4.54 0.87
N THR D 5 -8.81 5.82 0.95
CA THR D 5 -7.52 6.34 1.32
C THR D 5 -7.65 6.86 2.72
N LEU D 6 -6.57 6.96 3.45
CA LEU D 6 -6.69 7.49 4.78
C LEU D 6 -7.22 8.93 4.72
N TYR D 7 -7.07 9.54 3.53
CA TYR D 7 -7.56 10.88 3.23
C TYR D 7 -9.10 10.90 3.31
N ASP D 8 -9.66 9.81 2.83
CA ASP D 8 -11.11 9.62 2.76
C ASP D 8 -11.68 9.56 4.16
N VAL D 9 -11.00 8.80 5.01
CA VAL D 9 -11.41 8.64 6.39
C VAL D 9 -11.25 9.95 7.12
N ALA D 10 -10.15 10.60 6.84
CA ALA D 10 -9.82 11.89 7.45
C ALA D 10 -10.87 12.94 7.14
N GLU D 11 -11.25 13.02 5.89
CA GLU D 11 -12.25 13.98 5.46
C GLU D 11 -13.57 13.65 6.11
N TYR D 12 -13.94 12.39 6.04
CA TYR D 12 -15.16 11.90 6.62
C TYR D 12 -15.18 12.09 8.14
N ALA D 13 -14.00 12.12 8.77
CA ALA D 13 -13.92 12.28 10.21
C ALA D 13 -13.94 13.78 10.55
N GLY D 14 -13.49 14.58 9.59
CA GLY D 14 -13.47 16.01 9.75
C GLY D 14 -12.20 16.47 10.39
N VAL D 15 -11.15 15.73 10.08
CA VAL D 15 -9.83 15.97 10.64
C VAL D 15 -8.74 15.73 9.59
N SER D 16 -7.63 16.44 9.73
CA SER D 16 -6.50 16.28 8.81
C SER D 16 -6.16 14.81 8.63
N TYR D 17 -5.55 14.52 7.51
CA TYR D 17 -5.15 13.18 7.16
C TYR D 17 -4.33 12.60 8.26
N GLN D 18 -3.23 13.24 8.60
CA GLN D 18 -2.42 12.76 9.70
C GLN D 18 -2.96 13.15 11.09
N THR D 19 -4.26 13.46 11.15
CA THR D 19 -4.88 13.61 12.44
C THR D 19 -5.12 12.18 12.81
N VAL D 20 -5.92 11.57 11.94
CA VAL D 20 -6.28 10.18 12.01
C VAL D 20 -5.15 9.24 11.59
N SER D 21 -4.29 9.68 10.67
CA SER D 21 -3.18 8.84 10.24
C SER D 21 -2.24 8.63 11.41
N ARG D 22 -2.09 9.65 12.25
CA ARG D 22 -1.27 9.51 13.44
C ARG D 22 -1.95 8.46 14.31
N VAL D 23 -3.27 8.55 14.31
CA VAL D 23 -4.10 7.62 15.04
C VAL D 23 -3.83 6.20 14.56
N VAL D 24 -3.90 6.04 13.24
CA VAL D 24 -3.63 4.77 12.57
C VAL D 24 -2.13 4.39 12.68
N ASN D 25 -1.28 5.33 13.06
CA ASN D 25 0.15 5.05 13.13
C ASN D 25 0.61 4.89 14.56
N GLN D 26 -0.36 4.86 15.48
CA GLN D 26 -0.09 4.68 16.91
C GLN D 26 0.51 5.96 17.46
N ALA D 27 -0.28 7.00 17.36
CA ALA D 27 0.11 8.31 17.81
C ALA D 27 0.29 8.32 19.33
N SER D 28 1.43 8.79 19.79
CA SER D 28 1.74 8.81 21.21
C SER D 28 0.92 9.86 21.96
N HIS D 29 0.42 10.88 21.26
CA HIS D 29 -0.34 11.93 21.90
C HIS D 29 -1.52 12.41 21.04
N VAL D 30 -2.69 11.86 21.33
CA VAL D 30 -3.93 12.20 20.64
C VAL D 30 -5.08 12.17 21.62
N SER D 31 -6.23 12.65 21.22
CA SER D 31 -7.39 12.65 22.12
C SER D 31 -8.33 11.48 21.81
N ALA D 32 -9.15 11.15 22.80
CA ALA D 32 -10.11 10.05 22.71
C ALA D 32 -11.10 10.22 21.55
N LYS D 33 -12.00 11.21 21.65
CA LYS D 33 -13.02 11.46 20.63
C LYS D 33 -12.46 11.40 19.22
N THR D 34 -11.38 12.10 19.01
CA THR D 34 -10.72 12.12 17.72
C THR D 34 -10.48 10.70 17.21
N ARG D 35 -10.03 9.80 18.06
CA ARG D 35 -9.78 8.43 17.65
C ARG D 35 -11.09 7.77 17.26
N GLU D 36 -12.12 8.06 18.04
CA GLU D 36 -13.45 7.51 17.82
C GLU D 36 -14.05 8.06 16.52
N LYS D 37 -13.70 9.31 16.21
CA LYS D 37 -14.21 9.96 15.00
C LYS D 37 -13.54 9.37 13.76
N VAL D 38 -12.23 9.17 13.84
CA VAL D 38 -11.49 8.57 12.73
C VAL D 38 -11.89 7.10 12.60
N GLU D 39 -12.00 6.43 13.75
CA GLU D 39 -12.42 5.03 13.81
C GLU D 39 -13.79 4.90 13.18
N ALA D 40 -14.68 5.85 13.49
CA ALA D 40 -16.01 5.84 12.92
C ALA D 40 -15.89 6.02 11.41
N ALA D 41 -15.17 7.06 11.02
CA ALA D 41 -14.99 7.36 9.61
C ALA D 41 -14.48 6.17 8.81
N MET D 42 -13.41 5.54 9.28
CA MET D 42 -12.83 4.40 8.59
C MET D 42 -13.81 3.24 8.59
N ALA D 43 -14.61 3.13 9.65
CA ALA D 43 -15.55 2.03 9.78
C ALA D 43 -16.70 2.16 8.79
N GLU D 44 -17.21 3.37 8.64
CA GLU D 44 -18.32 3.63 7.74
C GLU D 44 -17.88 3.47 6.30
N LEU D 45 -16.71 4.02 6.00
CA LEU D 45 -16.16 3.95 4.66
C LEU D 45 -15.49 2.61 4.42
N ASN D 46 -15.53 1.74 5.43
CA ASN D 46 -14.94 0.39 5.38
C ASN D 46 -13.43 0.46 5.58
N TYR D 47 -12.75 1.24 4.73
CA TYR D 47 -11.29 1.43 4.79
C TYR D 47 -10.54 0.09 4.94
N ILE D 48 -10.10 -0.44 3.81
CA ILE D 48 -9.40 -1.72 3.78
C ILE D 48 -8.02 -1.61 4.46
N PRO D 49 -7.52 -2.75 4.94
CA PRO D 49 -6.22 -2.83 5.60
C PRO D 49 -5.09 -3.16 4.64
N ASN D 50 -4.04 -2.35 4.66
CA ASN D 50 -2.89 -2.56 3.79
C ASN D 50 -1.62 -2.09 4.48
N ARG D 51 -0.94 -3.01 5.15
CA ARG D 51 0.28 -2.69 5.85
C ARG D 51 0.97 -3.98 6.31
N CYS D 52 0.49 -4.51 7.43
CA CYS D 52 1.06 -5.72 7.97
C CYS D 52 -0.05 -6.63 8.46
N ALA D 53 -0.33 -7.61 7.63
CA ALA D 53 -1.36 -8.61 7.90
C ALA D 53 -2.75 -7.99 7.98
N GLN D 54 -3.24 -7.76 9.19
CA GLN D 54 -4.56 -7.18 9.40
C GLN D 54 -4.65 -6.59 10.80
N GLN D 55 -5.86 -6.36 11.28
CA GLN D 55 -6.09 -5.82 12.61
C GLN D 55 -5.65 -6.80 13.69
N LEU D 56 -5.40 -8.05 13.29
CA LEU D 56 -4.99 -9.08 14.23
C LEU D 56 -3.55 -9.51 13.94
N ALA D 57 -2.61 -8.66 14.30
CA ALA D 57 -1.20 -8.95 14.09
C ALA D 57 -0.46 -9.05 15.43
N GLY D 58 -1.21 -8.94 16.51
CA GLY D 58 -0.62 -9.02 17.83
C GLY D 58 -1.57 -9.63 18.84
N LYS D 59 -1.07 -10.60 19.59
CA LYS D 59 -1.87 -11.28 20.59
C LYS D 59 -0.97 -11.78 21.73
N GLN D 60 -1.27 -11.38 22.95
CA GLN D 60 -0.47 -11.80 24.09
C GLN D 60 -1.34 -12.10 25.30
N SER D 61 -1.64 -11.08 26.09
CA SER D 61 -2.44 -11.23 27.30
C SER D 61 -3.93 -11.03 27.02
N LEU D 62 -4.30 -11.07 25.75
CA LEU D 62 -5.69 -10.88 25.34
C LEU D 62 -6.00 -11.75 24.14
N MET C 1 15.95 -9.98 5.71
CA MET C 1 16.06 -8.89 6.70
C MET C 1 15.19 -7.71 6.30
N LYS C 2 15.60 -7.00 5.25
CA LYS C 2 14.84 -5.85 4.76
C LYS C 2 14.08 -6.22 3.50
N PRO C 3 12.88 -5.64 3.30
CA PRO C 3 12.05 -5.91 2.12
C PRO C 3 12.60 -5.29 0.84
N VAL C 4 11.88 -5.52 -0.25
CA VAL C 4 12.24 -5.02 -1.56
C VAL C 4 11.32 -3.88 -1.99
N THR C 5 11.86 -3.02 -2.80
CA THR C 5 11.13 -1.91 -3.37
C THR C 5 11.05 -2.16 -4.85
N LEU C 6 10.15 -1.49 -5.55
CA LEU C 6 10.05 -1.72 -6.97
C LEU C 6 11.36 -1.40 -7.68
N TYR C 7 12.16 -0.55 -7.06
CA TYR C 7 13.47 -0.15 -7.59
C TYR C 7 14.42 -1.35 -7.62
N ASP C 8 14.33 -2.13 -6.56
CA ASP C 8 15.15 -3.31 -6.35
C ASP C 8 14.87 -4.36 -7.40
N VAL C 9 13.58 -4.57 -7.68
CA VAL C 9 13.18 -5.53 -8.67
C VAL C 9 13.59 -5.03 -10.04
N ALA C 10 13.38 -3.74 -10.23
CA ALA C 10 13.70 -3.08 -11.49
C ALA C 10 15.17 -3.26 -11.85
N GLU C 11 16.03 -3.00 -10.88
CA GLU C 11 17.45 -3.11 -11.09
C GLU C 11 17.82 -4.55 -11.36
N TYR C 12 17.32 -5.43 -10.50
CA TYR C 12 17.57 -6.86 -10.61
C TYR C 12 17.01 -7.42 -11.92
N ALA C 13 15.94 -6.82 -12.43
CA ALA C 13 15.34 -7.31 -13.66
C ALA C 13 16.13 -6.79 -14.84
N GLY C 14 16.78 -5.66 -14.62
CA GLY C 14 17.60 -5.05 -15.64
C GLY C 14 16.78 -4.14 -16.48
N VAL C 15 15.80 -3.53 -15.84
CA VAL C 15 14.88 -2.63 -16.50
C VAL C 15 14.61 -1.44 -15.61
N SER C 16 14.42 -0.28 -16.19
CA SER C 16 14.16 0.91 -15.41
C SER C 16 12.95 0.71 -14.51
N TYR C 17 12.97 1.43 -13.42
CA TYR C 17 11.92 1.38 -12.42
C TYR C 17 10.55 1.61 -13.05
N GLN C 18 10.45 2.68 -13.81
CA GLN C 18 9.22 3.06 -14.46
C GLN C 18 8.72 1.98 -15.43
N THR C 19 9.63 1.13 -15.88
CA THR C 19 9.30 0.04 -16.78
C THR C 19 8.50 -1.04 -16.06
N VAL C 20 9.11 -1.64 -15.06
CA VAL C 20 8.48 -2.71 -14.30
C VAL C 20 7.32 -2.21 -13.44
N SER C 21 7.38 -0.97 -13.00
CA SER C 21 6.29 -0.40 -12.20
C SER C 21 4.99 -0.47 -12.99
N ARG C 22 5.08 -0.14 -14.28
CA ARG C 22 3.93 -0.18 -15.16
C ARG C 22 3.54 -1.63 -15.39
N VAL C 23 4.54 -2.49 -15.35
CA VAL C 23 4.36 -3.91 -15.57
C VAL C 23 3.52 -4.49 -14.43
N VAL C 24 3.89 -4.14 -13.21
CA VAL C 24 3.16 -4.60 -12.03
C VAL C 24 1.73 -4.04 -12.04
N ASN C 25 1.52 -2.96 -12.79
CA ASN C 25 0.19 -2.36 -12.87
C ASN C 25 -0.67 -3.04 -13.92
N GLN C 26 -0.01 -3.87 -14.76
CA GLN C 26 -0.62 -4.69 -15.85
C GLN C 26 0.16 -4.52 -17.15
N ALA C 27 0.88 -3.39 -17.25
CA ALA C 27 1.68 -3.07 -18.43
C ALA C 27 0.81 -2.80 -19.66
N SER C 28 1.44 -2.58 -20.80
CA SER C 28 0.72 -2.29 -22.03
C SER C 28 1.63 -2.51 -23.25
N HIS C 29 2.71 -1.75 -23.30
CA HIS C 29 3.66 -1.85 -24.41
C HIS C 29 5.04 -2.15 -23.87
N VAL C 30 5.33 -3.44 -23.77
CA VAL C 30 6.60 -3.94 -23.27
C VAL C 30 6.93 -5.25 -23.95
N SER C 31 8.21 -5.60 -24.00
CA SER C 31 8.64 -6.84 -24.63
C SER C 31 8.34 -8.04 -23.74
N ALA C 32 8.48 -9.23 -24.31
CA ALA C 32 8.23 -10.46 -23.58
C ALA C 32 9.28 -10.65 -22.48
N LYS C 33 10.56 -10.69 -22.89
CA LYS C 33 11.66 -10.88 -21.94
C LYS C 33 11.63 -9.86 -20.81
N THR C 34 11.08 -8.69 -21.08
CA THR C 34 10.99 -7.66 -20.08
C THR C 34 10.09 -8.09 -18.92
N ARG C 35 8.90 -8.54 -19.25
CA ARG C 35 7.96 -8.95 -18.22
C ARG C 35 8.49 -10.16 -17.47
N GLU C 36 9.14 -11.05 -18.20
CA GLU C 36 9.71 -12.25 -17.61
C GLU C 36 10.85 -11.88 -16.68
N LYS C 37 11.53 -10.79 -16.99
CA LYS C 37 12.64 -10.32 -16.18
C LYS C 37 12.13 -9.64 -14.92
N VAL C 38 11.12 -8.76 -15.06
CA VAL C 38 10.55 -8.09 -13.91
C VAL C 38 9.91 -9.13 -12.98
N GLU C 39 9.12 -10.02 -13.59
CA GLU C 39 8.46 -11.10 -12.86
C GLU C 39 9.48 -11.95 -12.16
N ALA C 40 10.59 -12.24 -12.85
CA ALA C 40 11.66 -13.01 -12.28
C ALA C 40 12.25 -12.25 -11.10
N ALA C 41 12.68 -11.02 -11.36
CA ALA C 41 13.28 -10.20 -10.34
C ALA C 41 12.47 -10.12 -9.05
N MET C 42 11.19 -9.78 -9.17
CA MET C 42 10.34 -9.68 -7.98
C MET C 42 10.19 -11.06 -7.33
N ALA C 43 10.23 -12.11 -8.14
CA ALA C 43 10.08 -13.47 -7.62
C ALA C 43 11.32 -13.90 -6.87
N GLU C 44 12.48 -13.67 -7.48
CA GLU C 44 13.76 -14.07 -6.89
C GLU C 44 14.05 -13.25 -5.63
N LEU C 45 13.82 -11.95 -5.71
CA LEU C 45 14.05 -11.08 -4.56
C LEU C 45 12.88 -11.15 -3.60
N ASN C 46 11.86 -11.93 -3.96
CA ASN C 46 10.64 -12.08 -3.15
C ASN C 46 9.79 -10.81 -3.25
N TYR C 47 10.48 -9.66 -3.23
CA TYR C 47 9.87 -8.34 -3.34
C TYR C 47 9.08 -8.00 -2.07
N ILE C 48 8.03 -8.76 -1.79
CA ILE C 48 7.15 -8.58 -0.62
C ILE C 48 6.96 -7.10 -0.21
N PRO C 49 5.93 -6.46 -0.77
CA PRO C 49 5.63 -5.06 -0.48
C PRO C 49 5.04 -4.87 0.92
N ASN C 50 5.77 -4.14 1.76
CA ASN C 50 5.32 -3.88 3.13
C ASN C 50 4.05 -3.04 3.14
N ARG C 51 3.77 -2.39 2.01
CA ARG C 51 2.60 -1.54 1.90
C ARG C 51 1.51 -2.23 1.05
N CYS C 52 1.67 -3.53 0.81
CA CYS C 52 0.71 -4.30 0.04
C CYS C 52 0.89 -5.78 0.30
N ALA C 53 -0.03 -6.32 1.06
CA ALA C 53 -0.02 -7.72 1.43
C ALA C 53 -0.19 -8.62 0.21
N GLN C 54 0.92 -9.08 -0.34
CA GLN C 54 0.93 -9.93 -1.51
C GLN C 54 1.83 -11.11 -1.26
N GLN C 55 1.48 -12.26 -1.85
CA GLN C 55 2.26 -13.51 -1.72
C GLN C 55 2.02 -14.19 -0.38
N LEU C 56 1.61 -13.42 0.61
CA LEU C 56 1.36 -13.95 1.93
C LEU C 56 0.09 -14.79 1.95
N ALA C 57 0.24 -16.09 1.77
CA ALA C 57 -0.88 -17.02 1.77
C ALA C 57 -0.44 -18.38 2.30
N GLY C 58 0.05 -19.23 1.41
CA GLY C 58 0.52 -20.55 1.80
C GLY C 58 -0.60 -21.54 2.07
N LYS C 59 -1.38 -21.27 3.11
CA LYS C 59 -2.48 -22.15 3.48
C LYS C 59 -3.82 -21.52 3.12
N GLN C 60 -4.18 -20.46 3.83
CA GLN C 60 -5.44 -19.76 3.60
C GLN C 60 -5.22 -18.26 3.70
N SER C 61 -6.24 -17.49 3.38
CA SER C 61 -6.14 -16.03 3.45
C SER C 61 -7.50 -15.40 3.75
N LEU C 62 -7.51 -14.09 3.95
CA LEU C 62 -8.72 -13.33 4.25
C LEU C 62 -9.40 -13.85 5.52
N MET D 1 -8.57 2.18 -8.87
CA MET D 1 -9.61 3.00 -8.25
C MET D 1 -9.93 2.49 -6.84
N LYS D 2 -9.42 3.19 -5.84
CA LYS D 2 -9.64 2.83 -4.45
C LYS D 2 -10.86 3.59 -3.92
N PRO D 3 -11.83 2.88 -3.34
CA PRO D 3 -13.05 3.48 -2.78
C PRO D 3 -12.78 4.55 -1.75
N VAL D 4 -11.80 4.32 -0.89
CA VAL D 4 -11.46 5.29 0.13
C VAL D 4 -9.97 5.34 0.40
N THR D 5 -9.54 6.55 0.64
CA THR D 5 -8.18 6.87 1.00
C THR D 5 -8.24 7.40 2.42
N LEU D 6 -7.17 7.37 3.16
CA LEU D 6 -7.24 7.88 4.52
C LEU D 6 -7.62 9.36 4.51
N TYR D 7 -7.42 9.97 3.35
CA TYR D 7 -7.76 11.36 3.11
C TYR D 7 -9.29 11.55 3.18
N ASP D 8 -9.99 10.56 2.65
CA ASP D 8 -11.45 10.55 2.56
C ASP D 8 -12.03 10.45 3.96
N VAL D 9 -11.42 9.60 4.78
CA VAL D 9 -11.86 9.40 6.13
C VAL D 9 -11.61 10.66 6.92
N ALA D 10 -10.47 11.24 6.66
CA ALA D 10 -10.06 12.47 7.31
C ALA D 10 -11.02 13.61 7.03
N GLU D 11 -11.39 13.77 5.77
CA GLU D 11 -12.29 14.82 5.34
C GLU D 11 -13.66 14.57 5.93
N TYR D 12 -14.12 13.33 5.79
CA TYR D 12 -15.40 12.90 6.33
C TYR D 12 -15.44 13.07 7.85
N ALA D 13 -14.28 12.98 8.50
CA ALA D 13 -14.23 13.13 9.96
C ALA D 13 -14.10 14.61 10.31
N GLY D 14 -13.54 15.36 9.36
CA GLY D 14 -13.37 16.80 9.50
C GLY D 14 -12.08 17.14 10.18
N VAL D 15 -11.09 16.30 9.94
CA VAL D 15 -9.79 16.42 10.55
C VAL D 15 -8.67 16.09 9.56
N SER D 16 -7.49 16.70 9.74
CA SER D 16 -6.34 16.43 8.86
C SER D 16 -6.07 14.92 8.74
N TYR D 17 -5.33 14.59 7.72
CA TYR D 17 -5.01 13.22 7.38
C TYR D 17 -4.36 12.49 8.55
N GLN D 18 -3.23 12.99 8.97
CA GLN D 18 -2.52 12.52 10.18
C GLN D 18 -3.28 12.91 11.43
N THR D 19 -4.38 13.66 11.34
CA THR D 19 -5.13 13.78 12.54
C THR D 19 -5.54 12.32 12.82
N VAL D 20 -6.28 11.74 11.85
CA VAL D 20 -6.72 10.34 11.90
C VAL D 20 -5.63 9.31 11.54
N SER D 21 -4.77 9.63 10.58
CA SER D 21 -3.68 8.74 10.17
C SER D 21 -2.79 8.41 11.37
N ARG D 22 -2.58 9.40 12.23
CA ARG D 22 -1.82 9.20 13.44
C ARG D 22 -2.59 8.23 14.31
N VAL D 23 -3.92 8.33 14.19
CA VAL D 23 -4.86 7.48 14.91
C VAL D 23 -4.72 6.04 14.44
N VAL D 24 -4.77 5.88 13.12
CA VAL D 24 -4.67 4.59 12.48
C VAL D 24 -3.28 3.98 12.66
N ASN D 25 -2.29 4.80 12.96
CA ASN D 25 -0.93 4.30 13.10
C ASN D 25 -0.58 3.94 14.55
N GLN D 26 -1.44 4.35 15.49
CA GLN D 26 -1.26 4.08 16.94
C GLN D 26 -2.02 5.08 17.80
N ALA D 27 -1.99 6.34 17.37
CA ALA D 27 -2.63 7.45 18.07
C ALA D 27 -2.08 7.58 19.49
N SER D 28 -0.77 7.72 19.59
CA SER D 28 -0.10 7.85 20.89
C SER D 28 -0.42 9.20 21.55
N HIS D 29 -0.89 10.14 20.74
CA HIS D 29 -1.23 11.46 21.22
C HIS D 29 -2.48 11.96 20.49
N VAL D 30 -3.66 11.70 21.07
CA VAL D 30 -4.91 12.10 20.46
C VAL D 30 -5.96 12.40 21.53
N SER D 31 -7.11 12.89 21.09
CA SER D 31 -8.20 13.18 22.01
C SER D 31 -9.28 12.10 21.94
N ALA D 32 -10.34 12.28 22.72
CA ALA D 32 -11.45 11.33 22.76
C ALA D 32 -12.29 11.35 21.48
N LYS D 33 -13.11 12.39 21.32
CA LYS D 33 -13.99 12.52 20.16
C LYS D 33 -13.26 12.31 18.84
N THR D 34 -12.01 12.76 18.77
CA THR D 34 -11.23 12.61 17.55
C THR D 34 -11.18 11.16 17.09
N ARG D 35 -10.83 10.26 18.00
CA ARG D 35 -10.71 8.85 17.67
C ARG D 35 -12.05 8.31 17.19
N GLU D 36 -13.10 8.77 17.84
CA GLU D 36 -14.46 8.34 17.52
C GLU D 36 -14.90 8.87 16.16
N LYS D 37 -14.48 10.09 15.84
CA LYS D 37 -14.85 10.72 14.57
C LYS D 37 -14.10 10.10 13.41
N VAL D 38 -12.81 9.87 13.58
CA VAL D 38 -12.01 9.27 12.54
C VAL D 38 -12.44 7.82 12.31
N GLU D 39 -12.62 7.07 13.41
CA GLU D 39 -13.07 5.68 13.32
C GLU D 39 -14.47 5.65 12.73
N ALA D 40 -15.29 6.64 13.08
CA ALA D 40 -16.63 6.73 12.52
C ALA D 40 -16.50 6.91 11.02
N ALA D 41 -15.75 7.94 10.63
CA ALA D 41 -15.53 8.24 9.23
C ALA D 41 -15.07 7.02 8.44
N MET D 42 -14.03 6.34 8.92
CA MET D 42 -13.52 5.18 8.21
C MET D 42 -14.57 4.07 8.21
N ALA D 43 -15.36 3.99 9.28
CA ALA D 43 -16.37 2.94 9.41
C ALA D 43 -17.53 3.17 8.44
N GLU D 44 -17.96 4.42 8.35
CA GLU D 44 -19.05 4.78 7.46
C GLU D 44 -18.64 4.62 6.02
N LEU D 45 -17.43 5.08 5.71
CA LEU D 45 -16.91 4.98 4.35
C LEU D 45 -16.36 3.58 4.11
N ASN D 46 -16.45 2.72 5.14
CA ASN D 46 -15.96 1.33 5.10
C ASN D 46 -14.43 1.31 5.14
N TYR D 47 -13.82 2.15 4.32
CA TYR D 47 -12.37 2.31 4.24
C TYR D 47 -11.65 0.97 4.13
N ILE D 48 -11.81 0.34 2.99
CA ILE D 48 -11.16 -0.94 2.72
C ILE D 48 -9.67 -0.73 2.42
N PRO D 49 -8.78 -1.53 3.02
CA PRO D 49 -7.33 -1.43 2.81
C PRO D 49 -6.87 -2.10 1.52
N ASN D 50 -7.66 -1.93 0.48
CA ASN D 50 -7.37 -2.50 -0.82
C ASN D 50 -6.40 -1.63 -1.60
N ARG D 51 -5.15 -1.67 -1.21
CA ARG D 51 -4.10 -0.90 -1.89
C ARG D 51 -3.62 -1.67 -3.12
N CYS D 52 -3.68 -2.98 -3.04
CA CYS D 52 -3.26 -3.84 -4.13
C CYS D 52 -4.24 -4.99 -4.26
N ALA D 53 -5.09 -4.85 -5.26
CA ALA D 53 -6.12 -5.81 -5.56
C ALA D 53 -5.56 -7.10 -6.13
N GLN D 54 -5.63 -8.17 -5.34
CA GLN D 54 -5.15 -9.49 -5.76
C GLN D 54 -5.64 -10.54 -4.77
N GLN D 55 -5.07 -10.51 -3.57
CA GLN D 55 -5.45 -11.46 -2.54
C GLN D 55 -6.00 -10.73 -1.32
N LEU D 56 -5.41 -9.56 -1.03
CA LEU D 56 -5.83 -8.71 0.09
C LEU D 56 -5.80 -9.48 1.41
N ALA D 57 -4.60 -9.71 1.93
CA ALA D 57 -4.44 -10.42 3.20
C ALA D 57 -4.73 -9.50 4.38
N GLY D 58 -4.75 -8.20 4.11
CA GLY D 58 -5.03 -7.22 5.16
C GLY D 58 -3.80 -6.92 5.99
N LYS D 59 -3.40 -7.86 6.83
CA LYS D 59 -2.26 -7.68 7.70
C LYS D 59 -0.96 -8.03 6.98
N GLN D 60 -0.15 -7.02 6.70
CA GLN D 60 1.12 -7.24 6.01
C GLN D 60 2.23 -7.44 7.04
N SER D 61 2.15 -6.71 8.14
CA SER D 61 3.14 -6.81 9.20
C SER D 61 2.65 -7.79 10.27
N LEU D 62 3.35 -8.90 10.41
CA LEU D 62 2.99 -9.92 11.39
C LEU D 62 3.27 -9.41 12.80
N MET C 1 12.19 -4.16 8.04
CA MET C 1 10.89 -3.50 7.78
C MET C 1 10.28 -4.02 6.48
N LYS C 2 10.71 -3.46 5.36
CA LYS C 2 10.18 -3.87 4.06
C LYS C 2 11.24 -4.63 3.28
N PRO C 3 10.92 -5.85 2.81
CA PRO C 3 11.84 -6.69 2.06
C PRO C 3 12.10 -6.20 0.65
N VAL C 4 11.05 -6.01 -0.14
CA VAL C 4 11.24 -5.57 -1.51
C VAL C 4 10.34 -4.40 -1.87
N THR C 5 10.91 -3.55 -2.68
CA THR C 5 10.25 -2.41 -3.24
C THR C 5 10.27 -2.61 -4.74
N LEU C 6 9.40 -1.95 -5.48
CA LEU C 6 9.38 -2.16 -6.92
C LEU C 6 10.73 -1.81 -7.55
N TYR C 7 11.50 -0.99 -6.86
CA TYR C 7 12.83 -0.58 -7.32
C TYR C 7 13.77 -1.78 -7.34
N ASP C 8 13.58 -2.64 -6.35
CA ASP C 8 14.40 -3.83 -6.14
C ASP C 8 14.22 -4.80 -7.29
N VAL C 9 12.98 -5.00 -7.68
CA VAL C 9 12.65 -5.90 -8.76
C VAL C 9 13.17 -5.32 -10.05
N ALA C 10 13.00 -4.03 -10.18
CA ALA C 10 13.42 -3.30 -11.37
C ALA C 10 14.91 -3.44 -11.61
N GLU C 11 15.69 -3.23 -10.56
CA GLU C 11 17.14 -3.31 -10.68
C GLU C 11 17.54 -4.75 -10.97
N TYR C 12 16.98 -5.66 -10.18
CA TYR C 12 17.25 -7.09 -10.33
C TYR C 12 16.82 -7.61 -11.70
N ALA C 13 15.80 -6.98 -12.30
CA ALA C 13 15.31 -7.42 -13.60
C ALA C 13 16.16 -6.81 -14.70
N GLY C 14 16.75 -5.67 -14.38
CA GLY C 14 17.60 -4.99 -15.32
C GLY C 14 16.81 -4.07 -16.19
N VAL C 15 15.80 -3.49 -15.59
CA VAL C 15 14.90 -2.57 -16.26
C VAL C 15 14.58 -1.41 -15.37
N SER C 16 14.38 -0.25 -15.96
CA SER C 16 14.06 0.92 -15.16
C SER C 16 12.82 0.66 -14.32
N TYR C 17 12.80 1.26 -13.17
CA TYR C 17 11.71 1.13 -12.22
C TYR C 17 10.35 1.37 -12.88
N GLN C 18 10.25 2.49 -13.57
CA GLN C 18 9.02 2.88 -14.26
C GLN C 18 8.57 1.83 -15.28
N THR C 19 9.52 1.03 -15.76
CA THR C 19 9.22 -0.02 -16.72
C THR C 19 8.42 -1.14 -16.06
N VAL C 20 9.02 -1.79 -15.06
CA VAL C 20 8.36 -2.89 -14.37
C VAL C 20 7.20 -2.41 -13.50
N SER C 21 7.30 -1.18 -13.00
CA SER C 21 6.23 -0.60 -12.20
C SER C 21 4.94 -0.58 -13.02
N ARG C 22 5.05 -0.12 -14.25
CA ARG C 22 3.90 -0.04 -15.16
C ARG C 22 3.51 -1.45 -15.58
N VAL C 23 4.47 -2.37 -15.51
CA VAL C 23 4.24 -3.75 -15.86
C VAL C 23 3.24 -4.35 -14.87
N VAL C 24 3.53 -4.16 -13.58
CA VAL C 24 2.67 -4.64 -12.52
C VAL C 24 1.33 -3.89 -12.51
N ASN C 25 1.32 -2.70 -13.11
CA ASN C 25 0.11 -1.88 -13.13
C ASN C 25 -0.62 -1.96 -14.47
N GLN C 26 -0.25 -2.97 -15.27
CA GLN C 26 -0.86 -3.25 -16.58
C GLN C 26 -0.15 -2.47 -17.67
N ALA C 27 0.74 -3.17 -18.34
CA ALA C 27 1.54 -2.58 -19.39
C ALA C 27 1.24 -3.21 -20.75
N SER C 28 0.94 -2.37 -21.73
CA SER C 28 0.61 -2.84 -23.06
C SER C 28 1.84 -2.83 -23.98
N HIS C 29 2.67 -1.80 -23.82
CA HIS C 29 3.85 -1.65 -24.64
C HIS C 29 5.10 -2.07 -23.87
N VAL C 30 5.31 -3.38 -23.82
CA VAL C 30 6.45 -3.96 -23.14
C VAL C 30 6.89 -5.23 -23.86
N SER C 31 8.20 -5.43 -23.99
CA SER C 31 8.74 -6.61 -24.66
C SER C 31 8.52 -7.87 -23.84
N ALA C 32 8.69 -9.00 -24.49
CA ALA C 32 8.53 -10.30 -23.85
C ALA C 32 9.60 -10.47 -22.77
N LYS C 33 10.87 -10.43 -23.19
CA LYS C 33 12.01 -10.58 -22.29
C LYS C 33 11.90 -9.66 -21.08
N THR C 34 11.35 -8.48 -21.28
CA THR C 34 11.18 -7.53 -20.21
C THR C 34 10.28 -8.10 -19.13
N ARG C 35 9.13 -8.59 -19.53
CA ARG C 35 8.18 -9.13 -18.59
C ARG C 35 8.76 -10.36 -17.93
N GLU C 36 9.54 -11.10 -18.70
CA GLU C 36 10.17 -12.32 -18.22
C GLU C 36 11.15 -12.02 -17.10
N LYS C 37 11.90 -10.92 -17.22
CA LYS C 37 12.86 -10.58 -16.19
C LYS C 37 12.20 -9.83 -15.03
N VAL C 38 11.23 -8.96 -15.31
CA VAL C 38 10.56 -8.25 -14.21
C VAL C 38 9.86 -9.29 -13.33
N GLU C 39 9.16 -10.22 -13.99
CA GLU C 39 8.47 -11.31 -13.31
C GLU C 39 9.48 -12.18 -12.59
N ALA C 40 10.60 -12.46 -13.24
CA ALA C 40 11.65 -13.25 -12.63
C ALA C 40 12.12 -12.55 -11.37
N ALA C 41 12.54 -11.31 -11.55
CA ALA C 41 13.03 -10.50 -10.44
C ALA C 41 12.08 -10.47 -9.26
N MET C 42 10.82 -10.16 -9.51
CA MET C 42 9.85 -10.10 -8.42
C MET C 42 9.65 -11.50 -7.82
N ALA C 43 9.78 -12.53 -8.64
CA ALA C 43 9.59 -13.90 -8.18
C ALA C 43 10.73 -14.34 -7.29
N GLU C 44 11.95 -14.04 -7.72
CA GLU C 44 13.14 -14.42 -6.98
C GLU C 44 13.24 -13.65 -5.67
N LEU C 45 12.96 -12.35 -5.76
CA LEU C 45 13.00 -11.50 -4.58
C LEU C 45 11.71 -11.65 -3.77
N ASN C 46 10.81 -12.49 -4.28
CA ASN C 46 9.50 -12.76 -3.65
C ASN C 46 8.55 -11.57 -3.83
N TYR C 47 9.08 -10.36 -3.59
CA TYR C 47 8.33 -9.12 -3.74
C TYR C 47 7.00 -9.19 -3.00
N ILE C 48 7.10 -9.29 -1.68
CA ILE C 48 5.94 -9.36 -0.82
C ILE C 48 5.51 -7.96 -0.36
N PRO C 49 4.19 -7.67 -0.37
CA PRO C 49 3.67 -6.39 0.08
C PRO C 49 3.76 -6.22 1.59
N ASN C 50 3.11 -7.13 2.32
CA ASN C 50 3.11 -7.12 3.78
C ASN C 50 2.28 -8.28 4.32
N ARG C 51 1.11 -7.99 4.87
CA ARG C 51 0.24 -9.02 5.42
C ARG C 51 -1.07 -9.08 4.63
N CYS C 52 -1.09 -8.37 3.52
CA CYS C 52 -2.28 -8.32 2.66
C CYS C 52 -2.45 -9.62 1.89
N ALA C 53 -1.35 -10.26 1.59
CA ALA C 53 -1.36 -11.53 0.87
C ALA C 53 -1.90 -11.33 -0.54
N GLN C 54 -2.49 -12.39 -1.12
CA GLN C 54 -3.03 -12.30 -2.47
C GLN C 54 -4.55 -12.14 -2.42
N GLN C 55 -5.21 -13.02 -1.69
CA GLN C 55 -6.67 -12.97 -1.57
C GLN C 55 -7.07 -12.50 -0.18
N LEU C 56 -6.10 -11.93 0.55
CA LEU C 56 -6.31 -11.44 1.90
C LEU C 56 -6.78 -12.57 2.82
N ALA C 57 -8.07 -12.60 3.13
CA ALA C 57 -8.62 -13.62 4.01
C ALA C 57 -10.10 -13.87 3.70
N GLY C 58 -10.44 -13.83 2.42
CA GLY C 58 -11.81 -14.04 2.00
C GLY C 58 -12.31 -15.44 2.36
N LYS C 59 -11.75 -16.44 1.68
CA LYS C 59 -12.11 -17.85 1.89
C LYS C 59 -13.53 -18.15 1.41
N GLN C 60 -13.93 -19.41 1.55
CA GLN C 60 -15.25 -19.85 1.14
C GLN C 60 -16.31 -19.23 2.04
N SER C 61 -16.94 -18.17 1.57
CA SER C 61 -17.96 -17.47 2.33
C SER C 61 -19.35 -17.95 1.91
N LEU C 62 -20.32 -17.79 2.80
CA LEU C 62 -21.70 -18.20 2.50
C LEU C 62 -22.41 -17.15 1.67
N MET D 1 -15.25 -3.27 2.11
CA MET D 1 -16.44 -3.26 1.27
C MET D 1 -16.49 -2.00 0.41
N LYS D 2 -15.69 -1.00 0.79
CA LYS D 2 -15.63 0.26 0.06
C LYS D 2 -14.20 0.81 0.03
N PRO D 3 -13.72 1.19 -1.17
CA PRO D 3 -12.37 1.75 -1.35
C PRO D 3 -12.25 3.11 -0.67
N VAL D 4 -11.31 3.22 0.25
CA VAL D 4 -11.10 4.45 1.01
C VAL D 4 -9.62 4.71 1.24
N THR D 5 -9.29 5.98 1.30
CA THR D 5 -7.94 6.42 1.60
C THR D 5 -7.97 6.94 3.00
N LEU D 6 -6.85 6.98 3.69
CA LEU D 6 -6.90 7.53 5.04
C LEU D 6 -7.37 8.98 4.99
N TYR D 7 -7.19 9.58 3.81
CA TYR D 7 -7.62 10.94 3.51
C TYR D 7 -9.15 11.05 3.59
N ASP D 8 -9.81 9.98 3.13
CA ASP D 8 -11.27 9.88 3.08
C ASP D 8 -11.83 9.89 4.48
N VAL D 9 -11.20 9.11 5.35
CA VAL D 9 -11.62 9.01 6.73
C VAL D 9 -11.37 10.34 7.42
N ALA D 10 -10.20 10.88 7.12
CA ALA D 10 -9.77 12.16 7.67
C ALA D 10 -10.76 13.26 7.34
N GLU D 11 -11.15 13.31 6.08
CA GLU D 11 -12.09 14.32 5.60
C GLU D 11 -13.43 14.12 6.28
N TYR D 12 -13.90 12.88 6.24
CA TYR D 12 -15.16 12.51 6.85
C TYR D 12 -15.15 12.76 8.37
N ALA D 13 -13.98 12.69 8.98
CA ALA D 13 -13.88 12.92 10.41
C ALA D 13 -13.78 14.41 10.70
N GLY D 14 -13.28 15.15 9.71
CA GLY D 14 -13.15 16.59 9.82
C GLY D 14 -11.84 16.98 10.45
N VAL D 15 -10.84 16.14 10.20
CA VAL D 15 -9.51 16.27 10.78
C VAL D 15 -8.44 15.94 9.75
N SER D 16 -7.26 16.55 9.86
CA SER D 16 -6.15 16.30 8.94
C SER D 16 -5.91 14.83 8.78
N TYR D 17 -5.21 14.51 7.71
CA TYR D 17 -4.92 13.12 7.43
C TYR D 17 -4.25 12.49 8.63
N GLN D 18 -3.00 12.88 8.95
CA GLN D 18 -2.25 12.42 10.12
C GLN D 18 -2.91 12.78 11.40
N THR D 19 -4.07 13.49 11.32
CA THR D 19 -4.82 13.71 12.53
C THR D 19 -5.26 12.31 12.91
N VAL D 20 -6.03 11.67 11.96
CA VAL D 20 -6.51 10.25 12.08
C VAL D 20 -5.43 9.22 11.77
N SER D 21 -4.53 9.51 10.83
CA SER D 21 -3.43 8.59 10.50
C SER D 21 -2.54 8.30 11.70
N ARG D 22 -2.33 9.31 12.52
CA ARG D 22 -1.54 9.14 13.72
C ARG D 22 -2.32 8.22 14.64
N VAL D 23 -3.64 8.29 14.50
CA VAL D 23 -4.54 7.44 15.24
C VAL D 23 -4.34 5.99 14.78
N VAL D 24 -4.39 5.81 13.47
CA VAL D 24 -4.21 4.51 12.83
C VAL D 24 -2.76 4.00 12.97
N ASN D 25 -1.83 4.93 13.22
CA ASN D 25 -0.42 4.57 13.33
C ASN D 25 0.03 4.51 14.78
N GLN D 26 -0.97 4.38 15.66
CA GLN D 26 -0.77 4.26 17.11
C GLN D 26 -0.88 5.63 17.73
N ALA D 27 -2.12 5.98 18.02
CA ALA D 27 -2.46 7.25 18.58
C ALA D 27 -2.08 7.39 20.06
N SER D 28 -0.80 7.57 20.32
CA SER D 28 -0.31 7.72 21.68
C SER D 28 -0.62 9.10 22.21
N HIS D 29 -0.89 10.04 21.30
CA HIS D 29 -1.19 11.41 21.69
C HIS D 29 -2.32 11.99 20.85
N VAL D 30 -3.55 11.73 21.28
CA VAL D 30 -4.76 12.21 20.60
C VAL D 30 -5.86 12.44 21.62
N SER D 31 -6.80 13.34 21.31
CA SER D 31 -7.89 13.64 22.20
C SER D 31 -8.99 12.57 22.12
N ALA D 32 -10.00 12.70 22.96
CA ALA D 32 -11.10 11.76 22.99
C ALA D 32 -11.99 11.86 21.76
N LYS D 33 -12.64 13.02 21.58
CA LYS D 33 -13.55 13.25 20.46
C LYS D 33 -12.94 12.89 19.13
N THR D 34 -11.75 13.40 18.89
CA THR D 34 -11.04 13.13 17.66
C THR D 34 -10.97 11.64 17.34
N ARG D 35 -10.62 10.82 18.33
CA ARG D 35 -10.50 9.39 18.12
C ARG D 35 -11.85 8.81 17.72
N GLU D 36 -12.90 9.32 18.36
CA GLU D 36 -14.25 8.88 18.09
C GLU D 36 -14.67 9.26 16.68
N LYS D 37 -14.21 10.43 16.25
CA LYS D 37 -14.53 10.95 14.94
C LYS D 37 -13.80 10.17 13.85
N VAL D 38 -12.50 9.93 14.05
CA VAL D 38 -11.70 9.20 13.08
C VAL D 38 -12.14 7.73 13.01
N GLU D 39 -12.28 7.09 14.18
CA GLU D 39 -12.72 5.70 14.24
C GLU D 39 -14.11 5.60 13.66
N ALA D 40 -14.95 6.61 13.91
CA ALA D 40 -16.28 6.61 13.34
C ALA D 40 -16.16 6.69 11.83
N ALA D 41 -15.46 7.73 11.37
CA ALA D 41 -15.26 7.95 9.95
C ALA D 41 -14.79 6.71 9.20
N MET D 42 -13.74 6.08 9.70
CA MET D 42 -13.21 4.89 9.06
C MET D 42 -14.23 3.76 9.12
N ALA D 43 -15.01 3.72 10.18
CA ALA D 43 -16.01 2.67 10.37
C ALA D 43 -17.18 2.84 9.41
N GLU D 44 -17.65 4.08 9.29
CA GLU D 44 -18.77 4.39 8.42
C GLU D 44 -18.39 4.22 6.96
N LEU D 45 -17.20 4.72 6.63
CA LEU D 45 -16.70 4.61 5.26
C LEU D 45 -16.12 3.22 5.00
N ASN D 46 -16.14 2.38 6.04
CA ASN D 46 -15.61 1.00 5.95
C ASN D 46 -14.08 1.02 5.98
N TYR D 47 -13.49 1.90 5.18
CA TYR D 47 -12.05 2.07 5.09
C TYR D 47 -11.32 0.75 4.81
N ILE D 48 -11.32 0.36 3.55
CA ILE D 48 -10.65 -0.86 3.13
C ILE D 48 -9.21 -0.54 2.70
N PRO D 49 -8.26 -1.44 3.01
CA PRO D 49 -6.85 -1.26 2.64
C PRO D 49 -6.66 -1.06 1.14
N ASN D 50 -6.20 0.13 0.76
CA ASN D 50 -5.98 0.46 -0.64
C ASN D 50 -4.83 -0.34 -1.23
N ARG D 51 -3.63 -0.14 -0.70
CA ARG D 51 -2.45 -0.85 -1.19
C ARG D 51 -1.50 -1.19 -0.04
N CYS D 52 -2.08 -1.49 1.12
CA CYS D 52 -1.32 -1.85 2.32
C CYS D 52 -0.60 -0.65 2.90
N ALA D 53 0.39 -0.17 2.18
CA ALA D 53 1.20 0.96 2.63
C ALA D 53 2.28 1.29 1.60
N GLN D 54 2.66 2.56 1.51
CA GLN D 54 3.66 3.01 0.56
C GLN D 54 5.06 2.55 0.97
N GLN D 55 5.74 3.41 1.71
CA GLN D 55 7.09 3.13 2.16
C GLN D 55 7.09 2.40 3.50
N LEU D 56 6.05 2.64 4.29
CA LEU D 56 5.94 2.02 5.60
C LEU D 56 5.26 0.67 5.52
N ALA D 57 5.03 0.06 6.68
CA ALA D 57 4.38 -1.24 6.78
C ALA D 57 3.75 -1.37 8.16
N GLY D 58 2.46 -1.70 8.19
CA GLY D 58 1.77 -1.84 9.46
C GLY D 58 1.78 -3.26 9.98
N LYS D 59 2.04 -3.39 11.28
CA LYS D 59 2.08 -4.70 11.93
C LYS D 59 1.40 -4.63 13.29
N GLN D 60 0.10 -4.89 13.31
CA GLN D 60 -0.67 -4.87 14.55
C GLN D 60 -0.53 -6.19 15.28
N SER D 61 -0.03 -7.19 14.57
CA SER D 61 0.17 -8.51 15.13
C SER D 61 1.42 -8.52 16.02
N LEU D 62 1.39 -9.33 17.07
CA LEU D 62 2.51 -9.41 17.99
C LEU D 62 3.52 -10.45 17.50
N MET C 1 16.24 -3.01 8.17
CA MET C 1 16.80 -2.12 7.13
C MET C 1 15.82 -1.97 5.96
N LYS C 2 14.58 -2.41 6.17
CA LYS C 2 13.52 -2.33 5.15
C LYS C 2 13.79 -3.33 4.00
N PRO C 3 12.75 -3.67 3.22
CA PRO C 3 12.84 -4.60 2.11
C PRO C 3 13.09 -3.93 0.75
N VAL C 4 12.89 -4.71 -0.30
CA VAL C 4 13.08 -4.29 -1.68
C VAL C 4 12.11 -3.19 -2.11
N THR C 5 12.59 -2.38 -3.02
CA THR C 5 11.82 -1.32 -3.63
C THR C 5 11.75 -1.63 -5.10
N LEU C 6 10.83 -1.01 -5.81
CA LEU C 6 10.73 -1.27 -7.23
C LEU C 6 12.03 -0.94 -7.96
N TYR C 7 12.81 -0.04 -7.37
CA TYR C 7 14.09 0.37 -7.94
C TYR C 7 15.07 -0.81 -7.94
N ASP C 8 14.99 -1.59 -6.88
CA ASP C 8 15.84 -2.75 -6.65
C ASP C 8 15.56 -3.80 -7.70
N VAL C 9 14.28 -4.03 -7.96
CA VAL C 9 13.87 -5.00 -8.94
C VAL C 9 14.25 -4.51 -10.31
N ALA C 10 14.01 -3.23 -10.52
CA ALA C 10 14.31 -2.58 -11.79
C ALA C 10 15.77 -2.74 -12.18
N GLU C 11 16.65 -2.46 -11.22
CA GLU C 11 18.09 -2.56 -11.47
C GLU C 11 18.47 -4.01 -11.69
N TYR C 12 18.02 -4.86 -10.78
CA TYR C 12 18.29 -6.28 -10.83
C TYR C 12 17.75 -6.91 -12.12
N ALA C 13 16.67 -6.35 -12.65
CA ALA C 13 16.06 -6.87 -13.87
C ALA C 13 16.80 -6.34 -15.08
N GLY C 14 17.39 -5.17 -14.90
CA GLY C 14 18.15 -4.54 -15.95
C GLY C 14 17.26 -3.69 -16.81
N VAL C 15 16.29 -3.09 -16.15
CA VAL C 15 15.30 -2.25 -16.81
C VAL C 15 15.02 -1.03 -15.96
N SER C 16 14.77 0.08 -16.60
CA SER C 16 14.46 1.30 -15.88
C SER C 16 13.30 1.09 -14.92
N TYR C 17 13.32 1.85 -13.85
CA TYR C 17 12.30 1.76 -12.82
C TYR C 17 10.89 1.89 -13.38
N GLN C 18 10.68 2.93 -14.16
CA GLN C 18 9.38 3.22 -14.76
C GLN C 18 8.95 2.11 -15.71
N THR C 19 9.92 1.35 -16.21
CA THR C 19 9.64 0.23 -17.10
C THR C 19 8.88 -0.85 -16.36
N VAL C 20 9.52 -1.40 -15.32
CA VAL C 20 8.91 -2.47 -14.53
C VAL C 20 7.72 -1.97 -13.72
N SER C 21 7.73 -0.71 -13.35
CA SER C 21 6.62 -0.13 -12.61
C SER C 21 5.32 -0.27 -13.41
N ARG C 22 5.40 0.02 -14.70
CA ARG C 22 4.25 -0.08 -15.58
C ARG C 22 3.92 -1.55 -15.81
N VAL C 23 4.95 -2.38 -15.70
CA VAL C 23 4.84 -3.80 -15.89
C VAL C 23 4.02 -4.44 -14.78
N VAL C 24 4.39 -4.11 -13.55
CA VAL C 24 3.72 -4.63 -12.36
C VAL C 24 2.26 -4.16 -12.30
N ASN C 25 1.94 -3.11 -13.04
CA ASN C 25 0.58 -2.57 -13.00
C ASN C 25 -0.25 -2.95 -14.24
N GLN C 26 0.40 -3.47 -15.28
CA GLN C 26 -0.33 -3.86 -16.51
C GLN C 26 0.63 -4.37 -17.59
N ALA C 27 1.59 -3.53 -17.99
CA ALA C 27 2.55 -3.87 -19.02
C ALA C 27 1.86 -4.21 -20.35
N SER C 28 0.98 -3.31 -20.78
CA SER C 28 0.24 -3.48 -22.02
C SER C 28 1.18 -3.49 -23.23
N HIS C 29 1.99 -2.45 -23.34
CA HIS C 29 2.93 -2.35 -24.45
C HIS C 29 4.36 -2.51 -23.95
N VAL C 30 4.73 -3.77 -23.75
CA VAL C 30 6.06 -4.14 -23.26
C VAL C 30 6.45 -5.47 -23.91
N SER C 31 7.74 -5.71 -24.08
CA SER C 31 8.17 -6.97 -24.68
C SER C 31 8.25 -8.07 -23.62
N ALA C 32 8.19 -9.32 -24.08
CA ALA C 32 8.25 -10.49 -23.20
C ALA C 32 9.47 -10.46 -22.29
N LYS C 33 10.65 -10.35 -22.88
CA LYS C 33 11.92 -10.35 -22.13
C LYS C 33 11.90 -9.36 -20.97
N THR C 34 11.19 -8.26 -21.13
CA THR C 34 11.12 -7.27 -20.08
C THR C 34 10.34 -7.75 -18.89
N ARG C 35 9.13 -8.23 -19.13
CA ARG C 35 8.27 -8.67 -18.05
C ARG C 35 8.93 -9.81 -17.29
N GLU C 36 9.53 -10.72 -18.03
CA GLU C 36 10.19 -11.87 -17.44
C GLU C 36 11.41 -11.43 -16.64
N LYS C 37 12.04 -10.36 -17.08
CA LYS C 37 13.21 -9.83 -16.38
C LYS C 37 12.79 -9.18 -15.07
N VAL C 38 11.75 -8.33 -15.13
CA VAL C 38 11.24 -7.67 -13.94
C VAL C 38 10.70 -8.73 -12.98
N GLU C 39 9.96 -9.68 -13.55
CA GLU C 39 9.39 -10.79 -12.81
C GLU C 39 10.49 -11.57 -12.11
N ALA C 40 11.55 -11.88 -12.86
CA ALA C 40 12.68 -12.59 -12.28
C ALA C 40 13.24 -11.79 -11.14
N ALA C 41 13.56 -10.53 -11.42
CA ALA C 41 14.14 -9.65 -10.42
C ALA C 41 13.32 -9.58 -9.14
N MET C 42 12.04 -9.30 -9.26
CA MET C 42 11.18 -9.21 -8.09
C MET C 42 11.07 -10.56 -7.40
N ALA C 43 11.14 -11.63 -8.19
CA ALA C 43 11.01 -12.98 -7.64
C ALA C 43 12.23 -13.35 -6.80
N GLU C 44 13.40 -13.02 -7.32
CA GLU C 44 14.64 -13.34 -6.63
C GLU C 44 14.79 -12.51 -5.38
N LEU C 45 14.52 -11.22 -5.51
CA LEU C 45 14.63 -10.30 -4.39
C LEU C 45 13.41 -10.38 -3.49
N ASN C 46 12.47 -11.27 -3.81
CA ASN C 46 11.22 -11.45 -3.06
C ASN C 46 10.28 -10.29 -3.38
N TYR C 47 10.74 -9.07 -3.11
CA TYR C 47 10.01 -7.84 -3.39
C TYR C 47 8.63 -7.78 -2.73
N ILE C 48 8.53 -6.90 -1.75
CA ILE C 48 7.27 -6.69 -1.04
C ILE C 48 6.48 -5.58 -1.72
N PRO C 49 5.17 -5.45 -1.42
CA PRO C 49 4.32 -4.41 -2.03
C PRO C 49 4.79 -3.00 -1.69
N ASN C 50 4.35 -2.49 -0.53
CA ASN C 50 4.74 -1.15 -0.07
C ASN C 50 4.06 -0.82 1.25
N ARG C 51 2.75 -0.61 1.20
CA ARG C 51 1.97 -0.27 2.39
C ARG C 51 0.78 -1.21 2.53
N CYS C 52 0.97 -2.45 2.10
CA CYS C 52 -0.07 -3.47 2.14
C CYS C 52 0.59 -4.81 2.44
N ALA C 53 0.31 -5.28 3.64
CA ALA C 53 0.84 -6.54 4.13
C ALA C 53 0.56 -7.72 3.20
N GLN C 54 1.63 -8.24 2.60
CA GLN C 54 1.53 -9.38 1.69
C GLN C 54 2.75 -10.29 1.84
N GLN C 55 3.87 -9.86 1.27
CA GLN C 55 5.11 -10.65 1.31
C GLN C 55 5.86 -10.39 2.60
N LEU C 56 5.19 -10.57 3.72
CA LEU C 56 5.81 -10.34 5.01
C LEU C 56 6.01 -11.64 5.77
N ALA C 57 5.90 -12.75 5.05
CA ALA C 57 6.06 -14.07 5.64
C ALA C 57 7.11 -14.86 4.89
N GLY C 58 7.93 -15.60 5.61
CA GLY C 58 8.98 -16.39 5.00
C GLY C 58 10.22 -15.57 4.68
N LYS C 59 10.02 -14.54 3.86
CA LYS C 59 11.09 -13.65 3.44
C LYS C 59 12.16 -14.41 2.67
N GLN C 60 13.44 -14.10 2.94
CA GLN C 60 14.56 -14.76 2.25
C GLN C 60 14.44 -14.55 0.74
N SER C 61 14.69 -15.60 -0.03
CA SER C 61 14.59 -15.52 -1.47
C SER C 61 13.19 -15.94 -1.91
N LEU C 62 12.46 -14.99 -2.49
CA LEU C 62 11.08 -15.24 -2.95
C LEU C 62 10.18 -15.62 -1.78
N MET D 1 -8.85 -1.57 -5.23
CA MET D 1 -9.25 -2.28 -4.03
C MET D 1 -9.43 -1.30 -2.87
N LYS D 2 -8.96 -0.06 -3.07
CA LYS D 2 -9.07 0.96 -2.06
C LYS D 2 -9.85 2.16 -2.58
N PRO D 3 -11.18 2.17 -2.36
CA PRO D 3 -12.05 3.28 -2.80
C PRO D 3 -12.01 4.45 -1.84
N VAL D 4 -11.21 4.32 -0.81
CA VAL D 4 -11.06 5.36 0.17
C VAL D 4 -9.61 5.52 0.57
N THR D 5 -9.23 6.75 0.74
CA THR D 5 -7.91 7.12 1.22
C THR D 5 -8.10 7.61 2.61
N LEU D 6 -7.06 7.62 3.41
CA LEU D 6 -7.23 8.13 4.76
C LEU D 6 -7.64 9.60 4.71
N TYR D 7 -7.36 10.23 3.57
CA TYR D 7 -7.71 11.62 3.32
C TYR D 7 -9.24 11.75 3.29
N ASP D 8 -9.86 10.75 2.68
CA ASP D 8 -11.31 10.68 2.52
C ASP D 8 -11.97 10.65 3.88
N VAL D 9 -11.41 9.83 4.76
CA VAL D 9 -11.92 9.70 6.10
C VAL D 9 -11.66 10.99 6.86
N ALA D 10 -10.48 11.51 6.65
CA ALA D 10 -10.05 12.75 7.28
C ALA D 10 -10.98 13.90 6.94
N GLU D 11 -11.30 14.02 5.67
CA GLU D 11 -12.17 15.08 5.18
C GLU D 11 -13.57 14.90 5.75
N TYR D 12 -14.06 13.68 5.65
CA TYR D 12 -15.38 13.32 6.16
C TYR D 12 -15.46 13.51 7.67
N ALA D 13 -14.32 13.40 8.37
CA ALA D 13 -14.31 13.57 9.81
C ALA D 13 -14.16 15.05 10.14
N GLY D 14 -13.56 15.77 9.19
CA GLY D 14 -13.37 17.20 9.34
C GLY D 14 -12.10 17.52 10.06
N VAL D 15 -11.13 16.65 9.87
CA VAL D 15 -9.85 16.77 10.53
C VAL D 15 -8.70 16.42 9.59
N SER D 16 -7.54 17.02 9.80
CA SER D 16 -6.35 16.75 8.96
C SER D 16 -6.10 15.26 8.82
N TYR D 17 -5.33 14.92 7.79
CA TYR D 17 -5.01 13.54 7.52
C TYR D 17 -4.32 12.86 8.74
N GLN D 18 -3.17 13.36 9.07
CA GLN D 18 -2.41 13.10 10.33
C GLN D 18 -3.21 13.60 11.57
N THR D 19 -4.53 13.97 11.39
CA THR D 19 -5.37 14.05 12.61
C THR D 19 -5.74 12.56 12.94
N VAL D 20 -6.53 11.99 12.00
CA VAL D 20 -7.03 10.60 12.00
C VAL D 20 -5.97 9.57 11.60
N SER D 21 -5.04 9.97 10.74
CA SER D 21 -3.98 9.08 10.26
C SER D 21 -3.17 8.63 11.46
N ARG D 22 -2.94 9.57 12.36
CA ARG D 22 -2.20 9.30 13.58
C ARG D 22 -3.05 8.35 14.42
N VAL D 23 -4.35 8.50 14.28
CA VAL D 23 -5.33 7.70 14.98
C VAL D 23 -5.25 6.25 14.51
N VAL D 24 -5.28 6.09 13.19
CA VAL D 24 -5.20 4.79 12.55
C VAL D 24 -3.83 4.13 12.75
N ASN D 25 -2.82 4.92 13.05
CA ASN D 25 -1.49 4.35 13.20
C ASN D 25 -1.19 3.92 14.62
N GLN D 26 -2.05 4.34 15.57
CA GLN D 26 -1.93 3.99 17.01
C GLN D 26 -2.68 5.00 17.87
N ALA D 27 -2.55 6.28 17.51
CA ALA D 27 -3.18 7.38 18.21
C ALA D 27 -2.77 7.44 19.68
N SER D 28 -1.46 7.49 19.91
CA SER D 28 -0.91 7.57 21.27
C SER D 28 -1.12 8.96 21.85
N HIS D 29 -1.23 9.95 20.97
CA HIS D 29 -1.45 11.32 21.38
C HIS D 29 -2.67 11.91 20.67
N VAL D 30 -3.86 11.63 21.21
CA VAL D 30 -5.12 12.09 20.62
C VAL D 30 -6.19 12.24 21.70
N SER D 31 -7.16 13.12 21.46
CA SER D 31 -8.26 13.33 22.38
C SER D 31 -9.39 12.34 22.12
N ALA D 32 -10.50 12.50 22.83
CA ALA D 32 -11.66 11.61 22.70
C ALA D 32 -12.42 11.84 21.39
N LYS D 33 -13.17 12.95 21.33
CA LYS D 33 -14.01 13.30 20.17
C LYS D 33 -13.33 13.07 18.82
N THR D 34 -12.06 13.42 18.72
CA THR D 34 -11.33 13.24 17.49
C THR D 34 -11.38 11.80 17.02
N ARG D 35 -11.04 10.88 17.92
CA ARG D 35 -11.02 9.46 17.60
C ARG D 35 -12.40 8.99 17.16
N GLU D 36 -13.41 9.54 17.80
CA GLU D 36 -14.80 9.19 17.51
C GLU D 36 -15.21 9.65 16.13
N LYS D 37 -14.78 10.85 15.76
CA LYS D 37 -15.13 11.42 14.47
C LYS D 37 -14.40 10.71 13.33
N VAL D 38 -13.12 10.44 13.53
CA VAL D 38 -12.34 9.74 12.51
C VAL D 38 -12.86 8.30 12.36
N GLU D 39 -13.11 7.65 13.49
CA GLU D 39 -13.64 6.29 13.49
C GLU D 39 -15.00 6.27 12.82
N ALA D 40 -15.79 7.32 13.06
CA ALA D 40 -17.09 7.43 12.41
C ALA D 40 -16.88 7.55 10.92
N ALA D 41 -16.06 8.52 10.53
CA ALA D 41 -15.77 8.76 9.13
C ALA D 41 -15.33 7.51 8.39
N MET D 42 -14.34 6.82 8.93
CA MET D 42 -13.84 5.60 8.30
C MET D 42 -14.91 4.53 8.27
N ALA D 43 -15.78 4.52 9.28
CA ALA D 43 -16.82 3.50 9.37
C ALA D 43 -17.88 3.71 8.30
N GLU D 44 -18.26 4.96 8.09
CA GLU D 44 -19.27 5.30 7.10
C GLU D 44 -18.76 5.07 5.71
N LEU D 45 -17.54 5.50 5.46
CA LEU D 45 -16.91 5.34 4.16
C LEU D 45 -16.34 3.93 4.01
N ASN D 46 -16.54 3.11 5.04
CA ASN D 46 -16.05 1.72 5.08
C ASN D 46 -14.54 1.72 5.31
N TYR D 47 -13.82 2.38 4.40
CA TYR D 47 -12.38 2.54 4.46
C TYR D 47 -11.60 1.24 4.71
N ILE D 48 -11.04 0.69 3.64
CA ILE D 48 -10.25 -0.51 3.73
C ILE D 48 -8.80 -0.12 4.07
N PRO D 49 -8.27 -0.65 5.19
CA PRO D 49 -6.90 -0.34 5.67
C PRO D 49 -5.77 -0.88 4.78
N ASN D 50 -4.71 -1.34 5.43
CA ASN D 50 -3.53 -1.86 4.74
C ASN D 50 -3.71 -3.32 4.32
N ARG D 51 -4.89 -3.64 3.82
CA ARG D 51 -5.21 -4.99 3.39
C ARG D 51 -5.44 -4.99 1.89
N CYS D 52 -4.35 -4.99 1.15
CA CYS D 52 -4.40 -4.99 -0.29
C CYS D 52 -3.78 -6.25 -0.82
N ALA D 53 -4.65 -7.12 -1.23
CA ALA D 53 -4.28 -8.41 -1.77
C ALA D 53 -3.65 -8.24 -3.16
N GLN D 54 -2.32 -8.24 -3.20
CA GLN D 54 -1.59 -8.11 -4.46
C GLN D 54 -1.75 -9.35 -5.31
N GLN D 55 -1.39 -10.50 -4.73
CA GLN D 55 -1.49 -11.77 -5.45
C GLN D 55 -2.18 -12.81 -4.59
N LEU D 56 -2.34 -12.51 -3.31
CA LEU D 56 -2.95 -13.45 -2.38
C LEU D 56 -4.45 -13.59 -2.67
N ALA D 57 -5.07 -12.50 -3.13
CA ALA D 57 -6.50 -12.45 -3.44
C ALA D 57 -7.37 -12.55 -2.18
N GLY D 58 -7.20 -13.64 -1.44
CA GLY D 58 -7.96 -13.85 -0.24
C GLY D 58 -8.13 -15.32 0.08
N LYS D 59 -7.23 -16.14 -0.45
CA LYS D 59 -7.28 -17.58 -0.23
C LYS D 59 -5.87 -18.15 -0.13
N GLN D 60 -5.77 -19.36 0.40
CA GLN D 60 -4.48 -20.03 0.55
C GLN D 60 -4.26 -21.00 -0.61
N SER D 61 -4.54 -20.52 -1.81
CA SER D 61 -4.39 -21.31 -3.02
C SER D 61 -4.22 -20.38 -4.23
N LEU D 62 -3.66 -20.90 -5.31
CA LEU D 62 -3.42 -20.10 -6.49
C LEU D 62 -4.30 -20.60 -7.64
#